data_4GZT
#
_entry.id   4GZT
#
_cell.length_a   81.244
_cell.length_b   110.194
_cell.length_c   109.847
_cell.angle_alpha   90.00
_cell.angle_beta   98.27
_cell.angle_gamma   90.00
#
_symmetry.space_group_name_H-M   'P 1 21 1'
#
loop_
_entity.id
_entity.type
_entity.pdbx_description
1 polymer neuraminidase
2 branched beta-D-mannopyranose-(1-3)-[beta-D-mannopyranose-(1-6)]beta-D-mannopyranose-(1-4)-2-acetamido-2-deoxy-beta-D-glucopyranose-(1-4)-2-acetamido-2-deoxy-beta-D-glucopyranose
3 branched 2-acetamido-2-deoxy-beta-D-glucopyranose-(1-4)-2-acetamido-2-deoxy-beta-D-glucopyranose
4 branched alpha-L-fucopyranose-(1-6)-2-acetamido-2-deoxy-beta-D-glucopyranose
5 branched alpha-L-fucopyranose-(1-3)-[2-acetamido-2-deoxy-beta-D-glucopyranose-(1-4)][alpha-L-fucopyranose-(1-6)]2-acetamido-2-deoxy-beta-D-glucopyranose
6 non-polymer '(3R,4R,5S)-4-(acetylamino)-5-amino-3-(pentan-3-yloxy)cyclohex-1-ene-1-carboxylic acid'
7 non-polymer 2-acetamido-2-deoxy-beta-D-glucopyranose
8 non-polymer 'CALCIUM ION'
9 water water
#
_entity_poly.entity_id   1
_entity_poly.type   'polypeptide(L)'
_entity_poly.pdbx_seq_one_letter_code
;GSPSRAEYRNWSKPQCDITGFAPFSKDNSIRLSAGGDIWVTREPYVSCDPDKCYQFALGQGTTLNNVHSNNTVRGRTPYR
TLLMNELGVPFHLGTKQVCIAWSSSSCHDGKAWLHVCITGDDKNATASFIYNGRLVDSVVSWSKEILRTQESECVCINGT
CTVVMTDGSASGKADTKILFIEEGKIVHTSTLSGSAQHVEECSCYPRYPGVRCVCRDNWKGSNRPIVDINIKDHSIVSSY
VCSGLVGDTPRKNDSSSSSHCLDPNNEEGGHGVKGWAFDDGNDVWMGRTINETSRLGYETFKVIEGWSNPKSKLQINRQV
IVDRGNRSGYSGIFSVEGKSCINRCFYVELIRGRKEETEVLWTSNSIVVFCGTSGTYGTGSWPDGADLNLMPI
;
_entity_poly.pdbx_strand_id   A,B,C,D
#
# COMPACT_ATOMS: atom_id res chain seq x y z
N ALA A 6 -12.28 -5.44 -22.33
CA ALA A 6 -12.14 -6.76 -21.65
C ALA A 6 -13.13 -7.76 -22.28
N GLU A 7 -12.67 -9.00 -22.38
CA GLU A 7 -13.42 -10.13 -22.91
C GLU A 7 -13.45 -11.18 -21.80
N TYR A 8 -14.38 -12.13 -21.86
CA TYR A 8 -14.42 -13.29 -20.96
C TYR A 8 -13.28 -14.28 -21.18
N ARG A 9 -12.91 -15.07 -20.17
CA ARG A 9 -11.96 -16.15 -20.40
C ARG A 9 -12.64 -17.43 -20.89
N ASN A 10 -12.22 -17.92 -22.06
CA ASN A 10 -12.71 -19.21 -22.52
C ASN A 10 -11.79 -20.34 -22.22
N TRP A 11 -10.51 -20.01 -21.97
CA TRP A 11 -9.52 -21.06 -21.73
C TRP A 11 -9.43 -22.00 -22.93
N SER A 12 -9.63 -21.49 -24.14
CA SER A 12 -9.72 -22.39 -25.31
C SER A 12 -8.35 -22.58 -25.93
N LYS A 13 -7.47 -23.20 -25.16
CA LYS A 13 -6.12 -23.38 -25.58
C LYS A 13 -5.71 -24.74 -25.08
N PRO A 14 -4.76 -25.43 -25.76
CA PRO A 14 -4.34 -26.73 -25.28
C PRO A 14 -3.61 -26.60 -23.94
N GLN A 15 -3.59 -27.67 -23.18
CA GLN A 15 -2.81 -27.72 -21.97
C GLN A 15 -1.31 -27.74 -22.33
N CYS A 16 -0.53 -26.82 -21.78
CA CYS A 16 0.96 -26.87 -21.91
C CYS A 16 1.59 -28.27 -21.71
N ASP A 17 2.62 -28.60 -22.49
CA ASP A 17 3.45 -29.74 -22.14
C ASP A 17 4.01 -29.54 -20.75
N ILE A 18 4.10 -30.62 -20.01
CA ILE A 18 4.58 -30.52 -18.67
C ILE A 18 5.59 -31.62 -18.42
N THR A 19 6.79 -31.27 -17.99
CA THR A 19 7.79 -32.30 -17.61
C THR A 19 7.94 -32.33 -16.09
N GLY A 20 7.15 -31.48 -15.43
CA GLY A 20 7.29 -31.30 -14.01
C GLY A 20 7.01 -29.84 -13.68
N PHE A 21 7.54 -29.43 -12.56
CA PHE A 21 7.15 -28.17 -11.94
C PHE A 21 8.33 -27.37 -11.52
N ALA A 22 8.27 -26.07 -11.75
CA ALA A 22 9.35 -25.14 -11.36
C ALA A 22 8.86 -24.26 -10.20
N PRO A 23 9.80 -23.92 -9.28
CA PRO A 23 9.51 -23.01 -8.17
C PRO A 23 8.93 -21.68 -8.63
N PHE A 24 7.86 -21.22 -7.96
CA PHE A 24 7.20 -20.03 -8.38
C PHE A 24 7.04 -19.02 -7.23
N SER A 25 6.65 -19.46 -6.02
CA SER A 25 6.43 -18.48 -4.90
C SER A 25 6.42 -19.05 -3.51
N LYS A 26 6.73 -18.23 -2.53
CA LYS A 26 6.82 -18.70 -1.18
C LYS A 26 6.75 -17.49 -0.26
N ASP A 27 5.89 -17.50 0.76
CA ASP A 27 5.74 -16.31 1.50
C ASP A 27 6.31 -16.25 2.91
N ASN A 28 6.95 -17.33 3.39
CA ASN A 28 7.64 -17.34 4.72
C ASN A 28 6.87 -16.67 5.84
N SER A 29 5.56 -16.86 5.77
CA SER A 29 4.59 -16.15 6.61
C SER A 29 4.80 -16.37 8.13
N ILE A 30 5.04 -17.60 8.57
CA ILE A 30 5.19 -17.88 9.99
C ILE A 30 6.53 -17.36 10.45
N ARG A 31 7.56 -17.50 9.61
CA ARG A 31 8.86 -16.89 9.90
C ARG A 31 8.76 -15.38 10.07
N LEU A 32 8.05 -14.74 9.12
CA LEU A 32 7.84 -13.32 9.21
C LEU A 32 7.01 -12.93 10.41
N SER A 33 6.04 -13.76 10.80
CA SER A 33 5.16 -13.37 11.92
C SER A 33 5.86 -13.35 13.29
N ALA A 34 7.11 -13.79 13.33
CA ALA A 34 7.88 -13.82 14.58
C ALA A 34 8.51 -12.47 14.93
N GLY A 35 8.47 -11.56 13.99
CA GLY A 35 8.89 -10.19 14.26
C GLY A 35 8.21 -9.37 13.19
N GLY A 36 6.88 -9.30 13.26
CA GLY A 36 5.99 -8.54 12.36
C GLY A 36 4.54 -8.91 12.62
N ASP A 37 3.59 -8.05 12.26
CA ASP A 37 2.15 -8.40 12.41
C ASP A 37 1.57 -9.08 11.15
N ILE A 38 1.42 -10.40 11.21
CA ILE A 38 0.97 -11.23 10.10
C ILE A 38 -0.28 -11.95 10.56
N TRP A 39 -1.27 -12.03 9.66
CA TRP A 39 -2.48 -12.83 9.89
C TRP A 39 -2.31 -14.32 10.17
N VAL A 40 -3.11 -14.84 11.10
CA VAL A 40 -3.29 -16.28 11.30
C VAL A 40 -4.27 -16.72 10.21
N THR A 41 -3.89 -17.71 9.40
CA THR A 41 -4.75 -18.17 8.29
C THR A 41 -4.77 -19.68 8.26
N ARG A 42 -5.66 -20.24 7.45
CA ARG A 42 -5.58 -21.63 6.99
C ARG A 42 -6.37 -21.72 5.69
N GLU A 43 -6.31 -22.86 5.02
CA GLU A 43 -7.02 -23.09 3.73
C GLU A 43 -6.69 -22.03 2.70
N PRO A 44 -5.42 -21.88 2.36
CA PRO A 44 -5.03 -20.95 1.31
C PRO A 44 -5.25 -21.48 -0.06
N TYR A 45 -5.17 -20.59 -1.02
CA TYR A 45 -5.21 -20.95 -2.44
C TYR A 45 -4.79 -19.80 -3.30
N VAL A 46 -4.50 -20.12 -4.54
CA VAL A 46 -3.97 -19.17 -5.47
C VAL A 46 -4.97 -19.11 -6.60
N SER A 47 -5.28 -17.92 -7.09
CA SER A 47 -5.99 -17.75 -8.35
C SER A 47 -5.47 -16.47 -8.98
N CYS A 48 -5.57 -16.37 -10.30
CA CYS A 48 -4.98 -15.28 -11.03
C CYS A 48 -6.02 -14.58 -11.90
N ASP A 49 -5.88 -13.27 -12.07
CA ASP A 49 -6.60 -12.54 -13.15
C ASP A 49 -5.81 -12.67 -14.44
N PRO A 50 -6.33 -12.16 -15.58
CA PRO A 50 -5.52 -12.28 -16.79
C PRO A 50 -4.09 -11.71 -16.69
N ASP A 51 -3.81 -10.73 -15.83
CA ASP A 51 -2.46 -10.18 -15.64
C ASP A 51 -1.58 -10.76 -14.57
N LYS A 52 -2.14 -11.09 -13.41
CA LYS A 52 -1.32 -11.48 -12.29
C LYS A 52 -2.06 -12.38 -11.28
N CYS A 53 -1.28 -12.99 -10.38
CA CYS A 53 -1.80 -13.95 -9.47
C CYS A 53 -2.05 -13.35 -8.08
N TYR A 54 -3.01 -13.94 -7.36
CA TYR A 54 -3.29 -13.54 -6.00
C TYR A 54 -3.26 -14.71 -5.07
N GLN A 55 -2.84 -14.50 -3.82
CA GLN A 55 -2.94 -15.53 -2.83
C GLN A 55 -4.16 -15.18 -1.95
N PHE A 56 -4.94 -16.21 -1.65
CA PHE A 56 -6.15 -16.08 -0.92
C PHE A 56 -5.96 -16.96 0.28
N ALA A 57 -6.60 -16.63 1.37
CA ALA A 57 -6.65 -17.55 2.49
C ALA A 57 -7.80 -17.12 3.38
N LEU A 58 -8.21 -18.01 4.28
CA LEU A 58 -9.23 -17.68 5.26
C LEU A 58 -8.52 -17.27 6.51
N GLY A 59 -8.69 -16.00 6.90
CA GLY A 59 -8.01 -15.53 8.08
C GLY A 59 -8.78 -15.98 9.30
N GLN A 60 -8.12 -15.91 10.45
CA GLN A 60 -8.80 -16.21 11.70
C GLN A 60 -9.16 -14.91 12.48
N GLY A 61 -9.41 -13.83 11.76
CA GLY A 61 -9.75 -12.57 12.43
C GLY A 61 -8.74 -12.06 13.45
N THR A 62 -7.50 -12.57 13.41
CA THR A 62 -6.43 -12.15 14.36
C THR A 62 -5.10 -12.24 13.63
N THR A 63 -4.09 -11.52 14.12
CA THR A 63 -2.70 -11.73 13.80
C THR A 63 -2.06 -12.78 14.76
N LEU A 64 -0.84 -13.19 14.48
CA LEU A 64 -0.23 -14.32 15.14
C LEU A 64 0.22 -13.92 16.53
N ASN A 65 0.97 -12.84 16.59
CA ASN A 65 1.39 -12.29 17.83
C ASN A 65 0.33 -11.38 18.43
N ASN A 66 -0.55 -12.00 19.22
CA ASN A 66 -1.85 -11.45 19.52
C ASN A 66 -2.51 -12.43 20.47
N VAL A 67 -3.20 -11.99 21.50
CA VAL A 67 -3.78 -12.99 22.41
C VAL A 67 -4.90 -13.78 21.71
N HIS A 68 -5.42 -13.23 20.63
CA HIS A 68 -6.52 -13.92 19.96
C HIS A 68 -6.10 -15.06 19.08
N SER A 69 -4.80 -15.28 18.86
CA SER A 69 -4.33 -16.49 18.15
C SER A 69 -4.50 -17.85 18.86
N ASN A 70 -4.69 -17.82 20.19
CA ASN A 70 -5.03 -19.01 20.93
C ASN A 70 -6.25 -19.71 20.26
N ASN A 71 -6.19 -21.02 20.07
CA ASN A 71 -7.39 -21.80 19.64
C ASN A 71 -7.82 -21.58 18.21
N THR A 72 -6.86 -21.15 17.40
CA THR A 72 -7.08 -20.97 16.00
C THR A 72 -7.09 -22.30 15.26
N VAL A 73 -6.96 -23.38 16.05
CA VAL A 73 -7.12 -24.74 15.55
C VAL A 73 -8.54 -24.91 15.03
N ARG A 74 -9.47 -24.11 15.52
CA ARG A 74 -10.90 -24.22 15.18
C ARG A 74 -11.12 -23.56 13.85
N GLY A 75 -11.90 -24.18 13.01
CA GLY A 75 -11.93 -23.83 11.61
C GLY A 75 -13.09 -22.99 11.16
N ARG A 76 -14.18 -22.96 11.94
CA ARG A 76 -15.33 -22.10 11.66
C ARG A 76 -15.64 -21.19 12.85
N THR A 77 -15.35 -19.90 12.71
CA THR A 77 -15.83 -18.89 13.63
C THR A 77 -16.45 -17.74 12.79
N PRO A 78 -17.15 -16.79 13.44
CA PRO A 78 -17.65 -15.58 12.81
C PRO A 78 -16.55 -14.56 12.50
N TYR A 79 -15.34 -14.79 12.97
CA TYR A 79 -14.25 -13.86 12.74
C TYR A 79 -13.41 -14.17 11.44
N ARG A 80 -13.72 -15.25 10.76
CA ARG A 80 -12.96 -15.68 9.64
C ARG A 80 -13.44 -14.93 8.40
N THR A 81 -12.46 -14.40 7.64
CA THR A 81 -12.75 -13.64 6.40
C THR A 81 -11.79 -14.17 5.32
N LEU A 82 -12.18 -14.05 4.07
CA LEU A 82 -11.32 -14.37 2.93
C LEU A 82 -10.33 -13.23 2.71
N LEU A 83 -9.02 -13.50 2.92
CA LEU A 83 -7.94 -12.56 2.69
C LEU A 83 -7.46 -12.67 1.24
N MET A 84 -7.10 -11.54 0.62
CA MET A 84 -6.70 -11.50 -0.81
C MET A 84 -5.52 -10.55 -0.98
N ASN A 85 -4.35 -11.02 -1.38
CA ASN A 85 -3.21 -10.15 -1.69
C ASN A 85 -2.69 -10.61 -3.06
N GLU A 86 -1.84 -9.79 -3.68
CA GLU A 86 -1.02 -10.28 -4.81
C GLU A 86 -0.08 -11.34 -4.24
N LEU A 87 0.20 -12.34 -5.10
CA LEU A 87 0.90 -13.54 -4.67
C LEU A 87 2.27 -13.11 -4.18
N GLY A 88 2.66 -13.53 -2.98
CA GLY A 88 4.00 -13.25 -2.49
C GLY A 88 4.03 -11.98 -1.72
N VAL A 89 2.91 -11.25 -1.67
CA VAL A 89 2.72 -10.21 -0.64
C VAL A 89 2.13 -10.95 0.55
N PRO A 90 2.88 -11.02 1.68
CA PRO A 90 2.39 -11.78 2.81
C PRO A 90 1.18 -11.06 3.43
N PHE A 91 0.44 -11.78 4.25
CA PHE A 91 -0.82 -11.26 4.77
C PHE A 91 -0.51 -10.31 5.95
N HIS A 92 -0.12 -9.08 5.59
CA HIS A 92 0.20 -8.02 6.54
C HIS A 92 -1.09 -7.33 6.90
N LEU A 93 -1.00 -6.22 7.64
CA LEU A 93 -2.20 -5.57 8.16
C LEU A 93 -2.97 -4.80 7.15
N GLY A 94 -2.35 -4.50 6.04
CA GLY A 94 -3.09 -3.79 5.03
C GLY A 94 -3.83 -4.68 4.06
N THR A 95 -3.95 -5.97 4.35
CA THR A 95 -4.56 -6.91 3.43
C THR A 95 -6.11 -6.75 3.34
N LYS A 96 -6.71 -6.89 2.16
CA LYS A 96 -8.15 -6.74 2.01
C LYS A 96 -8.83 -8.06 2.41
N GLN A 97 -9.72 -7.98 3.41
CA GLN A 97 -10.65 -9.02 3.72
C GLN A 97 -11.80 -8.83 2.75
N VAL A 98 -11.98 -9.73 1.79
CA VAL A 98 -12.96 -9.43 0.69
C VAL A 98 -14.41 -9.91 0.90
N CYS A 99 -14.59 -10.75 1.90
CA CYS A 99 -15.87 -11.18 2.34
C CYS A 99 -15.69 -11.94 3.63
N ILE A 100 -16.80 -12.19 4.32
CA ILE A 100 -16.87 -13.02 5.54
C ILE A 100 -16.99 -14.51 5.16
N ALA A 101 -16.09 -15.36 5.69
CA ALA A 101 -16.01 -16.72 5.20
C ALA A 101 -15.21 -17.65 6.08
N TRP A 102 -15.77 -18.81 6.45
CA TRP A 102 -15.00 -19.97 6.90
C TRP A 102 -14.92 -21.06 5.81
N SER A 103 -15.39 -20.76 4.61
CA SER A 103 -15.22 -21.60 3.44
C SER A 103 -15.39 -20.75 2.17
N SER A 104 -14.46 -20.80 1.23
CA SER A 104 -14.63 -19.97 0.04
C SER A 104 -14.08 -20.57 -1.21
N SER A 105 -14.36 -19.88 -2.32
CA SER A 105 -13.75 -20.17 -3.59
C SER A 105 -13.78 -18.86 -4.43
N SER A 106 -12.74 -18.57 -5.21
CA SER A 106 -12.73 -17.31 -5.96
C SER A 106 -12.22 -17.60 -7.38
N CYS A 107 -12.67 -16.83 -8.34
CA CYS A 107 -12.15 -16.97 -9.70
C CYS A 107 -12.36 -15.68 -10.44
N HIS A 108 -11.60 -15.46 -11.50
CA HIS A 108 -11.79 -14.29 -12.33
C HIS A 108 -12.32 -14.74 -13.70
N ASP A 109 -13.36 -14.09 -14.23
CA ASP A 109 -13.94 -14.58 -15.48
C ASP A 109 -13.36 -13.85 -16.69
N GLY A 110 -12.37 -13.02 -16.43
CA GLY A 110 -11.75 -12.19 -17.45
C GLY A 110 -12.22 -10.77 -17.39
N LYS A 111 -13.39 -10.55 -16.83
CA LYS A 111 -13.90 -9.20 -16.67
C LYS A 111 -13.80 -8.86 -15.17
N ALA A 112 -14.15 -9.78 -14.28
CA ALA A 112 -14.10 -9.39 -12.87
C ALA A 112 -13.95 -10.60 -11.95
N TRP A 113 -13.77 -10.34 -10.67
CA TRP A 113 -13.70 -11.40 -9.60
C TRP A 113 -15.01 -11.90 -9.04
N LEU A 114 -15.16 -13.24 -8.94
CA LEU A 114 -16.21 -13.83 -8.18
C LEU A 114 -15.65 -14.35 -6.83
N HIS A 115 -16.32 -14.04 -5.74
CA HIS A 115 -16.00 -14.75 -4.47
C HIS A 115 -17.26 -15.46 -4.07
N VAL A 116 -17.09 -16.71 -3.63
CA VAL A 116 -18.15 -17.50 -3.03
C VAL A 116 -17.75 -17.69 -1.57
N CYS A 117 -18.51 -17.13 -0.64
CA CYS A 117 -18.08 -17.09 0.78
C CYS A 117 -19.16 -17.62 1.70
N ILE A 118 -18.79 -18.55 2.55
CA ILE A 118 -19.79 -19.21 3.34
C ILE A 118 -19.46 -18.86 4.75
N THR A 119 -20.44 -18.31 5.46
CA THR A 119 -20.27 -18.09 6.90
C THR A 119 -21.63 -18.40 7.58
N GLY A 120 -21.67 -18.30 8.90
CA GLY A 120 -22.93 -18.49 9.63
C GLY A 120 -22.91 -19.75 10.46
N ASP A 121 -24.08 -20.11 10.98
CA ASP A 121 -24.21 -21.37 11.80
C ASP A 121 -23.96 -22.61 10.98
N ASP A 122 -23.32 -23.61 11.60
CA ASP A 122 -23.06 -24.91 10.98
C ASP A 122 -24.29 -25.49 10.31
N LYS A 123 -25.41 -25.38 11.00
CA LYS A 123 -26.66 -25.98 10.54
C LYS A 123 -27.45 -25.05 9.62
N ASN A 124 -26.94 -23.83 9.34
CA ASN A 124 -27.77 -22.85 8.62
C ASN A 124 -26.94 -21.75 7.96
N ALA A 125 -25.92 -22.18 7.26
CA ALA A 125 -24.87 -21.31 6.71
C ALA A 125 -25.42 -20.62 5.47
N THR A 126 -24.81 -19.47 5.13
CA THR A 126 -25.18 -18.67 3.97
C THR A 126 -23.97 -18.60 3.03
N ALA A 127 -24.22 -18.77 1.74
CA ALA A 127 -23.18 -18.59 0.76
C ALA A 127 -23.47 -17.25 0.15
N SER A 128 -22.47 -16.35 0.17
CA SER A 128 -22.60 -15.09 -0.57
C SER A 128 -21.88 -15.11 -1.93
N PHE A 129 -22.49 -14.52 -2.96
CA PHE A 129 -21.89 -14.47 -4.30
C PHE A 129 -21.57 -13.05 -4.65
N ILE A 130 -20.26 -12.76 -4.68
CA ILE A 130 -19.76 -11.38 -4.83
C ILE A 130 -19.05 -11.17 -6.17
N TYR A 131 -19.62 -10.32 -7.00
CA TYR A 131 -19.07 -10.19 -8.34
C TYR A 131 -18.81 -8.73 -8.53
N ASN A 132 -17.59 -8.42 -8.95
CA ASN A 132 -17.19 -7.05 -9.18
C ASN A 132 -17.44 -6.22 -7.96
N GLY A 133 -16.99 -6.68 -6.80
CA GLY A 133 -17.14 -5.99 -5.53
C GLY A 133 -18.57 -5.57 -5.16
N ARG A 134 -19.59 -6.24 -5.73
CA ARG A 134 -20.94 -6.23 -5.19
C ARG A 134 -21.52 -7.61 -4.95
N LEU A 135 -22.32 -7.71 -3.88
CA LEU A 135 -23.06 -8.93 -3.54
C LEU A 135 -24.19 -9.09 -4.54
N VAL A 136 -24.26 -10.25 -5.23
CA VAL A 136 -25.23 -10.40 -6.36
C VAL A 136 -26.22 -11.51 -6.05
N ASP A 137 -25.89 -12.35 -5.06
CA ASP A 137 -26.72 -13.48 -4.72
C ASP A 137 -26.24 -14.12 -3.42
N SER A 138 -27.08 -15.02 -2.88
CA SER A 138 -26.74 -15.86 -1.77
C SER A 138 -27.65 -17.06 -1.84
N VAL A 139 -27.22 -18.15 -1.19
CA VAL A 139 -28.08 -19.32 -1.06
C VAL A 139 -27.87 -19.89 0.34
N VAL A 140 -28.96 -20.42 0.92
CA VAL A 140 -28.90 -21.08 2.25
C VAL A 140 -28.44 -22.49 2.01
N SER A 141 -27.81 -23.00 3.03
CA SER A 141 -27.57 -24.40 3.20
C SER A 141 -28.79 -25.20 2.78
N TRP A 142 -28.57 -26.31 2.08
CA TRP A 142 -29.70 -27.17 1.70
C TRP A 142 -29.94 -28.36 2.60
N SER A 143 -28.89 -28.88 3.19
CA SER A 143 -28.99 -30.08 4.03
C SER A 143 -28.63 -29.81 5.45
N LYS A 144 -28.43 -28.52 5.74
CA LYS A 144 -28.38 -27.99 7.12
C LYS A 144 -27.26 -28.64 7.91
N GLU A 145 -26.13 -28.85 7.23
CA GLU A 145 -25.01 -29.49 7.85
C GLU A 145 -23.67 -29.09 7.20
N ILE A 146 -23.18 -27.92 7.59
CA ILE A 146 -21.92 -27.35 7.11
C ILE A 146 -21.86 -27.21 5.57
N LEU A 147 -22.63 -26.28 5.03
CA LEU A 147 -22.43 -25.85 3.66
C LEU A 147 -20.94 -25.44 3.48
N ARG A 148 -20.31 -25.99 2.46
CA ARG A 148 -18.89 -25.84 2.30
C ARG A 148 -18.57 -25.91 0.82
N THR A 149 -17.46 -25.28 0.40
CA THR A 149 -17.06 -25.32 -1.01
C THR A 149 -15.55 -25.63 -1.16
N GLN A 150 -14.97 -25.22 -2.30
CA GLN A 150 -13.63 -25.73 -2.68
C GLN A 150 -12.37 -25.45 -1.77
N GLU A 151 -12.27 -24.24 -1.22
CA GLU A 151 -11.00 -23.73 -0.72
C GLU A 151 -9.93 -23.68 -1.79
N SER A 152 -10.37 -23.44 -3.03
CA SER A 152 -9.43 -23.21 -4.11
C SER A 152 -10.18 -22.60 -5.32
N GLU A 153 -9.47 -22.27 -6.39
CA GLU A 153 -10.14 -21.38 -7.36
C GLU A 153 -11.32 -22.05 -8.02
N CYS A 154 -12.36 -21.29 -8.30
CA CYS A 154 -13.45 -21.79 -9.18
C CYS A 154 -13.04 -21.64 -10.64
N VAL A 155 -13.87 -22.03 -11.63
CA VAL A 155 -13.45 -21.95 -13.03
C VAL A 155 -14.53 -21.33 -13.92
N CYS A 156 -14.16 -20.34 -14.69
CA CYS A 156 -15.13 -19.64 -15.52
C CYS A 156 -14.77 -19.83 -16.95
N ILE A 157 -15.79 -20.00 -17.78
CA ILE A 157 -15.66 -20.17 -19.21
C ILE A 157 -16.77 -19.37 -19.83
N ASN A 158 -16.44 -18.46 -20.74
CA ASN A 158 -17.45 -17.69 -21.42
C ASN A 158 -18.38 -16.92 -20.49
N GLY A 159 -17.89 -16.51 -19.34
CA GLY A 159 -18.73 -15.74 -18.40
C GLY A 159 -19.61 -16.60 -17.51
N THR A 160 -19.51 -17.90 -17.62
CA THR A 160 -20.27 -18.78 -16.71
C THR A 160 -19.28 -19.45 -15.80
N CYS A 161 -19.35 -19.16 -14.51
CA CYS A 161 -18.42 -19.75 -13.56
C CYS A 161 -19.04 -20.93 -12.94
N THR A 162 -18.30 -22.02 -12.89
CA THR A 162 -18.89 -23.11 -12.20
C THR A 162 -18.20 -23.21 -10.84
N VAL A 163 -18.90 -23.69 -9.83
CA VAL A 163 -18.27 -23.99 -8.51
C VAL A 163 -18.99 -25.18 -7.81
N VAL A 164 -18.25 -25.91 -6.96
CA VAL A 164 -18.79 -27.15 -6.37
C VAL A 164 -18.90 -27.02 -4.85
N MET A 165 -20.09 -27.34 -4.32
CA MET A 165 -20.45 -27.09 -2.92
C MET A 165 -21.03 -28.33 -2.25
N THR A 166 -20.69 -28.55 -1.01
CA THR A 166 -21.25 -29.73 -0.32
C THR A 166 -21.91 -29.26 0.93
N ASP A 167 -22.94 -30.02 1.32
CA ASP A 167 -23.71 -29.89 2.58
C ASP A 167 -24.08 -31.32 3.02
N GLY A 168 -23.77 -31.72 4.23
CA GLY A 168 -24.07 -33.07 4.66
C GLY A 168 -22.90 -33.70 5.38
N SER A 169 -22.93 -35.01 5.55
CA SER A 169 -21.97 -35.68 6.43
C SER A 169 -20.56 -35.59 5.88
N ALA A 170 -19.59 -35.51 6.78
CA ALA A 170 -18.21 -35.65 6.39
C ALA A 170 -17.80 -37.12 6.47
N SER A 171 -18.77 -38.01 6.78
CA SER A 171 -18.48 -39.46 6.88
C SER A 171 -19.61 -40.32 6.39
N GLY A 172 -20.31 -39.90 5.33
CA GLY A 172 -21.47 -40.62 4.80
C GLY A 172 -22.05 -39.85 3.61
N LYS A 173 -22.97 -40.43 2.86
CA LYS A 173 -23.67 -39.70 1.79
C LYS A 173 -23.82 -38.25 2.22
N ALA A 174 -23.61 -37.33 1.28
CA ALA A 174 -23.77 -35.88 1.48
C ALA A 174 -24.44 -35.34 0.23
N ASP A 175 -24.87 -34.07 0.24
CA ASP A 175 -25.53 -33.48 -0.93
C ASP A 175 -24.59 -32.46 -1.62
N THR A 176 -23.95 -32.91 -2.68
CA THR A 176 -23.01 -32.15 -3.43
C THR A 176 -23.74 -31.53 -4.56
N LYS A 177 -23.52 -30.24 -4.81
CA LYS A 177 -24.17 -29.53 -5.93
C LYS A 177 -23.13 -28.77 -6.74
N ILE A 178 -23.50 -28.31 -7.93
CA ILE A 178 -22.57 -27.64 -8.81
C ILE A 178 -23.37 -26.47 -9.31
N LEU A 179 -22.86 -25.27 -9.04
CA LEU A 179 -23.60 -24.05 -9.31
C LEU A 179 -22.98 -23.39 -10.51
N PHE A 180 -23.83 -22.74 -11.28
CA PHE A 180 -23.45 -22.06 -12.52
C PHE A 180 -23.86 -20.59 -12.44
N ILE A 181 -22.85 -19.73 -12.48
CA ILE A 181 -22.95 -18.33 -12.06
C ILE A 181 -22.49 -17.37 -13.16
N GLU A 182 -23.39 -16.49 -13.59
CA GLU A 182 -23.10 -15.46 -14.53
C GLU A 182 -23.16 -14.10 -13.86
N GLU A 183 -21.99 -13.45 -13.72
CA GLU A 183 -21.91 -12.14 -13.08
C GLU A 183 -22.42 -12.16 -11.64
N GLY A 184 -22.17 -13.28 -10.98
CA GLY A 184 -22.47 -13.42 -9.58
C GLY A 184 -23.91 -13.93 -9.37
N LYS A 185 -24.64 -14.09 -10.47
CA LYS A 185 -26.02 -14.64 -10.41
C LYS A 185 -26.06 -16.15 -10.62
N ILE A 186 -26.65 -16.88 -9.69
CA ILE A 186 -26.82 -18.31 -9.85
C ILE A 186 -27.83 -18.58 -10.96
N VAL A 187 -27.36 -19.11 -12.07
CA VAL A 187 -28.25 -19.32 -13.20
C VAL A 187 -28.75 -20.79 -13.24
N HIS A 188 -28.03 -21.70 -12.56
CA HIS A 188 -28.38 -23.11 -12.50
C HIS A 188 -27.69 -23.81 -11.35
N THR A 189 -28.36 -24.81 -10.82
CA THR A 189 -27.78 -25.71 -9.89
C THR A 189 -28.00 -27.12 -10.41
N SER A 190 -26.92 -27.90 -10.61
CA SER A 190 -27.07 -29.35 -10.93
C SER A 190 -26.59 -30.12 -9.73
N THR A 191 -27.09 -31.34 -9.53
CA THR A 191 -26.70 -32.12 -8.37
C THR A 191 -25.66 -33.12 -8.79
N LEU A 192 -24.82 -33.53 -7.85
CA LEU A 192 -23.80 -34.46 -8.20
C LEU A 192 -24.42 -35.75 -8.77
N SER A 193 -23.96 -36.14 -9.97
CA SER A 193 -24.31 -37.39 -10.65
C SER A 193 -23.04 -38.28 -10.93
N GLY A 194 -23.21 -39.52 -11.40
CA GLY A 194 -22.05 -40.37 -11.67
C GLY A 194 -21.67 -41.19 -10.44
N SER A 195 -20.47 -41.77 -10.44
CA SER A 195 -20.21 -42.80 -9.44
C SER A 195 -19.35 -42.38 -8.28
N ALA A 196 -18.94 -41.12 -8.31
CA ALA A 196 -18.21 -40.54 -7.22
C ALA A 196 -19.11 -40.49 -5.99
N GLN A 197 -18.63 -41.03 -4.88
CA GLN A 197 -19.57 -41.28 -3.79
C GLN A 197 -19.49 -40.26 -2.68
N HIS A 198 -18.35 -39.60 -2.57
CA HIS A 198 -18.14 -38.57 -1.55
C HIS A 198 -17.15 -37.54 -1.94
N VAL A 199 -17.69 -36.36 -2.24
CA VAL A 199 -16.99 -35.29 -2.88
C VAL A 199 -16.85 -34.04 -2.01
N GLU A 200 -15.62 -33.74 -1.61
CA GLU A 200 -15.32 -32.49 -0.94
C GLU A 200 -14.17 -31.69 -1.58
N GLU A 201 -14.11 -30.38 -1.26
CA GLU A 201 -12.90 -29.58 -1.48
C GLU A 201 -12.27 -29.76 -2.85
N CYS A 202 -13.06 -29.56 -3.90
CA CYS A 202 -12.56 -29.83 -5.25
C CYS A 202 -11.51 -28.85 -5.75
N SER A 203 -10.47 -29.39 -6.38
CA SER A 203 -9.56 -28.59 -7.19
C SER A 203 -9.97 -28.69 -8.63
N CYS A 204 -10.54 -27.62 -9.14
CA CYS A 204 -11.01 -27.60 -10.51
C CYS A 204 -10.07 -26.89 -11.43
N TYR A 205 -10.11 -27.29 -12.68
CA TYR A 205 -9.34 -26.62 -13.69
C TYR A 205 -10.05 -26.63 -14.96
N PRO A 206 -9.88 -25.58 -15.76
CA PRO A 206 -10.50 -25.55 -17.05
C PRO A 206 -9.91 -26.67 -17.94
N ARG A 207 -10.76 -27.25 -18.80
CA ARG A 207 -10.37 -28.28 -19.78
C ARG A 207 -11.39 -28.18 -20.87
N TYR A 208 -11.16 -27.18 -21.69
CA TYR A 208 -12.12 -26.79 -22.66
C TYR A 208 -12.62 -28.04 -23.31
N PRO A 209 -13.95 -28.12 -23.58
CA PRO A 209 -14.97 -27.09 -23.39
C PRO A 209 -15.61 -27.04 -21.98
N GLY A 210 -15.19 -27.91 -21.06
CA GLY A 210 -15.79 -27.92 -19.74
C GLY A 210 -14.77 -27.68 -18.66
N VAL A 211 -15.08 -28.15 -17.45
CA VAL A 211 -14.20 -28.05 -16.28
C VAL A 211 -14.04 -29.45 -15.77
N ARG A 212 -12.92 -29.73 -15.10
CA ARG A 212 -12.69 -30.98 -14.44
C ARG A 212 -12.13 -30.75 -12.99
N CYS A 213 -12.46 -31.62 -12.04
CA CYS A 213 -12.19 -31.35 -10.64
C CYS A 213 -11.66 -32.59 -10.02
N VAL A 214 -10.69 -32.47 -9.14
CA VAL A 214 -10.19 -33.64 -8.46
C VAL A 214 -10.36 -33.38 -7.00
N CYS A 215 -11.13 -34.25 -6.36
CA CYS A 215 -11.63 -33.82 -5.08
C CYS A 215 -11.06 -34.66 -4.00
N ARG A 216 -11.67 -34.54 -2.81
CA ARG A 216 -11.38 -35.33 -1.60
C ARG A 216 -12.59 -36.28 -1.33
N ASP A 217 -12.31 -37.57 -1.13
CA ASP A 217 -13.32 -38.53 -0.67
C ASP A 217 -13.14 -38.63 0.83
N ASN A 218 -14.01 -38.04 1.61
CA ASN A 218 -13.72 -38.06 3.08
C ASN A 218 -14.28 -39.32 3.77
N TRP A 219 -14.93 -40.15 2.96
CA TRP A 219 -15.72 -41.26 3.49
C TRP A 219 -15.14 -42.64 3.35
N LYS A 220 -15.22 -43.24 2.16
CA LYS A 220 -14.68 -44.58 1.94
C LYS A 220 -13.51 -44.62 0.93
N GLY A 221 -12.96 -43.48 0.52
CA GLY A 221 -11.86 -43.49 -0.46
C GLY A 221 -10.51 -42.91 -0.04
N SER A 222 -9.43 -43.64 -0.36
CA SER A 222 -8.10 -43.03 -0.38
C SER A 222 -7.69 -42.67 -1.83
N ASN A 223 -8.38 -43.22 -2.83
CA ASN A 223 -8.39 -42.60 -4.19
C ASN A 223 -9.19 -41.29 -4.16
N ARG A 224 -8.82 -40.33 -4.99
CA ARG A 224 -9.53 -39.07 -5.11
C ARG A 224 -10.62 -39.16 -6.17
N PRO A 225 -11.79 -38.58 -5.89
CA PRO A 225 -12.83 -38.49 -6.98
C PRO A 225 -12.46 -37.51 -8.09
N ILE A 226 -13.18 -37.58 -9.22
CA ILE A 226 -13.09 -36.71 -10.36
C ILE A 226 -14.52 -36.30 -10.74
N VAL A 227 -14.76 -35.01 -10.93
CA VAL A 227 -16.06 -34.56 -11.34
C VAL A 227 -15.86 -33.82 -12.68
N ASP A 228 -16.63 -34.15 -13.71
CA ASP A 228 -16.62 -33.37 -14.94
C ASP A 228 -17.88 -32.58 -15.08
N ILE A 229 -17.71 -31.34 -15.54
CA ILE A 229 -18.79 -30.42 -15.57
C ILE A 229 -18.90 -29.91 -16.99
N ASN A 230 -20.06 -30.14 -17.60
CA ASN A 230 -20.35 -29.59 -18.91
C ASN A 230 -21.02 -28.26 -18.64
N ILE A 231 -20.34 -27.21 -19.05
CA ILE A 231 -20.74 -25.87 -18.79
C ILE A 231 -21.91 -25.48 -19.69
N LYS A 232 -22.15 -26.23 -20.76
CA LYS A 232 -23.17 -25.78 -21.71
C LYS A 232 -24.56 -26.36 -21.42
N ASP A 233 -24.61 -27.66 -21.10
CA ASP A 233 -25.88 -28.32 -20.77
C ASP A 233 -25.99 -28.69 -19.28
N HIS A 234 -24.96 -28.31 -18.54
CA HIS A 234 -25.03 -28.32 -17.09
C HIS A 234 -25.01 -29.71 -16.56
N SER A 235 -24.72 -30.68 -17.42
CA SER A 235 -24.61 -32.07 -17.01
C SER A 235 -23.31 -32.32 -16.30
N ILE A 236 -23.32 -33.32 -15.41
CA ILE A 236 -22.21 -33.71 -14.60
C ILE A 236 -21.94 -35.19 -14.87
N VAL A 237 -20.71 -35.68 -14.64
CA VAL A 237 -20.40 -37.11 -14.56
C VAL A 237 -19.36 -37.23 -13.46
N SER A 238 -19.07 -38.42 -12.97
CA SER A 238 -18.07 -38.50 -11.96
C SER A 238 -17.59 -39.90 -11.69
N SER A 239 -16.39 -40.00 -11.15
CA SER A 239 -15.75 -41.26 -10.89
C SER A 239 -14.53 -41.02 -9.99
N TYR A 240 -13.53 -41.90 -10.04
CA TYR A 240 -12.29 -41.73 -9.33
C TYR A 240 -11.02 -41.72 -10.23
N VAL A 241 -9.97 -41.03 -9.78
CA VAL A 241 -8.57 -41.20 -10.29
C VAL A 241 -8.13 -42.66 -10.29
N CYS A 242 -7.95 -43.21 -11.49
CA CYS A 242 -7.59 -44.64 -11.65
C CYS A 242 -6.25 -45.02 -10.97
N SER A 243 -5.20 -44.23 -11.21
CA SER A 243 -3.90 -44.53 -10.68
C SER A 243 -3.85 -45.41 -9.40
N GLY A 244 -3.11 -46.51 -9.48
CA GLY A 244 -2.86 -47.40 -8.36
C GLY A 244 -2.10 -46.76 -7.22
N LEU A 245 -1.32 -45.72 -7.52
CA LEU A 245 -0.78 -44.86 -6.45
C LEU A 245 -1.82 -43.78 -6.14
N VAL A 246 -2.23 -43.72 -4.89
CA VAL A 246 -3.39 -42.89 -4.60
C VAL A 246 -2.98 -41.57 -3.95
N GLY A 247 -3.89 -40.58 -3.99
CA GLY A 247 -3.53 -39.21 -3.70
C GLY A 247 -4.06 -38.59 -2.44
N ASP A 248 -4.76 -39.39 -1.63
CA ASP A 248 -5.30 -38.91 -0.36
C ASP A 248 -4.34 -39.22 0.76
N THR A 249 -4.48 -38.55 1.88
CA THR A 249 -3.87 -38.92 3.14
C THR A 249 -5.14 -38.91 4.01
N PRO A 250 -5.37 -39.97 4.84
CA PRO A 250 -4.51 -41.18 4.88
C PRO A 250 -4.70 -42.12 3.70
N ARG A 251 -3.80 -43.09 3.64
CA ARG A 251 -3.80 -44.07 2.59
C ARG A 251 -2.89 -45.24 2.99
N LYS A 252 -2.90 -46.28 2.17
CA LYS A 252 -2.01 -47.41 2.40
C LYS A 252 -0.70 -47.18 1.62
N ASN A 253 0.43 -47.67 2.16
CA ASN A 253 1.72 -47.61 1.43
C ASN A 253 1.65 -48.02 -0.07
N ASP A 254 2.69 -47.71 -0.88
CA ASP A 254 2.62 -47.97 -2.35
C ASP A 254 2.59 -49.48 -2.67
N SER A 255 3.05 -50.31 -1.70
CA SER A 255 3.13 -51.75 -1.96
C SER A 255 1.79 -52.44 -1.70
N SER A 256 0.92 -51.80 -0.92
CA SER A 256 -0.31 -52.41 -0.45
C SER A 256 -1.51 -51.80 -1.11
N SER A 257 -1.34 -50.63 -1.73
CA SER A 257 -2.45 -49.79 -2.20
C SER A 257 -3.09 -50.16 -3.55
N SER A 258 -4.39 -49.93 -3.67
CA SER A 258 -5.07 -50.19 -4.93
C SER A 258 -6.15 -49.15 -5.17
N SER A 259 -6.77 -49.20 -6.34
CA SER A 259 -7.71 -48.17 -6.74
C SER A 259 -8.83 -48.78 -7.58
N HIS A 260 -9.54 -47.96 -8.36
CA HIS A 260 -10.72 -48.31 -9.15
C HIS A 260 -11.15 -47.06 -9.86
N CYS A 261 -11.64 -47.19 -11.07
CA CYS A 261 -11.95 -46.03 -11.85
C CYS A 261 -13.34 -45.52 -11.56
N LEU A 262 -14.05 -46.18 -10.66
CA LEU A 262 -15.50 -45.94 -10.53
C LEU A 262 -15.96 -45.87 -9.07
N ASP A 263 -15.20 -46.48 -8.15
CA ASP A 263 -15.63 -46.57 -6.73
C ASP A 263 -14.54 -46.27 -5.67
N PRO A 264 -14.97 -45.88 -4.48
CA PRO A 264 -13.92 -45.68 -3.46
C PRO A 264 -13.11 -46.94 -3.22
N ASN A 265 -11.82 -46.85 -3.34
CA ASN A 265 -11.02 -48.04 -3.14
C ASN A 265 -11.24 -48.73 -1.78
N ASN A 266 -11.94 -48.09 -0.85
CA ASN A 266 -12.08 -48.59 0.54
C ASN A 266 -10.81 -48.88 1.26
N GLU A 267 -9.80 -48.02 1.13
CA GLU A 267 -8.54 -48.29 1.83
C GLU A 267 -8.12 -47.14 2.76
N GLU A 268 -8.25 -47.31 4.07
CA GLU A 268 -8.03 -46.19 5.00
C GLU A 268 -8.71 -44.90 4.48
N GLY A 269 -9.99 -45.05 4.07
CA GLY A 269 -10.74 -44.09 3.27
C GLY A 269 -11.21 -42.92 4.09
N GLY A 270 -11.39 -43.15 5.40
CA GLY A 270 -11.93 -42.14 6.28
C GLY A 270 -10.98 -40.97 6.29
N HIS A 271 -11.52 -39.76 6.47
CA HIS A 271 -10.71 -38.54 6.40
C HIS A 271 -10.06 -38.38 5.00
N GLY A 272 -9.24 -37.34 4.92
CA GLY A 272 -8.56 -36.97 3.71
C GLY A 272 -7.84 -35.66 3.87
N VAL A 273 -7.47 -35.10 2.73
CA VAL A 273 -6.82 -33.81 2.64
C VAL A 273 -7.11 -33.34 1.27
N LYS A 274 -7.27 -32.03 1.13
CA LYS A 274 -7.50 -31.46 -0.17
C LYS A 274 -6.20 -31.67 -0.91
N GLY A 275 -6.31 -32.04 -2.20
CA GLY A 275 -5.20 -32.29 -3.10
C GLY A 275 -5.71 -32.20 -4.54
N TRP A 276 -4.86 -32.55 -5.50
CA TRP A 276 -5.18 -32.22 -6.90
C TRP A 276 -4.59 -33.28 -7.72
N ALA A 277 -5.03 -33.35 -8.97
CA ALA A 277 -4.43 -34.16 -9.96
C ALA A 277 -4.89 -33.61 -11.31
N PHE A 278 -4.20 -33.97 -12.38
CA PHE A 278 -4.75 -33.63 -13.69
C PHE A 278 -4.23 -34.60 -14.76
N ASP A 279 -5.02 -34.77 -15.81
CA ASP A 279 -4.71 -35.69 -16.90
C ASP A 279 -3.79 -35.10 -17.98
N ASP A 280 -3.00 -36.00 -18.58
CA ASP A 280 -2.03 -35.68 -19.59
C ASP A 280 -2.10 -36.90 -20.53
N GLY A 281 -2.97 -36.83 -21.55
CA GLY A 281 -3.49 -38.04 -22.19
C GLY A 281 -3.91 -39.06 -21.13
N ASN A 282 -3.33 -40.26 -21.16
CA ASN A 282 -3.75 -41.34 -20.27
C ASN A 282 -2.86 -41.37 -19.03
N ASP A 283 -1.92 -40.42 -18.94
CA ASP A 283 -1.21 -40.32 -17.69
C ASP A 283 -1.85 -39.20 -16.91
N VAL A 284 -1.47 -39.20 -15.64
CA VAL A 284 -1.93 -38.27 -14.64
C VAL A 284 -0.76 -37.68 -13.87
N TRP A 285 -0.76 -36.35 -13.73
CA TRP A 285 0.04 -35.62 -12.75
C TRP A 285 -0.68 -35.44 -11.45
N MET A 286 0.05 -35.61 -10.36
CA MET A 286 -0.56 -35.48 -9.05
C MET A 286 0.44 -35.17 -7.99
N GLY A 287 -0.03 -34.54 -6.92
CA GLY A 287 0.77 -34.35 -5.76
C GLY A 287 0.17 -35.12 -4.59
N ARG A 288 0.94 -35.32 -3.51
CA ARG A 288 0.34 -35.89 -2.32
C ARG A 288 1.30 -35.72 -1.16
N THR A 289 0.85 -35.90 0.08
CA THR A 289 1.81 -35.88 1.18
C THR A 289 2.76 -37.05 0.99
N ILE A 290 3.99 -36.89 1.39
CA ILE A 290 4.94 -38.01 1.32
C ILE A 290 4.52 -39.08 2.36
N ASN A 291 4.31 -38.69 3.63
CA ASN A 291 3.97 -39.63 4.70
C ASN A 291 2.53 -40.03 4.51
N GLU A 292 2.24 -41.34 4.66
CA GLU A 292 0.95 -41.94 4.27
C GLU A 292 -0.22 -41.64 5.24
N THR A 293 0.10 -41.30 6.49
CA THR A 293 -0.95 -41.20 7.49
C THR A 293 -1.07 -39.82 8.11
N SER A 294 -0.05 -38.97 7.95
CA SER A 294 -0.11 -37.63 8.49
C SER A 294 0.33 -36.59 7.42
N ARG A 295 0.12 -35.30 7.66
CA ARG A 295 0.39 -34.33 6.60
C ARG A 295 1.83 -33.82 6.77
N LEU A 296 2.76 -34.72 6.49
CA LEU A 296 4.13 -34.41 6.45
C LEU A 296 4.62 -34.63 4.98
N GLY A 297 5.41 -33.67 4.49
CA GLY A 297 6.06 -33.83 3.21
C GLY A 297 5.11 -33.55 2.07
N TYR A 298 5.65 -33.17 0.94
CA TYR A 298 4.83 -33.09 -0.28
C TYR A 298 5.72 -33.44 -1.44
N GLU A 299 5.14 -34.17 -2.42
CA GLU A 299 5.81 -34.63 -3.64
C GLU A 299 4.85 -34.60 -4.78
N THR A 300 5.36 -34.45 -6.00
CA THR A 300 4.57 -34.61 -7.19
C THR A 300 5.26 -35.65 -8.05
N PHE A 301 4.50 -36.34 -8.90
CA PHE A 301 5.05 -37.28 -9.88
C PHE A 301 4.03 -37.46 -10.98
N LYS A 302 4.46 -38.09 -12.07
CA LYS A 302 3.51 -38.51 -13.09
C LYS A 302 3.39 -40.02 -13.00
N VAL A 303 2.15 -40.52 -12.93
CA VAL A 303 1.87 -41.95 -13.01
C VAL A 303 1.52 -42.25 -14.46
N ILE A 304 2.31 -43.15 -15.05
CA ILE A 304 2.19 -43.50 -16.46
C ILE A 304 0.98 -44.40 -16.61
N GLU A 305 0.09 -44.04 -17.54
CA GLU A 305 -1.19 -44.71 -17.62
C GLU A 305 -2.10 -44.52 -16.38
N GLY A 306 -1.63 -43.73 -15.42
CA GLY A 306 -2.39 -43.45 -14.20
C GLY A 306 -3.78 -42.88 -14.35
N TRP A 307 -4.09 -42.31 -15.51
CA TRP A 307 -5.42 -41.75 -15.67
C TRP A 307 -6.43 -42.79 -16.10
N SER A 308 -5.98 -43.84 -16.78
CA SER A 308 -6.93 -44.80 -17.41
C SER A 308 -6.72 -46.25 -16.96
N ASN A 309 -5.64 -46.49 -16.23
CA ASN A 309 -5.36 -47.83 -15.77
C ASN A 309 -5.23 -47.98 -14.28
N PRO A 310 -6.28 -48.46 -13.66
CA PRO A 310 -6.29 -48.54 -12.22
C PRO A 310 -5.27 -49.53 -11.64
N LYS A 311 -4.47 -50.18 -12.49
CA LYS A 311 -3.47 -51.16 -11.98
C LYS A 311 -2.09 -50.58 -12.11
N SER A 312 -1.99 -49.41 -12.73
CA SER A 312 -0.70 -48.77 -12.92
C SER A 312 -0.10 -48.18 -11.65
N LYS A 313 1.11 -48.61 -11.33
CA LYS A 313 1.84 -48.07 -10.20
C LYS A 313 3.23 -47.58 -10.66
N LEU A 314 3.32 -47.30 -11.95
CA LEU A 314 4.55 -46.90 -12.59
C LEU A 314 4.70 -45.34 -12.59
N GLN A 315 5.44 -44.81 -11.64
CA GLN A 315 5.58 -43.35 -11.54
C GLN A 315 6.88 -42.94 -12.21
N ILE A 316 6.99 -41.66 -12.54
CA ILE A 316 8.23 -41.13 -13.00
C ILE A 316 8.24 -39.66 -12.57
N ASN A 317 9.41 -39.02 -12.65
CA ASN A 317 9.49 -37.56 -12.51
C ASN A 317 9.05 -37.12 -11.15
N ARG A 318 9.37 -37.91 -10.12
CA ARG A 318 9.07 -37.49 -8.77
C ARG A 318 9.84 -36.21 -8.56
N GLN A 319 9.21 -35.26 -7.85
CA GLN A 319 9.93 -34.13 -7.26
C GLN A 319 9.52 -34.06 -5.79
N VAL A 320 10.49 -33.84 -4.91
CA VAL A 320 10.10 -33.49 -3.54
C VAL A 320 9.78 -31.99 -3.57
N ILE A 321 8.68 -31.61 -2.96
CA ILE A 321 8.41 -30.20 -2.86
C ILE A 321 8.75 -29.80 -1.42
N VAL A 322 8.27 -30.61 -0.48
CA VAL A 322 8.56 -30.43 0.93
C VAL A 322 8.97 -31.81 1.41
N ASP A 323 10.11 -31.86 2.09
CA ASP A 323 10.69 -33.08 2.49
C ASP A 323 9.94 -33.67 3.68
N ARG A 324 10.03 -34.98 3.81
CA ARG A 324 9.14 -35.77 4.64
C ARG A 324 9.28 -35.48 6.12
N GLY A 325 10.32 -34.77 6.53
CA GLY A 325 10.40 -34.32 7.89
C GLY A 325 9.68 -33.00 8.20
N ASN A 326 9.02 -32.43 7.19
CA ASN A 326 8.45 -31.09 7.34
C ASN A 326 6.97 -31.09 7.01
N ARG A 327 6.21 -30.16 7.56
CA ARG A 327 4.75 -30.21 7.46
C ARG A 327 4.18 -29.66 6.19
N SER A 328 3.17 -30.32 5.67
CA SER A 328 2.44 -29.86 4.53
C SER A 328 0.99 -29.55 4.92
N GLY A 329 0.00 -29.96 4.12
CA GLY A 329 -1.39 -29.59 4.32
C GLY A 329 -2.08 -29.62 2.95
N TYR A 330 -3.07 -28.77 2.78
CA TYR A 330 -3.85 -28.71 1.59
C TYR A 330 -3.01 -28.40 0.36
N SER A 331 -3.48 -28.81 -0.80
CA SER A 331 -2.89 -28.36 -2.03
C SER A 331 -4.00 -28.28 -3.03
N GLY A 332 -3.82 -27.50 -4.06
CA GLY A 332 -4.87 -27.34 -5.04
C GLY A 332 -4.25 -26.86 -6.33
N ILE A 333 -5.03 -26.86 -7.37
CA ILE A 333 -4.56 -26.54 -8.65
C ILE A 333 -4.98 -25.10 -8.89
N PHE A 334 -4.31 -24.45 -9.84
CA PHE A 334 -4.77 -23.27 -10.48
C PHE A 334 -4.16 -23.25 -11.91
N SER A 335 -4.90 -22.64 -12.80
CA SER A 335 -4.53 -22.64 -14.23
C SER A 335 -4.18 -21.23 -14.71
N VAL A 336 -3.21 -21.14 -15.61
CA VAL A 336 -2.69 -19.86 -16.05
C VAL A 336 -2.59 -19.82 -17.58
N GLU A 337 -3.22 -18.84 -18.24
CA GLU A 337 -3.21 -18.76 -19.69
C GLU A 337 -1.87 -18.20 -20.13
N GLY A 338 -1.31 -18.87 -21.14
CA GLY A 338 -0.12 -18.43 -21.84
C GLY A 338 -0.49 -18.09 -23.27
N LYS A 339 0.53 -17.65 -24.00
CA LYS A 339 0.45 -17.29 -25.41
C LYS A 339 -0.26 -18.39 -26.19
N SER A 340 0.18 -19.62 -26.00
CA SER A 340 -0.25 -20.72 -26.82
C SER A 340 -0.94 -21.83 -26.06
N CYS A 341 -0.70 -21.89 -24.76
CA CYS A 341 -1.22 -22.98 -24.03
C CYS A 341 -1.70 -22.64 -22.60
N ILE A 342 -2.50 -23.52 -21.98
CA ILE A 342 -2.90 -23.31 -20.60
C ILE A 342 -1.96 -24.09 -19.67
N ASN A 343 -1.37 -23.42 -18.70
CA ASN A 343 -0.43 -24.10 -17.79
C ASN A 343 -1.14 -24.51 -16.48
N ARG A 344 -0.56 -25.46 -15.73
CA ARG A 344 -1.12 -25.91 -14.51
C ARG A 344 -0.12 -25.64 -13.33
N CYS A 345 -0.59 -24.99 -12.26
CA CYS A 345 0.28 -24.71 -11.13
C CYS A 345 -0.36 -25.24 -9.88
N PHE A 346 0.37 -25.25 -8.77
CA PHE A 346 -0.26 -25.69 -7.55
C PHE A 346 0.37 -25.07 -6.32
N TYR A 347 -0.34 -25.04 -5.20
CA TYR A 347 0.20 -24.44 -4.00
C TYR A 347 0.20 -25.53 -2.96
N VAL A 348 1.00 -25.34 -1.93
CA VAL A 348 0.98 -26.26 -0.83
C VAL A 348 0.88 -25.41 0.43
N GLU A 349 -0.16 -25.65 1.22
CA GLU A 349 -0.37 -25.11 2.55
C GLU A 349 0.63 -25.77 3.51
N LEU A 350 1.47 -24.96 4.15
CA LEU A 350 2.44 -25.43 5.10
C LEU A 350 1.91 -25.14 6.51
N ILE A 351 1.25 -26.13 7.14
CA ILE A 351 0.51 -25.90 8.42
C ILE A 351 1.49 -26.00 9.61
N ARG A 352 1.46 -25.04 10.53
CA ARG A 352 2.27 -25.13 11.74
C ARG A 352 1.38 -24.96 12.96
N GLY A 353 1.86 -25.38 14.15
CA GLY A 353 1.07 -25.26 15.40
C GLY A 353 0.15 -26.45 15.75
N ARG A 354 -0.99 -26.14 16.38
CA ARG A 354 -1.88 -27.13 16.99
C ARG A 354 -2.73 -27.80 15.93
N LYS A 355 -3.17 -29.04 16.17
CA LYS A 355 -2.82 -29.80 17.38
C LYS A 355 -1.43 -30.44 17.40
N GLU A 356 -0.92 -30.75 16.22
CA GLU A 356 0.26 -31.56 16.06
C GLU A 356 1.46 -31.05 16.87
N GLU A 357 1.63 -29.73 16.90
CA GLU A 357 2.81 -29.12 17.47
C GLU A 357 2.35 -28.31 18.65
N THR A 358 2.85 -28.64 19.84
CA THR A 358 2.27 -28.10 21.05
C THR A 358 3.03 -26.94 21.64
N GLU A 359 4.26 -26.72 21.21
CA GLU A 359 5.05 -25.58 21.73
C GLU A 359 4.44 -24.17 21.51
N VAL A 360 3.45 -24.04 20.62
CA VAL A 360 2.68 -22.77 20.50
C VAL A 360 1.20 -23.03 20.78
N LEU A 361 0.46 -21.96 21.13
CA LEU A 361 -1.02 -22.05 21.32
C LEU A 361 -1.88 -21.86 20.03
N TRP A 362 -1.25 -21.48 18.91
CA TRP A 362 -2.00 -21.14 17.65
C TRP A 362 -1.89 -22.20 16.56
N THR A 363 -2.73 -22.07 15.52
CA THR A 363 -2.56 -22.87 14.31
C THR A 363 -2.62 -21.91 13.13
N SER A 364 -1.64 -21.99 12.23
CA SER A 364 -1.57 -21.12 11.07
C SER A 364 -0.84 -21.85 9.95
N ASN A 365 -0.57 -21.17 8.84
CA ASN A 365 0.13 -21.79 7.72
C ASN A 365 0.93 -20.77 6.97
N SER A 366 1.87 -21.25 6.18
CA SER A 366 2.40 -20.42 5.11
C SER A 366 2.25 -21.21 3.83
N ILE A 367 2.78 -20.71 2.72
CA ILE A 367 2.56 -21.41 1.47
C ILE A 367 3.78 -21.47 0.60
N VAL A 368 3.79 -22.44 -0.31
CA VAL A 368 4.81 -22.52 -1.33
C VAL A 368 4.08 -22.90 -2.58
N VAL A 369 4.46 -22.35 -3.72
CA VAL A 369 3.69 -22.47 -4.96
C VAL A 369 4.70 -22.88 -6.01
N PHE A 370 4.33 -23.82 -6.88
CA PHE A 370 5.13 -24.29 -8.01
C PHE A 370 4.30 -24.21 -9.28
N CYS A 371 4.94 -24.13 -10.44
CA CYS A 371 4.16 -24.09 -11.71
C CYS A 371 4.67 -25.08 -12.74
N GLY A 372 3.83 -25.43 -13.70
CA GLY A 372 4.23 -26.37 -14.71
C GLY A 372 5.28 -25.72 -15.58
N THR A 373 6.22 -26.54 -16.04
CA THR A 373 7.22 -26.13 -16.97
C THR A 373 7.38 -27.17 -18.06
N SER A 374 7.61 -26.71 -19.31
CA SER A 374 8.06 -27.60 -20.42
C SER A 374 9.59 -27.68 -20.49
N GLY A 375 10.30 -26.91 -19.65
CA GLY A 375 11.75 -26.96 -19.56
C GLY A 375 12.28 -28.02 -18.62
N THR A 376 13.38 -27.72 -17.92
CA THR A 376 14.08 -28.62 -17.07
C THR A 376 14.15 -28.11 -15.63
N TYR A 377 14.52 -28.96 -14.67
CA TYR A 377 14.57 -28.50 -13.26
C TYR A 377 15.39 -29.46 -12.46
N GLY A 378 15.74 -29.09 -11.23
CA GLY A 378 16.58 -29.92 -10.40
C GLY A 378 15.81 -30.32 -9.17
N THR A 379 16.40 -30.12 -8.02
CA THR A 379 15.78 -30.62 -6.81
C THR A 379 15.93 -29.64 -5.68
N GLY A 380 15.23 -29.93 -4.59
CA GLY A 380 15.33 -29.22 -3.31
C GLY A 380 14.10 -29.50 -2.45
N SER A 381 13.92 -28.66 -1.45
CA SER A 381 12.83 -28.79 -0.49
C SER A 381 12.60 -27.40 0.08
N TRP A 382 11.37 -26.93 0.00
CA TRP A 382 10.99 -25.60 0.49
C TRP A 382 9.96 -25.65 1.58
N PRO A 383 10.34 -26.02 2.81
CA PRO A 383 9.37 -26.10 3.88
C PRO A 383 9.00 -24.73 4.46
N ASP A 384 8.21 -24.73 5.53
CA ASP A 384 7.85 -23.51 6.26
C ASP A 384 9.06 -22.74 6.85
N GLY A 385 9.97 -23.47 7.52
CA GLY A 385 11.20 -22.91 8.08
C GLY A 385 11.10 -22.11 9.38
N ALA A 386 9.95 -22.07 10.05
CA ALA A 386 9.93 -21.31 11.32
C ALA A 386 10.40 -22.20 12.45
N ASP A 387 11.11 -21.66 13.42
CA ASP A 387 11.46 -22.40 14.64
C ASP A 387 10.43 -22.07 15.63
N LEU A 388 9.48 -22.98 15.85
CA LEU A 388 8.43 -22.72 16.83
C LEU A 388 8.94 -22.67 18.28
N ASN A 389 10.10 -23.25 18.56
CA ASN A 389 10.71 -23.21 19.92
C ASN A 389 11.03 -21.81 20.35
N LEU A 390 10.99 -20.90 19.39
CA LEU A 390 11.54 -19.57 19.57
C LEU A 390 10.46 -18.54 19.27
N MET A 391 9.22 -18.98 19.17
CA MET A 391 8.16 -18.01 18.90
C MET A 391 7.33 -17.67 20.15
N PRO A 392 6.73 -16.44 20.15
CA PRO A 392 5.92 -15.79 21.21
C PRO A 392 5.30 -16.73 22.26
N ILE A 393 5.40 -16.35 23.54
CA ILE A 393 4.68 -17.09 24.60
C ILE A 393 3.14 -16.95 24.48
N ALA B 6 1.95 -0.79 -25.27
CA ALA B 6 3.35 -0.35 -25.10
C ALA B 6 4.31 -1.00 -26.14
N GLU B 7 5.54 -0.48 -26.23
CA GLU B 7 6.56 -0.96 -27.18
C GLU B 7 7.76 -1.56 -26.47
N TYR B 8 8.49 -2.41 -27.22
CA TYR B 8 9.80 -2.90 -26.81
C TYR B 8 10.82 -1.78 -26.66
N ARG B 9 11.63 -1.85 -25.60
CA ARG B 9 12.85 -1.05 -25.48
C ARG B 9 13.93 -1.50 -26.45
N ASN B 10 14.53 -0.54 -27.17
CA ASN B 10 15.68 -0.84 -28.00
C ASN B 10 16.94 -0.24 -27.40
N TRP B 11 16.81 0.75 -26.52
CA TRP B 11 18.00 1.43 -26.01
C TRP B 11 18.85 2.12 -27.05
N SER B 12 18.22 2.50 -28.19
CA SER B 12 18.93 2.93 -29.38
C SER B 12 19.07 4.45 -29.38
N LYS B 13 19.75 4.93 -28.36
CA LYS B 13 20.12 6.31 -28.27
C LYS B 13 21.54 6.28 -27.77
N PRO B 14 22.30 7.35 -28.01
CA PRO B 14 23.68 7.38 -27.55
C PRO B 14 23.72 7.49 -26.04
N GLN B 15 24.81 7.06 -25.40
CA GLN B 15 25.02 7.25 -23.98
C GLN B 15 25.16 8.76 -23.58
N CYS B 16 24.46 9.17 -22.51
CA CYS B 16 24.61 10.55 -21.95
C CYS B 16 26.05 10.90 -21.66
N ASP B 17 26.35 12.21 -21.66
CA ASP B 17 27.62 12.72 -21.11
C ASP B 17 27.64 12.48 -19.61
N ILE B 18 28.79 12.09 -19.08
CA ILE B 18 28.92 11.91 -17.65
C ILE B 18 30.09 12.73 -17.22
N THR B 19 29.89 13.62 -16.26
CA THR B 19 31.02 14.35 -15.67
C THR B 19 31.23 13.74 -14.31
N GLY B 20 30.41 12.74 -14.01
CA GLY B 20 30.40 12.03 -12.68
C GLY B 20 28.94 11.71 -12.40
N PHE B 21 28.63 11.43 -11.14
CA PHE B 21 27.27 10.99 -10.71
C PHE B 21 26.71 11.85 -9.56
N ALA B 22 25.39 12.03 -9.53
CA ALA B 22 24.68 12.80 -8.49
C ALA B 22 23.86 11.86 -7.54
N PRO B 23 23.68 12.27 -6.28
CA PRO B 23 22.89 11.42 -5.36
C PRO B 23 21.50 11.15 -6.02
N PHE B 24 21.03 9.90 -5.94
CA PHE B 24 19.71 9.55 -6.43
C PHE B 24 18.79 8.98 -5.35
N SER B 25 19.29 8.06 -4.51
CA SER B 25 18.40 7.36 -3.55
C SER B 25 19.16 6.67 -2.43
N LYS B 26 18.47 6.49 -1.33
CA LYS B 26 19.05 5.90 -0.14
C LYS B 26 17.91 5.41 0.72
N ASP B 27 17.96 4.16 1.19
CA ASP B 27 16.80 3.64 1.87
C ASP B 27 16.86 3.58 3.41
N ASN B 28 18.08 3.73 3.97
CA ASN B 28 18.24 3.67 5.44
C ASN B 28 17.61 2.47 6.06
N SER B 29 17.71 1.36 5.40
CA SER B 29 17.07 0.13 5.82
C SER B 29 17.43 -0.33 7.27
N ILE B 30 18.72 -0.44 7.61
CA ILE B 30 19.08 -0.98 8.96
C ILE B 30 18.69 0.00 10.05
N ARG B 31 18.89 1.28 9.80
CA ARG B 31 18.48 2.34 10.73
C ARG B 31 16.98 2.25 10.95
N LEU B 32 16.18 1.97 9.91
CA LEU B 32 14.75 1.83 10.14
C LEU B 32 14.41 0.54 10.92
N SER B 33 15.15 -0.53 10.69
CA SER B 33 14.84 -1.78 11.34
C SER B 33 15.11 -1.81 12.87
N ALA B 34 15.72 -0.78 13.46
CA ALA B 34 15.77 -0.71 14.95
C ALA B 34 14.44 -0.20 15.51
N GLY B 35 13.47 0.09 14.63
CA GLY B 35 12.17 0.62 15.04
C GLY B 35 11.21 0.41 13.88
N GLY B 36 11.13 -0.83 13.44
CA GLY B 36 10.22 -1.22 12.40
C GLY B 36 10.43 -2.63 12.01
N ASP B 37 9.41 -3.19 11.37
CA ASP B 37 9.61 -4.52 10.80
C ASP B 37 10.13 -4.45 9.36
N ILE B 38 11.44 -4.55 9.24
CA ILE B 38 12.15 -4.50 7.96
C ILE B 38 12.76 -5.85 7.63
N TRP B 39 12.71 -6.18 6.33
CA TRP B 39 13.34 -7.42 5.83
C TRP B 39 14.83 -7.52 5.95
N VAL B 40 15.33 -8.72 6.07
CA VAL B 40 16.76 -8.89 6.12
C VAL B 40 17.13 -9.34 4.74
N THR B 41 18.09 -8.67 4.13
CA THR B 41 18.39 -8.88 2.71
C THR B 41 19.89 -8.92 2.53
N ARG B 42 20.31 -9.28 1.30
CA ARG B 42 21.65 -9.03 0.74
C ARG B 42 21.48 -9.10 -0.79
N GLU B 43 22.56 -8.82 -1.52
CA GLU B 43 22.57 -8.86 -3.00
C GLU B 43 21.47 -8.02 -3.59
N PRO B 44 21.38 -6.76 -3.18
CA PRO B 44 20.34 -5.92 -3.75
C PRO B 44 20.71 -5.41 -5.15
N TYR B 45 19.74 -4.80 -5.84
CA TYR B 45 20.01 -4.11 -7.11
C TYR B 45 18.81 -3.27 -7.54
N VAL B 46 19.02 -2.44 -8.53
CA VAL B 46 18.03 -1.50 -8.98
C VAL B 46 17.76 -1.79 -10.44
N SER B 47 16.52 -1.74 -10.89
CA SER B 47 16.18 -1.77 -12.32
C SER B 47 14.88 -0.99 -12.49
N CYS B 48 14.64 -0.47 -13.66
CA CYS B 48 13.57 0.49 -13.87
C CYS B 48 12.74 0.05 -15.02
N ASP B 49 11.44 0.29 -14.94
CA ASP B 49 10.55 0.14 -16.10
C ASP B 49 10.63 1.46 -16.85
N PRO B 50 9.88 1.64 -17.97
CA PRO B 50 10.04 2.89 -18.74
C PRO B 50 9.68 4.12 -17.92
N ASP B 51 8.87 3.95 -16.90
CA ASP B 51 8.46 5.09 -16.09
C ASP B 51 9.23 5.33 -14.81
N LYS B 52 9.67 4.28 -14.12
CA LYS B 52 10.23 4.45 -12.78
C LYS B 52 11.10 3.30 -12.34
N CYS B 53 11.75 3.47 -11.21
CA CYS B 53 12.81 2.62 -10.75
C CYS B 53 12.35 1.76 -9.59
N TYR B 54 12.77 0.50 -9.64
CA TYR B 54 12.47 -0.47 -8.61
C TYR B 54 13.76 -0.94 -7.93
N GLN B 55 13.70 -1.22 -6.64
CA GLN B 55 14.86 -1.79 -5.89
C GLN B 55 14.55 -3.25 -5.54
N PHE B 56 15.49 -4.14 -5.86
CA PHE B 56 15.32 -5.55 -5.58
C PHE B 56 16.34 -6.00 -4.53
N ALA B 57 16.06 -7.08 -3.86
CA ALA B 57 17.07 -7.70 -2.99
C ALA B 57 16.61 -9.10 -2.78
N LEU B 58 17.53 -9.93 -2.32
CA LEU B 58 17.19 -11.28 -1.96
C LEU B 58 16.95 -11.29 -0.44
N GLY B 59 15.70 -11.56 -0.06
CA GLY B 59 15.33 -11.66 1.34
C GLY B 59 15.93 -12.87 2.03
N GLN B 60 15.91 -12.85 3.35
CA GLN B 60 16.26 -14.03 4.09
C GLN B 60 15.04 -14.71 4.73
N GLY B 61 13.84 -14.27 4.33
CA GLY B 61 12.63 -14.89 4.80
C GLY B 61 12.40 -14.65 6.29
N THR B 62 12.97 -13.55 6.78
CA THR B 62 12.84 -13.06 8.12
C THR B 62 12.94 -11.53 8.05
N THR B 63 12.34 -10.84 9.02
CA THR B 63 12.66 -9.47 9.32
C THR B 63 13.89 -9.42 10.32
N LEU B 64 14.43 -8.23 10.53
CA LEU B 64 15.71 -8.07 11.20
C LEU B 64 15.49 -8.30 12.67
N ASN B 65 14.47 -7.64 13.22
CA ASN B 65 14.05 -7.81 14.59
C ASN B 65 13.15 -9.04 14.79
N ASN B 66 13.75 -10.19 15.04
CA ASN B 66 13.06 -11.44 14.77
C ASN B 66 14.02 -12.51 15.14
N VAL B 67 13.52 -13.60 15.67
CA VAL B 67 14.43 -14.66 16.03
C VAL B 67 15.10 -15.33 14.84
N HIS B 68 14.46 -15.30 13.66
CA HIS B 68 15.03 -15.96 12.49
C HIS B 68 16.08 -15.18 11.75
N SER B 69 16.35 -13.95 12.16
CA SER B 69 17.52 -13.21 11.66
C SER B 69 18.88 -13.82 12.06
N ASN B 70 18.89 -14.65 13.13
CA ASN B 70 20.11 -15.38 13.59
C ASN B 70 20.74 -16.19 12.46
N ASN B 71 22.02 -15.89 12.16
CA ASN B 71 22.75 -16.64 11.17
C ASN B 71 22.44 -16.40 9.74
N THR B 72 21.93 -15.21 9.41
CA THR B 72 21.64 -14.92 8.01
C THR B 72 22.88 -14.54 7.21
N VAL B 73 24.06 -14.80 7.78
CA VAL B 73 25.33 -14.73 7.03
C VAL B 73 25.25 -15.74 5.86
N ARG B 74 24.54 -16.84 6.05
CA ARG B 74 24.37 -17.87 5.04
C ARG B 74 23.62 -17.38 3.79
N GLY B 75 24.14 -17.67 2.63
CA GLY B 75 23.67 -16.98 1.45
C GLY B 75 22.63 -17.76 0.66
N ARG B 76 22.48 -19.06 0.93
CA ARG B 76 21.57 -19.93 0.14
C ARG B 76 20.71 -20.80 1.05
N THR B 77 19.41 -20.47 1.15
CA THR B 77 18.51 -21.22 2.00
C THR B 77 17.22 -21.24 1.22
N PRO B 78 16.31 -22.20 1.54
CA PRO B 78 15.01 -22.31 0.87
C PRO B 78 14.04 -21.16 1.18
N TYR B 79 14.41 -20.34 2.15
CA TYR B 79 13.56 -19.26 2.59
C TYR B 79 13.83 -17.94 1.81
N ARG B 80 14.93 -17.90 1.07
CA ARG B 80 15.29 -16.69 0.34
C ARG B 80 14.37 -16.43 -0.82
N THR B 81 13.93 -15.18 -0.99
CA THR B 81 13.03 -14.84 -2.14
C THR B 81 13.46 -13.50 -2.68
N LEU B 82 13.15 -13.22 -3.95
CA LEU B 82 13.41 -11.89 -4.46
C LEU B 82 12.34 -10.84 -4.09
N LEU B 83 12.77 -9.71 -3.51
CA LEU B 83 11.91 -8.67 -3.01
C LEU B 83 11.95 -7.55 -4.02
N MET B 84 10.81 -6.90 -4.25
CA MET B 84 10.73 -5.82 -5.25
C MET B 84 9.84 -4.70 -4.70
N ASN B 85 10.35 -3.49 -4.56
CA ASN B 85 9.59 -2.33 -4.16
C ASN B 85 9.99 -1.23 -5.12
N GLU B 86 9.16 -0.18 -5.23
CA GLU B 86 9.61 1.05 -5.90
C GLU B 86 10.80 1.54 -5.12
N LEU B 87 11.70 2.17 -5.87
CA LEU B 87 12.97 2.53 -5.37
C LEU B 87 12.72 3.52 -4.22
N GLY B 88 13.41 3.39 -3.09
CA GLY B 88 13.16 4.32 -2.03
C GLY B 88 12.01 3.94 -1.13
N VAL B 89 11.31 2.84 -1.42
CA VAL B 89 10.36 2.25 -0.46
C VAL B 89 11.15 1.17 0.33
N PRO B 90 11.33 1.35 1.62
CA PRO B 90 12.08 0.32 2.40
C PRO B 90 11.35 -1.01 2.35
N PHE B 91 12.08 -2.08 2.49
CA PHE B 91 11.51 -3.41 2.38
C PHE B 91 10.67 -3.75 3.64
N HIS B 92 9.51 -3.09 3.74
CA HIS B 92 8.56 -3.30 4.81
C HIS B 92 7.78 -4.56 4.62
N LEU B 93 6.88 -4.86 5.55
CA LEU B 93 6.21 -6.17 5.54
C LEU B 93 5.23 -6.35 4.40
N GLY B 94 4.89 -5.28 3.70
CA GLY B 94 3.96 -5.40 2.55
C GLY B 94 4.69 -5.48 1.21
N THR B 95 6.01 -5.73 1.27
CA THR B 95 6.84 -5.87 0.11
C THR B 95 6.50 -7.17 -0.64
N LYS B 96 6.48 -7.13 -1.97
CA LYS B 96 6.21 -8.30 -2.72
C LYS B 96 7.41 -9.17 -2.95
N GLN B 97 7.29 -10.45 -2.60
CA GLN B 97 8.23 -11.51 -2.94
C GLN B 97 7.80 -11.98 -4.35
N VAL B 98 8.64 -11.78 -5.35
CA VAL B 98 8.19 -12.04 -6.74
C VAL B 98 8.46 -13.45 -7.22
N CYS B 99 9.36 -14.15 -6.52
CA CYS B 99 9.74 -15.51 -6.85
C CYS B 99 10.68 -16.01 -5.75
N ILE B 100 10.93 -17.35 -5.71
CA ILE B 100 11.89 -18.04 -4.79
C ILE B 100 13.31 -17.98 -5.37
N ALA B 101 14.27 -17.52 -4.59
CA ALA B 101 15.60 -17.28 -5.11
C ALA B 101 16.61 -16.99 -4.04
N TRP B 102 17.72 -17.72 -4.06
CA TRP B 102 19.00 -17.19 -3.53
C TRP B 102 20.00 -16.64 -4.55
N SER B 103 19.58 -16.49 -5.82
CA SER B 103 20.36 -15.76 -6.83
C SER B 103 19.35 -15.33 -7.90
N SER B 104 19.45 -14.11 -8.45
CA SER B 104 18.39 -13.60 -9.31
C SER B 104 18.91 -12.55 -10.21
N SER B 105 18.15 -12.26 -11.25
CA SER B 105 18.40 -11.08 -12.11
C SER B 105 17.02 -10.66 -12.60
N SER B 106 16.70 -9.36 -12.67
CA SER B 106 15.39 -9.01 -13.32
C SER B 106 15.60 -7.92 -14.36
N CYS B 107 14.67 -7.79 -15.30
CA CYS B 107 14.70 -6.62 -16.18
C CYS B 107 13.35 -6.45 -16.90
N HIS B 108 13.10 -5.25 -17.37
CA HIS B 108 11.83 -4.98 -17.92
C HIS B 108 12.11 -4.75 -19.39
N ASP B 109 11.43 -5.47 -20.25
CA ASP B 109 11.68 -5.33 -21.71
C ASP B 109 10.92 -4.20 -22.43
N GLY B 110 10.24 -3.37 -21.66
CA GLY B 110 9.34 -2.40 -22.26
C GLY B 110 7.86 -2.69 -22.16
N LYS B 111 7.51 -3.98 -22.16
CA LYS B 111 6.14 -4.42 -22.03
C LYS B 111 5.92 -5.09 -20.67
N ALA B 112 6.87 -5.87 -20.21
CA ALA B 112 6.65 -6.52 -18.93
C ALA B 112 7.96 -6.86 -18.28
N TRP B 113 7.91 -7.26 -17.01
CA TRP B 113 9.08 -7.70 -16.26
C TRP B 113 9.42 -9.10 -16.62
N LEU B 114 10.73 -9.37 -16.71
CA LEU B 114 11.28 -10.71 -16.62
C LEU B 114 12.02 -10.89 -15.26
N HIS B 115 11.80 -11.98 -14.53
CA HIS B 115 12.64 -12.32 -13.35
C HIS B 115 13.32 -13.62 -13.56
N VAL B 116 14.61 -13.67 -13.25
CA VAL B 116 15.34 -14.93 -13.37
C VAL B 116 15.68 -15.33 -11.96
N CYS B 117 15.22 -16.51 -11.55
CA CYS B 117 15.22 -16.86 -10.12
C CYS B 117 15.76 -18.26 -9.82
N ILE B 118 16.86 -18.34 -9.07
CA ILE B 118 17.49 -19.61 -8.86
C ILE B 118 17.33 -20.05 -7.42
N THR B 119 16.81 -21.25 -7.22
CA THR B 119 16.75 -21.79 -5.87
C THR B 119 16.99 -23.31 -5.93
N GLY B 120 17.03 -23.96 -4.78
CA GLY B 120 17.08 -25.42 -4.79
C GLY B 120 18.43 -25.88 -4.31
N ASP B 121 18.67 -27.18 -4.38
CA ASP B 121 19.97 -27.73 -3.91
C ASP B 121 21.20 -27.11 -4.60
N ASP B 122 22.28 -26.92 -3.83
CA ASP B 122 23.58 -26.53 -4.42
C ASP B 122 23.98 -27.33 -5.69
N LYS B 123 23.79 -28.65 -5.65
CA LYS B 123 24.21 -29.51 -6.77
C LYS B 123 23.12 -29.77 -7.76
N ASN B 124 21.95 -29.15 -7.59
CA ASN B 124 20.89 -29.45 -8.48
C ASN B 124 19.85 -28.32 -8.52
N ALA B 125 20.35 -27.09 -8.52
CA ALA B 125 19.50 -25.90 -8.44
C ALA B 125 18.63 -25.68 -9.71
N THR B 126 17.54 -24.95 -9.58
CA THR B 126 16.63 -24.67 -10.73
C THR B 126 16.51 -23.17 -10.92
N ALA B 127 16.59 -22.74 -12.17
CA ALA B 127 16.37 -21.38 -12.52
C ALA B 127 14.98 -21.32 -13.07
N SER B 128 14.16 -20.40 -12.53
CA SER B 128 12.82 -20.18 -13.06
C SER B 128 12.83 -18.88 -13.87
N PHE B 129 12.10 -18.84 -14.99
CA PHE B 129 11.96 -17.62 -15.74
C PHE B 129 10.50 -17.19 -15.71
N ILE B 130 10.28 -15.96 -15.25
CA ILE B 130 8.95 -15.45 -14.96
C ILE B 130 8.79 -14.19 -15.77
N TYR B 131 7.75 -14.14 -16.58
CA TYR B 131 7.54 -13.00 -17.46
C TYR B 131 6.07 -12.62 -17.42
N ASN B 132 5.79 -11.33 -17.28
CA ASN B 132 4.41 -10.82 -17.20
C ASN B 132 3.63 -11.59 -16.22
N GLY B 133 4.25 -11.90 -15.10
CA GLY B 133 3.57 -12.46 -13.98
C GLY B 133 3.30 -13.96 -14.03
N ARG B 134 3.93 -14.67 -14.98
CA ARG B 134 3.71 -16.11 -15.12
C ARG B 134 4.97 -16.85 -15.43
N LEU B 135 5.05 -18.11 -14.99
CA LEU B 135 6.27 -18.84 -15.16
C LEU B 135 6.30 -19.40 -16.58
N VAL B 136 7.30 -19.04 -17.35
CA VAL B 136 7.30 -19.42 -18.80
C VAL B 136 8.33 -20.50 -19.12
N ASP B 137 9.31 -20.71 -18.22
CA ASP B 137 10.41 -21.62 -18.49
C ASP B 137 11.26 -21.87 -17.25
N SER B 138 12.11 -22.90 -17.30
CA SER B 138 13.07 -23.15 -16.26
C SER B 138 14.27 -23.91 -16.86
N VAL B 139 15.39 -23.96 -16.14
CA VAL B 139 16.51 -24.77 -16.55
C VAL B 139 17.21 -25.34 -15.35
N VAL B 140 17.65 -26.61 -15.45
CA VAL B 140 18.46 -27.20 -14.36
C VAL B 140 19.86 -26.70 -14.40
N SER B 141 20.48 -26.73 -13.24
CA SER B 141 21.91 -26.61 -13.10
C SER B 141 22.57 -27.53 -14.12
N TRP B 142 23.51 -27.03 -14.92
CA TRP B 142 24.25 -27.88 -15.94
C TRP B 142 25.55 -28.52 -15.50
N SER B 143 26.15 -28.02 -14.42
CA SER B 143 27.43 -28.54 -13.96
C SER B 143 27.40 -28.84 -12.48
N LYS B 144 26.19 -28.78 -11.91
CA LYS B 144 25.87 -29.33 -10.59
C LYS B 144 26.66 -28.74 -9.46
N GLU B 145 26.82 -27.42 -9.50
CA GLU B 145 27.65 -26.74 -8.50
C GLU B 145 27.28 -25.28 -8.42
N ILE B 146 26.19 -25.00 -7.67
CA ILE B 146 25.68 -23.65 -7.48
C ILE B 146 25.40 -22.83 -8.80
N LEU B 147 24.37 -23.21 -9.54
CA LEU B 147 23.89 -22.39 -10.66
C LEU B 147 23.55 -21.00 -10.10
N ARG B 148 24.10 -19.95 -10.69
CA ARG B 148 24.01 -18.59 -10.17
C ARG B 148 24.00 -17.61 -11.34
N THR B 149 23.56 -16.39 -11.08
CA THR B 149 23.43 -15.37 -12.11
C THR B 149 23.83 -13.97 -11.61
N GLN B 150 23.46 -12.93 -12.37
CA GLN B 150 24.02 -11.58 -12.18
C GLN B 150 23.89 -10.94 -10.78
N GLU B 151 22.72 -11.06 -10.14
CA GLU B 151 22.41 -10.19 -8.96
C GLU B 151 22.33 -8.72 -9.38
N SER B 152 21.92 -8.46 -10.62
CA SER B 152 21.64 -7.09 -11.08
C SER B 152 20.83 -7.13 -12.38
N GLU B 153 20.43 -5.99 -12.90
CA GLU B 153 19.43 -6.06 -13.95
C GLU B 153 19.96 -6.85 -15.13
N CYS B 154 19.13 -7.61 -15.77
CA CYS B 154 19.42 -8.13 -17.11
C CYS B 154 19.17 -7.02 -18.15
N VAL B 155 19.25 -7.34 -19.45
CA VAL B 155 19.11 -6.27 -20.46
C VAL B 155 18.32 -6.76 -21.65
N CYS B 156 17.34 -5.99 -22.12
CA CYS B 156 16.45 -6.46 -23.19
C CYS B 156 16.51 -5.51 -24.31
N ILE B 157 16.57 -6.00 -25.57
CA ILE B 157 16.61 -5.17 -26.74
C ILE B 157 15.64 -5.73 -27.80
N ASN B 158 14.71 -4.92 -28.26
CA ASN B 158 13.71 -5.37 -29.27
C ASN B 158 13.02 -6.68 -28.93
N GLY B 159 12.83 -6.95 -27.64
CA GLY B 159 12.08 -8.13 -27.28
C GLY B 159 12.97 -9.21 -26.70
N THR B 160 14.28 -9.07 -26.87
CA THR B 160 15.20 -10.12 -26.49
C THR B 160 16.00 -9.77 -25.23
N CYS B 161 15.80 -10.54 -24.19
CA CYS B 161 16.51 -10.28 -22.93
C CYS B 161 17.69 -11.20 -22.79
N THR B 162 18.80 -10.65 -22.36
CA THR B 162 19.90 -11.53 -22.24
C THR B 162 20.28 -11.57 -20.80
N VAL B 163 20.73 -12.72 -20.33
CA VAL B 163 21.24 -12.88 -18.92
C VAL B 163 22.45 -13.80 -18.90
N VAL B 164 23.34 -13.59 -17.94
CA VAL B 164 24.56 -14.37 -17.85
C VAL B 164 24.46 -15.26 -16.62
N MET B 165 24.69 -16.56 -16.76
CA MET B 165 24.61 -17.50 -15.64
C MET B 165 25.85 -18.38 -15.54
N THR B 166 26.19 -18.78 -14.32
CA THR B 166 27.41 -19.53 -14.10
C THR B 166 27.07 -20.79 -13.28
N ASP B 167 27.73 -21.89 -13.61
CA ASP B 167 27.63 -23.10 -12.79
C ASP B 167 29.02 -23.67 -12.71
N GLY B 168 29.52 -23.94 -11.50
CA GLY B 168 30.82 -24.56 -11.34
C GLY B 168 31.63 -23.97 -10.20
N SER B 169 32.94 -24.17 -10.27
CA SER B 169 33.83 -23.75 -9.23
C SER B 169 33.87 -22.24 -9.10
N ALA B 170 33.98 -21.79 -7.85
CA ALA B 170 34.20 -20.40 -7.57
C ALA B 170 35.72 -20.11 -7.50
N SER B 171 36.56 -21.16 -7.49
CA SER B 171 38.00 -20.99 -7.59
C SER B 171 38.70 -21.81 -8.62
N GLY B 172 38.13 -21.88 -9.83
CA GLY B 172 38.69 -22.64 -10.93
C GLY B 172 37.79 -22.46 -12.11
N LYS B 173 38.05 -23.12 -13.24
CA LYS B 173 37.24 -22.89 -14.43
C LYS B 173 35.83 -23.34 -14.04
N ALA B 174 34.83 -22.68 -14.59
CA ALA B 174 33.43 -22.95 -14.37
C ALA B 174 32.75 -22.90 -15.75
N ASP B 175 31.45 -23.14 -15.83
CA ASP B 175 30.74 -23.11 -17.10
C ASP B 175 29.69 -21.99 -17.11
N THR B 176 30.01 -20.95 -17.86
CA THR B 176 29.26 -19.73 -17.92
C THR B 176 28.57 -19.71 -19.28
N LYS B 177 27.29 -19.30 -19.33
CA LYS B 177 26.46 -19.29 -20.53
C LYS B 177 25.66 -18.01 -20.59
N ILE B 178 25.13 -17.70 -21.77
CA ILE B 178 24.43 -16.48 -21.95
C ILE B 178 23.15 -16.93 -22.57
N LEU B 179 22.06 -16.74 -21.82
CA LEU B 179 20.72 -17.10 -22.29
C LEU B 179 20.03 -15.96 -23.02
N PHE B 180 19.21 -16.30 -23.97
CA PHE B 180 18.48 -15.31 -24.76
C PHE B 180 17.04 -15.70 -24.57
N ILE B 181 16.27 -14.75 -24.04
CA ILE B 181 14.94 -15.01 -23.52
C ILE B 181 13.93 -14.07 -24.17
N GLU B 182 12.86 -14.61 -24.71
CA GLU B 182 11.82 -13.77 -25.37
C GLU B 182 10.53 -14.09 -24.72
N GLU B 183 10.01 -13.10 -23.97
CA GLU B 183 8.79 -13.24 -23.22
C GLU B 183 8.87 -14.37 -22.20
N GLY B 184 10.06 -14.53 -21.63
CA GLY B 184 10.29 -15.52 -20.63
C GLY B 184 10.68 -16.88 -21.19
N LYS B 185 10.66 -17.02 -22.53
CA LYS B 185 11.07 -18.27 -23.14
C LYS B 185 12.58 -18.32 -23.52
N ILE B 186 13.33 -19.28 -22.99
CA ILE B 186 14.70 -19.42 -23.42
C ILE B 186 14.75 -19.82 -24.90
N VAL B 187 15.17 -18.91 -25.78
CA VAL B 187 15.19 -19.17 -27.25
C VAL B 187 16.58 -19.62 -27.77
N HIS B 188 17.63 -19.28 -27.06
CA HIS B 188 18.96 -19.69 -27.43
C HIS B 188 19.83 -19.62 -26.23
N THR B 189 20.93 -20.37 -26.25
CA THR B 189 21.83 -20.46 -25.09
C THR B 189 23.29 -20.49 -25.61
N SER B 190 24.03 -19.38 -25.51
CA SER B 190 25.43 -19.37 -25.98
C SER B 190 26.40 -19.69 -24.87
N THR B 191 27.53 -20.33 -25.21
CA THR B 191 28.49 -20.59 -24.15
C THR B 191 29.50 -19.46 -24.04
N LEU B 192 29.99 -19.18 -22.82
CA LEU B 192 31.00 -18.14 -22.66
C LEU B 192 32.22 -18.45 -23.53
N SER B 193 32.63 -17.42 -24.29
CA SER B 193 33.72 -17.49 -25.25
C SER B 193 34.72 -16.26 -25.12
N GLY B 194 35.97 -16.41 -25.58
CA GLY B 194 36.95 -15.35 -25.47
C GLY B 194 37.91 -15.54 -24.29
N SER B 195 38.48 -14.43 -23.82
CA SER B 195 39.66 -14.62 -22.99
C SER B 195 39.41 -14.46 -21.47
N ALA B 196 38.16 -14.12 -21.15
CA ALA B 196 37.69 -13.99 -19.78
C ALA B 196 37.78 -15.36 -19.16
N GLN B 197 38.61 -15.53 -18.16
CA GLN B 197 38.80 -16.88 -17.62
C GLN B 197 37.83 -17.30 -16.51
N HIS B 198 37.35 -16.36 -15.70
CA HIS B 198 36.36 -16.65 -14.67
C HIS B 198 35.41 -15.53 -14.51
N VAL B 199 34.13 -15.88 -14.52
CA VAL B 199 33.12 -14.90 -14.63
C VAL B 199 31.97 -15.09 -13.63
N GLU B 200 31.65 -14.02 -12.95
CA GLU B 200 30.62 -14.08 -11.96
C GLU B 200 29.91 -12.79 -11.92
N GLU B 201 28.65 -12.85 -11.48
CA GLU B 201 27.95 -11.65 -11.03
C GLU B 201 28.09 -10.46 -11.92
N CYS B 202 27.76 -10.65 -13.21
CA CYS B 202 27.94 -9.57 -14.20
C CYS B 202 27.04 -8.37 -14.02
N SER B 203 27.59 -7.18 -14.27
CA SER B 203 26.84 -5.96 -14.30
C SER B 203 26.71 -5.55 -15.74
N CYS B 204 25.52 -5.73 -16.27
CA CYS B 204 25.38 -5.55 -17.69
C CYS B 204 24.65 -4.28 -17.97
N TYR B 205 24.93 -3.68 -19.12
CA TYR B 205 24.18 -2.54 -19.63
C TYR B 205 23.93 -2.61 -21.12
N PRO B 206 22.87 -1.95 -21.58
CA PRO B 206 22.73 -1.96 -23.03
C PRO B 206 23.76 -1.01 -23.67
N ARG B 207 24.34 -1.46 -24.76
CA ARG B 207 25.27 -0.62 -25.49
C ARG B 207 24.94 -0.87 -26.96
N TYR B 208 23.96 -0.19 -27.46
CA TYR B 208 23.30 -0.60 -28.69
C TYR B 208 24.30 -0.73 -29.84
N PRO B 209 24.20 -1.76 -30.72
CA PRO B 209 23.15 -2.77 -30.85
C PRO B 209 23.28 -4.00 -29.95
N GLY B 210 24.22 -4.00 -28.99
CA GLY B 210 24.31 -5.16 -28.11
C GLY B 210 24.29 -4.82 -26.63
N VAL B 211 24.94 -5.67 -25.82
CA VAL B 211 24.96 -5.58 -24.37
C VAL B 211 26.39 -5.75 -23.93
N ARG B 212 26.82 -5.00 -22.94
CA ARG B 212 28.13 -5.21 -22.37
C ARG B 212 28.04 -5.43 -20.88
N CYS B 213 28.94 -6.27 -20.36
CA CYS B 213 28.95 -6.67 -18.95
C CYS B 213 30.31 -6.56 -18.31
N VAL B 214 30.36 -6.17 -17.04
CA VAL B 214 31.61 -6.09 -16.31
C VAL B 214 31.42 -6.91 -15.07
N CYS B 215 32.26 -7.91 -14.90
CA CYS B 215 31.88 -9.05 -14.06
C CYS B 215 32.95 -9.16 -12.99
N ARG B 216 32.93 -10.25 -12.21
CA ARG B 216 33.82 -10.50 -11.06
C ARG B 216 34.61 -11.80 -11.36
N ASP B 217 35.92 -11.71 -11.55
CA ASP B 217 36.71 -12.92 -11.75
C ASP B 217 37.11 -13.27 -10.35
N ASN B 218 36.62 -14.42 -9.86
CA ASN B 218 36.77 -14.84 -8.47
C ASN B 218 38.00 -15.73 -8.26
N TRP B 219 38.74 -15.96 -9.35
CA TRP B 219 39.73 -17.03 -9.44
C TRP B 219 41.12 -16.48 -9.47
N LYS B 220 41.49 -15.89 -10.62
CA LYS B 220 42.83 -15.32 -10.77
C LYS B 220 42.87 -13.86 -11.15
N GLY B 221 41.73 -13.17 -11.12
CA GLY B 221 41.78 -11.75 -11.46
C GLY B 221 41.28 -10.78 -10.40
N SER B 222 42.09 -9.75 -10.14
CA SER B 222 41.59 -8.55 -9.48
C SER B 222 41.27 -7.44 -10.50
N ASN B 223 41.66 -7.59 -11.75
CA ASN B 223 40.95 -6.88 -12.83
C ASN B 223 39.62 -7.59 -13.12
N ARG B 224 38.75 -6.93 -13.91
CA ARG B 224 37.36 -7.28 -14.09
C ARG B 224 37.09 -7.78 -15.51
N PRO B 225 36.45 -8.95 -15.61
CA PRO B 225 36.09 -9.43 -16.95
C PRO B 225 35.10 -8.50 -17.66
N ILE B 226 35.17 -8.41 -18.97
CA ILE B 226 34.16 -7.77 -19.75
C ILE B 226 33.65 -8.89 -20.57
N VAL B 227 32.35 -8.83 -20.95
CA VAL B 227 31.72 -9.74 -21.89
C VAL B 227 30.80 -8.94 -22.87
N ASP B 228 31.01 -9.06 -24.18
CA ASP B 228 30.12 -8.42 -25.15
C ASP B 228 29.20 -9.46 -25.66
N ILE B 229 27.94 -9.11 -25.66
CA ILE B 229 26.97 -10.06 -26.06
C ILE B 229 26.29 -9.43 -27.26
N ASN B 230 26.25 -10.18 -28.33
CA ASN B 230 25.58 -9.75 -29.55
C ASN B 230 24.20 -10.36 -29.60
N ILE B 231 23.19 -9.51 -29.52
CA ILE B 231 21.79 -9.92 -29.32
C ILE B 231 21.17 -10.50 -30.59
N LYS B 232 21.74 -10.22 -31.76
CA LYS B 232 21.17 -10.71 -33.02
C LYS B 232 21.69 -12.09 -33.48
N ASP B 233 23.01 -12.23 -33.63
CA ASP B 233 23.65 -13.52 -33.94
C ASP B 233 24.09 -14.33 -32.70
N HIS B 234 23.76 -13.84 -31.52
CA HIS B 234 24.06 -14.56 -30.26
C HIS B 234 25.50 -14.82 -30.00
N SER B 235 26.40 -14.10 -30.67
CA SER B 235 27.81 -14.38 -30.42
C SER B 235 28.34 -13.70 -29.16
N ILE B 236 29.47 -14.18 -28.67
CA ILE B 236 29.99 -13.73 -27.40
C ILE B 236 31.50 -13.52 -27.54
N VAL B 237 31.99 -12.32 -27.27
CA VAL B 237 33.44 -12.14 -27.13
C VAL B 237 33.70 -11.77 -25.67
N SER B 238 34.93 -11.87 -25.20
CA SER B 238 35.20 -11.57 -23.82
C SER B 238 36.67 -11.16 -23.58
N SER B 239 36.93 -10.41 -22.50
CA SER B 239 38.26 -9.90 -22.18
C SER B 239 38.29 -9.33 -20.75
N TYR B 240 39.26 -8.49 -20.42
CA TYR B 240 39.30 -7.85 -19.13
C TYR B 240 39.36 -6.32 -19.29
N VAL B 241 38.94 -5.61 -18.22
CA VAL B 241 39.06 -4.14 -18.13
C VAL B 241 40.52 -3.72 -18.18
N CYS B 242 40.91 -3.02 -19.25
CA CYS B 242 42.32 -2.65 -19.40
C CYS B 242 42.86 -1.86 -18.19
N SER B 243 42.19 -0.77 -17.80
CA SER B 243 42.61 0.12 -16.72
C SER B 243 43.56 -0.47 -15.67
N GLY B 244 44.70 0.18 -15.47
CA GLY B 244 45.73 -0.33 -14.55
C GLY B 244 45.35 -0.12 -13.11
N LEU B 245 44.31 0.70 -12.90
CA LEU B 245 43.65 0.76 -11.56
C LEU B 245 42.50 -0.26 -11.52
N VAL B 246 42.55 -1.17 -10.56
CA VAL B 246 41.66 -2.32 -10.64
C VAL B 246 40.47 -2.19 -9.71
N GLY B 247 39.38 -2.90 -10.05
CA GLY B 247 38.05 -2.69 -9.49
C GLY B 247 37.55 -3.77 -8.59
N ASP B 248 38.28 -4.88 -8.51
CA ASP B 248 37.89 -5.99 -7.66
C ASP B 248 38.42 -5.76 -6.29
N THR B 249 37.93 -6.54 -5.33
CA THR B 249 38.38 -6.53 -3.97
C THR B 249 38.36 -8.00 -3.54
N PRO B 250 39.50 -8.54 -3.08
CA PRO B 250 40.77 -7.86 -2.87
C PRO B 250 41.55 -7.53 -4.16
N ARG B 251 42.58 -6.71 -3.98
CA ARG B 251 43.48 -6.32 -5.05
C ARG B 251 44.72 -5.71 -4.38
N LYS B 252 45.77 -5.43 -5.18
CA LYS B 252 46.99 -4.76 -4.69
C LYS B 252 46.77 -3.24 -4.68
N ASN B 253 47.60 -2.48 -3.97
CA ASN B 253 47.40 -1.04 -3.90
C ASN B 253 47.64 -0.33 -5.22
N ASP B 254 47.28 0.94 -5.30
CA ASP B 254 47.43 1.74 -6.53
C ASP B 254 48.88 1.75 -7.08
N SER B 255 49.87 1.68 -6.19
CA SER B 255 51.28 1.70 -6.64
C SER B 255 51.65 0.37 -7.29
N SER B 256 51.55 -0.72 -6.51
CA SER B 256 51.88 -2.08 -6.95
C SER B 256 51.01 -2.60 -8.10
N SER B 257 49.72 -2.22 -8.15
CA SER B 257 48.70 -2.83 -9.02
C SER B 257 49.05 -2.83 -10.50
N SER B 258 48.65 -3.89 -11.20
CA SER B 258 48.70 -3.86 -12.68
C SER B 258 47.53 -4.67 -13.27
N SER B 259 47.38 -4.61 -14.60
CA SER B 259 46.26 -5.22 -15.28
C SER B 259 46.73 -5.78 -16.64
N HIS B 260 45.80 -5.94 -17.59
CA HIS B 260 45.99 -6.61 -18.89
C HIS B 260 44.64 -6.65 -19.55
N CYS B 261 44.57 -6.37 -20.84
CA CYS B 261 43.31 -6.38 -21.56
C CYS B 261 42.72 -7.75 -21.87
N LEU B 262 43.55 -8.80 -21.78
CA LEU B 262 43.15 -10.11 -22.26
C LEU B 262 43.12 -11.17 -21.15
N ASP B 263 43.96 -11.06 -20.12
CA ASP B 263 44.06 -12.12 -19.13
C ASP B 263 43.88 -11.61 -17.69
N PRO B 264 43.55 -12.53 -16.74
CA PRO B 264 43.50 -12.08 -15.33
C PRO B 264 44.89 -11.62 -14.85
N ASN B 265 45.00 -10.63 -14.00
CA ASN B 265 46.35 -10.18 -13.62
C ASN B 265 47.10 -11.08 -12.62
N ASN B 266 46.41 -12.03 -12.01
CA ASN B 266 46.99 -12.83 -10.87
C ASN B 266 47.44 -12.04 -9.69
N GLU B 267 46.70 -11.01 -9.33
CA GLU B 267 47.10 -10.19 -8.23
C GLU B 267 46.07 -10.22 -7.12
N GLU B 268 46.33 -11.00 -6.08
CA GLU B 268 45.34 -11.23 -5.01
C GLU B 268 43.98 -11.52 -5.66
N GLY B 269 44.03 -12.22 -6.80
CA GLY B 269 42.89 -12.35 -7.74
C GLY B 269 41.78 -13.24 -7.19
N GLY B 270 42.14 -14.01 -6.19
CA GLY B 270 41.23 -14.95 -5.59
C GLY B 270 40.12 -14.15 -4.99
N HIS B 271 38.92 -14.72 -4.94
CA HIS B 271 37.78 -14.02 -4.36
C HIS B 271 37.51 -12.76 -5.14
N GLY B 272 36.71 -11.88 -4.56
CA GLY B 272 36.30 -10.71 -5.32
C GLY B 272 35.06 -10.09 -4.74
N VAL B 273 34.47 -9.17 -5.49
CA VAL B 273 33.24 -8.49 -5.09
C VAL B 273 32.60 -8.04 -6.37
N LYS B 274 31.27 -8.11 -6.44
CA LYS B 274 30.54 -7.70 -7.65
C LYS B 274 30.69 -6.20 -7.86
N GLY B 275 30.85 -5.76 -9.11
CA GLY B 275 31.08 -4.35 -9.41
C GLY B 275 30.78 -4.02 -10.86
N TRP B 276 31.10 -2.79 -11.23
CA TRP B 276 30.75 -2.36 -12.49
C TRP B 276 31.84 -1.41 -12.89
N ALA B 277 31.75 -1.07 -14.18
CA ALA B 277 32.57 -0.20 -14.91
C ALA B 277 31.83 -0.03 -16.25
N PHE B 278 32.05 1.08 -16.93
CA PHE B 278 31.54 1.19 -18.30
C PHE B 278 32.43 2.12 -19.12
N ASP B 279 32.36 1.99 -20.46
CA ASP B 279 33.27 2.73 -21.32
C ASP B 279 32.69 4.08 -21.70
N ASP B 280 33.59 5.05 -21.89
CA ASP B 280 33.25 6.38 -22.34
C ASP B 280 34.35 6.77 -23.32
N GLY B 281 34.10 6.56 -24.62
CA GLY B 281 35.18 6.45 -25.62
C GLY B 281 36.26 5.45 -25.21
N ASN B 282 37.47 5.96 -24.96
CA ASN B 282 38.59 5.12 -24.54
C ASN B 282 38.83 5.26 -23.06
N ASP B 283 38.00 6.08 -22.43
CA ASP B 283 38.09 6.19 -20.98
C ASP B 283 37.14 5.17 -20.33
N VAL B 284 37.42 4.86 -19.07
CA VAL B 284 36.51 4.04 -18.30
C VAL B 284 35.99 4.71 -17.00
N TRP B 285 34.66 4.74 -16.87
CA TRP B 285 34.04 5.05 -15.57
C TRP B 285 33.90 3.82 -14.76
N MET B 286 34.30 3.89 -13.51
CA MET B 286 34.23 2.71 -12.67
C MET B 286 34.05 3.05 -11.21
N GLY B 287 33.55 2.11 -10.43
CA GLY B 287 33.59 2.26 -9.01
C GLY B 287 34.26 1.11 -8.32
N ARG B 288 34.61 1.25 -7.03
CA ARG B 288 35.24 0.12 -6.31
C ARG B 288 35.29 0.40 -4.86
N THR B 289 35.56 -0.59 -4.02
CA THR B 289 35.68 -0.28 -2.61
C THR B 289 36.96 0.52 -2.42
N ILE B 290 36.99 1.37 -1.41
CA ILE B 290 38.15 2.23 -1.21
C ILE B 290 39.31 1.38 -0.65
N ASN B 291 39.03 0.53 0.32
CA ASN B 291 40.01 -0.31 0.90
C ASN B 291 40.34 -1.39 -0.13
N GLU B 292 41.60 -1.84 -0.14
CA GLU B 292 42.13 -2.72 -1.23
C GLU B 292 41.81 -4.18 -0.98
N THR B 293 41.60 -4.52 0.28
CA THR B 293 41.51 -5.92 0.67
C THR B 293 40.17 -6.33 1.34
N SER B 294 39.43 -5.39 1.91
CA SER B 294 38.08 -5.72 2.37
C SER B 294 36.97 -4.73 1.85
N ARG B 295 35.70 -4.99 2.16
CA ARG B 295 34.61 -4.17 1.57
C ARG B 295 34.26 -2.86 2.32
N LEU B 296 35.27 -1.99 2.46
CA LEU B 296 35.13 -0.73 3.16
C LEU B 296 35.23 0.44 2.16
N GLY B 297 34.39 1.45 2.37
CA GLY B 297 34.37 2.63 1.48
C GLY B 297 33.88 2.26 0.10
N TYR B 298 33.53 3.27 -0.69
CA TYR B 298 33.26 3.11 -2.10
C TYR B 298 33.59 4.44 -2.83
N GLU B 299 34.19 4.34 -4.03
CA GLU B 299 34.64 5.52 -4.77
C GLU B 299 34.30 5.30 -6.22
N THR B 300 34.19 6.36 -6.97
CA THR B 300 34.05 6.24 -8.42
C THR B 300 35.07 7.22 -9.02
N PHE B 301 35.67 6.87 -10.14
CA PHE B 301 36.40 7.86 -10.89
C PHE B 301 36.38 7.50 -12.34
N LYS B 302 37.01 8.36 -13.14
CA LYS B 302 37.24 8.06 -14.57
C LYS B 302 38.74 7.79 -14.72
N VAL B 303 39.09 6.78 -15.51
CA VAL B 303 40.48 6.49 -15.84
C VAL B 303 40.66 6.84 -17.29
N ILE B 304 41.54 7.81 -17.50
CA ILE B 304 41.84 8.34 -18.83
C ILE B 304 42.56 7.23 -19.58
N GLU B 305 42.06 6.90 -20.78
CA GLU B 305 42.52 5.74 -21.53
C GLU B 305 42.43 4.40 -20.77
N GLY B 306 41.74 4.40 -19.63
CA GLY B 306 41.60 3.18 -18.84
C GLY B 306 40.81 2.09 -19.54
N TRP B 307 39.99 2.43 -20.52
CA TRP B 307 39.29 1.35 -21.21
C TRP B 307 40.21 0.55 -22.09
N SER B 308 41.19 1.21 -22.73
CA SER B 308 41.89 0.62 -23.88
C SER B 308 43.42 0.63 -23.78
N ASN B 309 43.94 0.80 -22.58
CA ASN B 309 45.36 0.86 -22.35
C ASN B 309 45.61 0.35 -20.95
N PRO B 310 46.12 -0.86 -20.84
CA PRO B 310 46.35 -1.50 -19.55
C PRO B 310 47.41 -0.85 -18.68
N LYS B 311 48.03 0.21 -19.18
CA LYS B 311 49.14 0.87 -18.48
C LYS B 311 48.66 2.18 -17.88
N SER B 312 47.47 2.60 -18.31
CA SER B 312 46.84 3.81 -17.80
C SER B 312 46.55 3.73 -16.31
N LYS B 313 47.16 4.63 -15.56
CA LYS B 313 46.91 4.68 -14.11
C LYS B 313 46.51 6.09 -13.67
N LEU B 314 45.99 6.85 -14.63
CA LEU B 314 45.65 8.25 -14.45
C LEU B 314 44.15 8.44 -14.23
N GLN B 315 43.75 8.57 -12.97
CA GLN B 315 42.32 8.86 -12.67
C GLN B 315 42.01 10.33 -12.53
N ILE B 316 40.76 10.65 -12.84
CA ILE B 316 40.24 11.97 -12.58
C ILE B 316 38.75 11.86 -12.17
N ASN B 317 38.17 12.97 -11.71
CA ASN B 317 36.77 13.05 -11.26
C ASN B 317 36.42 12.07 -10.18
N ARG B 318 37.33 11.86 -9.23
CA ARG B 318 37.06 10.93 -8.15
C ARG B 318 35.93 11.42 -7.24
N GLN B 319 35.01 10.52 -6.81
CA GLN B 319 33.99 10.89 -5.80
C GLN B 319 33.98 9.88 -4.69
N VAL B 320 34.03 10.33 -3.46
CA VAL B 320 33.80 9.38 -2.35
C VAL B 320 32.27 9.21 -2.30
N ILE B 321 31.78 7.98 -2.37
CA ILE B 321 30.39 7.71 -2.20
C ILE B 321 30.18 7.29 -0.76
N VAL B 322 31.09 6.47 -0.26
CA VAL B 322 31.03 6.02 1.13
C VAL B 322 32.46 6.07 1.66
N ASP B 323 32.67 6.76 2.77
CA ASP B 323 34.02 6.91 3.33
C ASP B 323 34.67 5.64 3.89
N ARG B 324 36.00 5.66 3.92
CA ARG B 324 36.77 4.43 4.04
C ARG B 324 36.59 3.76 5.37
N GLY B 325 35.95 4.44 6.31
CA GLY B 325 35.72 3.83 7.61
C GLY B 325 34.39 3.13 7.76
N ASN B 326 33.55 3.25 6.75
CA ASN B 326 32.21 2.66 6.77
C ASN B 326 32.05 1.53 5.78
N ARG B 327 31.24 0.52 6.12
CA ARG B 327 31.20 -0.67 5.29
C ARG B 327 30.48 -0.48 3.96
N SER B 328 30.93 -1.19 2.96
CA SER B 328 30.32 -1.09 1.62
C SER B 328 29.87 -2.48 1.20
N GLY B 329 30.13 -2.93 -0.01
CA GLY B 329 29.60 -4.20 -0.43
C GLY B 329 29.44 -4.32 -1.92
N TYR B 330 28.48 -5.13 -2.34
CA TYR B 330 28.22 -5.25 -3.76
C TYR B 330 27.88 -3.90 -4.35
N SER B 331 27.96 -3.83 -5.68
CA SER B 331 27.55 -2.65 -6.36
C SER B 331 27.34 -3.06 -7.80
N GLY B 332 26.46 -2.40 -8.51
CA GLY B 332 26.18 -2.82 -9.88
C GLY B 332 25.66 -1.60 -10.59
N ILE B 333 25.39 -1.75 -11.89
CA ILE B 333 24.96 -0.73 -12.81
C ILE B 333 23.48 -0.89 -13.25
N PHE B 334 22.83 0.20 -13.46
CA PHE B 334 21.60 0.12 -14.18
C PHE B 334 21.59 1.31 -15.12
N SER B 335 20.77 1.20 -16.14
CA SER B 335 20.74 2.18 -17.16
C SER B 335 19.30 2.73 -17.25
N VAL B 336 19.15 3.99 -17.64
CA VAL B 336 17.86 4.69 -17.68
C VAL B 336 17.76 5.55 -18.91
N GLU B 337 16.65 5.46 -19.64
CA GLU B 337 16.50 6.18 -20.87
C GLU B 337 15.99 7.57 -20.60
N GLY B 338 16.75 8.58 -21.01
CA GLY B 338 16.29 9.96 -21.05
C GLY B 338 15.64 10.31 -22.38
N LYS B 339 15.31 11.59 -22.54
CA LYS B 339 14.73 12.07 -23.80
C LYS B 339 15.62 11.75 -24.99
N SER B 340 16.92 12.05 -24.86
CA SER B 340 17.85 11.96 -25.99
C SER B 340 19.03 11.02 -25.76
N CYS B 341 19.22 10.57 -24.54
CA CYS B 341 20.32 9.67 -24.27
C CYS B 341 20.03 8.59 -23.22
N ILE B 342 20.90 7.59 -23.15
CA ILE B 342 20.74 6.61 -22.10
C ILE B 342 21.74 6.95 -21.04
N ASN B 343 21.31 6.97 -19.79
CA ASN B 343 22.17 7.28 -18.66
C ASN B 343 22.66 6.05 -17.90
N ARG B 344 23.74 6.19 -17.13
CA ARG B 344 24.23 5.09 -16.37
C ARG B 344 24.13 5.44 -14.91
N CYS B 345 23.58 4.52 -14.12
CA CYS B 345 23.50 4.73 -12.67
C CYS B 345 24.08 3.53 -11.96
N PHE B 346 24.31 3.68 -10.66
CA PHE B 346 24.74 2.52 -9.92
C PHE B 346 24.21 2.57 -8.52
N TYR B 347 24.04 1.40 -7.92
CA TYR B 347 23.74 1.25 -6.46
C TYR B 347 24.97 0.64 -5.79
N VAL B 348 25.05 0.83 -4.46
CA VAL B 348 26.06 0.23 -3.66
C VAL B 348 25.36 -0.42 -2.47
N GLU B 349 25.53 -1.73 -2.31
CA GLU B 349 25.05 -2.43 -1.15
C GLU B 349 25.87 -2.01 0.07
N LEU B 350 25.17 -1.66 1.16
CA LEU B 350 25.87 -1.38 2.44
C LEU B 350 25.68 -2.48 3.46
N ILE B 351 26.65 -3.37 3.52
CA ILE B 351 26.54 -4.57 4.34
C ILE B 351 26.81 -4.30 5.82
N ARG B 352 25.89 -4.72 6.68
CA ARG B 352 26.09 -4.63 8.11
C ARG B 352 25.95 -6.02 8.76
N GLY B 353 26.62 -6.22 9.91
CA GLY B 353 26.50 -7.44 10.71
C GLY B 353 27.64 -8.44 10.57
N ARG B 354 27.35 -9.73 10.75
CA ARG B 354 28.28 -10.85 10.58
C ARG B 354 28.83 -11.02 9.16
N LYS B 355 30.01 -11.61 8.97
CA LYS B 355 30.96 -12.04 10.02
C LYS B 355 31.69 -10.90 10.70
N GLU B 356 31.88 -9.80 9.96
CA GLU B 356 32.78 -8.72 10.36
C GLU B 356 32.36 -8.07 11.66
N GLU B 357 31.08 -7.75 11.80
CA GLU B 357 30.63 -7.01 12.95
C GLU B 357 29.93 -8.00 13.83
N THR B 358 30.48 -8.17 15.01
CA THR B 358 30.05 -9.29 15.86
C THR B 358 29.13 -8.83 16.98
N GLU B 359 28.84 -7.54 17.03
CA GLU B 359 27.87 -7.03 18.01
C GLU B 359 26.42 -7.51 17.75
N VAL B 360 26.13 -8.12 16.58
CA VAL B 360 24.76 -8.64 16.25
C VAL B 360 24.83 -10.04 15.60
N LEU B 361 23.71 -10.76 15.54
CA LEU B 361 23.75 -12.11 14.99
C LEU B 361 23.36 -12.19 13.52
N TRP B 362 22.87 -11.07 12.97
CA TRP B 362 22.37 -11.09 11.59
C TRP B 362 23.37 -10.47 10.66
N THR B 363 23.12 -10.66 9.39
CA THR B 363 23.85 -9.97 8.36
C THR B 363 22.72 -9.40 7.55
N SER B 364 22.83 -8.12 7.15
CA SER B 364 21.82 -7.51 6.31
C SER B 364 22.50 -6.34 5.63
N ASN B 365 21.73 -5.48 4.96
CA ASN B 365 22.31 -4.38 4.21
C ASN B 365 21.26 -3.28 3.99
N SER B 366 21.75 -2.08 3.72
CA SER B 366 20.95 -1.00 3.13
C SER B 366 21.58 -0.62 1.79
N ILE B 367 21.04 0.35 1.10
CA ILE B 367 21.53 0.65 -0.25
C ILE B 367 21.65 2.15 -0.39
N VAL B 368 22.58 2.56 -1.21
CA VAL B 368 22.61 3.94 -1.65
C VAL B 368 22.71 3.86 -3.19
N VAL B 369 22.26 4.90 -3.91
CA VAL B 369 22.11 4.88 -5.36
C VAL B 369 22.47 6.26 -5.94
N PHE B 370 23.18 6.27 -7.06
CA PHE B 370 23.67 7.52 -7.69
C PHE B 370 23.46 7.40 -9.14
N CYS B 371 23.29 8.51 -9.85
CA CYS B 371 23.01 8.49 -11.29
C CYS B 371 23.95 9.44 -12.10
N GLY B 372 24.43 8.97 -13.23
CA GLY B 372 25.22 9.81 -14.14
C GLY B 372 24.61 11.17 -14.37
N THR B 373 25.43 12.21 -14.26
CA THR B 373 24.99 13.60 -14.49
C THR B 373 25.91 14.20 -15.51
N SER B 374 25.37 15.08 -16.36
CA SER B 374 26.17 15.88 -17.25
C SER B 374 26.33 17.27 -16.66
N GLY B 375 25.89 17.51 -15.42
CA GLY B 375 26.09 18.79 -14.73
C GLY B 375 27.24 18.73 -13.73
N THR B 376 27.13 19.46 -12.63
CA THR B 376 28.20 19.53 -11.65
C THR B 376 27.72 19.02 -10.33
N TYR B 377 28.63 18.87 -9.37
CA TYR B 377 28.30 18.25 -8.12
C TYR B 377 29.36 18.46 -7.05
N GLY B 378 29.06 18.10 -5.81
CA GLY B 378 30.02 18.35 -4.73
C GLY B 378 30.58 17.12 -4.11
N THR B 379 30.65 17.12 -2.78
CA THR B 379 31.19 16.00 -2.08
C THR B 379 30.31 15.60 -0.87
N GLY B 380 30.47 14.36 -0.43
CA GLY B 380 29.89 13.90 0.84
C GLY B 380 30.20 12.43 1.02
N SER B 381 29.54 11.82 1.99
CA SER B 381 29.67 10.40 2.28
C SER B 381 28.27 10.00 2.70
N TRP B 382 27.83 8.83 2.28
CA TRP B 382 26.52 8.35 2.62
C TRP B 382 26.58 6.94 3.13
N PRO B 383 27.07 6.75 4.37
CA PRO B 383 27.16 5.37 4.84
C PRO B 383 25.80 4.80 5.32
N ASP B 384 25.84 3.62 5.97
CA ASP B 384 24.60 2.97 6.38
C ASP B 384 23.94 3.81 7.48
N GLY B 385 24.78 4.28 8.41
CA GLY B 385 24.32 5.09 9.48
C GLY B 385 23.66 4.36 10.64
N ALA B 386 23.62 3.05 10.65
CA ALA B 386 23.06 2.39 11.82
C ALA B 386 24.11 2.21 12.90
N ASP B 387 23.68 2.32 14.16
CA ASP B 387 24.50 2.00 15.31
C ASP B 387 24.24 0.61 15.71
N LEU B 388 25.09 -0.30 15.27
CA LEU B 388 24.94 -1.70 15.68
C LEU B 388 25.10 -1.91 17.20
N ASN B 389 25.75 -0.99 17.90
CA ASN B 389 25.86 -1.14 19.34
C ASN B 389 24.54 -0.88 20.04
N LEU B 390 23.64 -0.17 19.37
CA LEU B 390 22.35 0.12 19.98
C LEU B 390 21.21 -0.75 19.39
N MET B 391 21.56 -1.75 18.59
CA MET B 391 20.51 -2.43 17.82
C MET B 391 19.81 -3.53 18.59
N PRO B 392 18.57 -3.91 18.13
CA PRO B 392 17.84 -5.14 18.49
C PRO B 392 18.79 -6.29 18.75
N ILE B 393 19.06 -6.44 20.05
CA ILE B 393 20.13 -7.28 20.57
C ILE B 393 19.75 -8.77 20.53
N ALA C 6 -2.37 14.57 -20.95
CA ALA C 6 -1.63 15.39 -19.95
C ALA C 6 -1.09 16.61 -20.69
N GLU C 7 -1.49 17.80 -20.26
CA GLU C 7 -0.96 19.04 -20.84
C GLU C 7 -0.17 19.69 -19.73
N TYR C 8 0.66 20.68 -20.08
CA TYR C 8 1.35 21.46 -19.06
C TYR C 8 0.38 22.37 -18.37
N ARG C 9 0.55 22.50 -17.06
CA ARG C 9 -0.15 23.47 -16.25
C ARG C 9 0.36 24.84 -16.60
N ASN C 10 -0.54 25.81 -16.75
CA ASN C 10 -0.07 27.17 -16.83
C ASN C 10 -0.69 28.16 -15.84
N TRP C 11 -1.52 27.66 -14.92
CA TRP C 11 -2.19 28.50 -13.89
C TRP C 11 -2.89 29.74 -14.37
N SER C 12 -3.37 29.73 -15.62
CA SER C 12 -3.91 30.96 -16.24
C SER C 12 -5.37 31.11 -15.90
N LYS C 13 -5.62 31.32 -14.64
CA LYS C 13 -6.95 31.58 -14.16
C LYS C 13 -6.72 32.56 -13.03
N PRO C 14 -7.72 33.40 -12.75
CA PRO C 14 -7.58 34.44 -11.74
C PRO C 14 -7.59 33.79 -10.36
N GLN C 15 -7.01 34.47 -9.37
CA GLN C 15 -7.01 33.96 -8.00
C GLN C 15 -8.46 33.85 -7.49
N CYS C 16 -8.78 32.80 -6.72
CA CYS C 16 -10.13 32.67 -6.10
C CYS C 16 -10.43 33.81 -5.12
N ASP C 17 -11.71 34.17 -4.96
CA ASP C 17 -12.10 35.03 -3.79
C ASP C 17 -11.69 34.34 -2.50
N ILE C 18 -11.23 35.07 -1.52
CA ILE C 18 -10.83 34.42 -0.29
C ILE C 18 -11.42 35.26 0.83
N THR C 19 -12.07 34.62 1.82
CA THR C 19 -12.63 35.29 2.99
C THR C 19 -11.86 34.80 4.19
N GLY C 20 -10.99 33.84 3.94
CA GLY C 20 -10.33 33.14 5.01
C GLY C 20 -10.07 31.68 4.67
N PHE C 21 -9.79 30.88 5.70
CA PHE C 21 -9.36 29.53 5.39
C PHE C 21 -10.11 28.52 6.18
N ALA C 22 -10.26 27.32 5.63
CA ALA C 22 -11.12 26.27 6.15
C ALA C 22 -10.23 25.05 6.29
N PRO C 23 -10.47 24.24 7.33
CA PRO C 23 -9.64 23.08 7.63
C PRO C 23 -9.61 22.07 6.49
N PHE C 24 -8.43 21.55 6.16
CA PHE C 24 -8.30 20.71 4.99
C PHE C 24 -7.76 19.33 5.33
N SER C 25 -6.74 19.29 6.19
CA SER C 25 -6.00 18.06 6.45
C SER C 25 -5.17 18.13 7.74
N LYS C 26 -4.95 17.00 8.36
CA LYS C 26 -4.17 16.99 9.62
C LYS C 26 -3.61 15.58 9.72
N ASP C 27 -2.32 15.38 9.90
CA ASP C 27 -1.86 14.00 9.87
C ASP C 27 -1.56 13.36 11.24
N ASN C 28 -1.54 14.15 12.31
CA ASN C 28 -1.47 13.53 13.66
C ASN C 28 -0.25 12.61 13.83
N SER C 29 0.77 12.93 13.08
CA SER C 29 1.91 12.05 12.97
C SER C 29 2.56 11.67 14.36
N ILE C 30 2.71 12.62 15.28
CA ILE C 30 3.43 12.34 16.58
C ILE C 30 2.57 11.53 17.50
N ARG C 31 1.26 11.72 17.39
CA ARG C 31 0.33 10.99 18.28
C ARG C 31 0.32 9.54 17.87
N LEU C 32 0.45 9.34 16.56
CA LEU C 32 0.45 7.98 16.08
C LEU C 32 1.76 7.29 16.45
N SER C 33 2.87 8.01 16.39
CA SER C 33 4.16 7.33 16.59
C SER C 33 4.41 6.89 18.05
N ALA C 34 3.43 7.12 18.93
CA ALA C 34 3.49 6.61 20.30
C ALA C 34 3.08 5.15 20.31
N GLY C 35 2.52 4.70 19.20
CA GLY C 35 2.07 3.34 19.05
C GLY C 35 1.97 3.05 17.57
N GLY C 36 3.08 3.25 16.88
CA GLY C 36 3.31 2.66 15.58
C GLY C 36 4.59 3.21 15.04
N ASP C 37 5.00 2.71 13.87
CA ASP C 37 6.26 3.15 13.25
C ASP C 37 6.13 4.29 12.29
N ILE C 38 6.47 5.46 12.78
CA ILE C 38 6.33 6.69 12.06
C ILE C 38 7.70 7.31 11.96
N TRP C 39 7.99 7.86 10.78
CA TRP C 39 9.21 8.64 10.56
C TRP C 39 9.38 9.88 11.40
N VAL C 40 10.63 10.15 11.74
CA VAL C 40 10.99 11.41 12.28
C VAL C 40 11.18 12.34 11.10
N THR C 41 10.68 13.56 11.22
CA THR C 41 10.71 14.47 10.08
C THR C 41 10.92 15.90 10.55
N ARG C 42 11.30 16.78 9.61
CA ARG C 42 11.08 18.21 9.72
C ARG C 42 10.93 18.83 8.30
N GLU C 43 10.66 20.12 8.24
CA GLU C 43 10.59 20.85 6.97
C GLU C 43 9.54 20.26 6.01
N PRO C 44 8.31 20.13 6.45
CA PRO C 44 7.29 19.57 5.55
C PRO C 44 6.75 20.56 4.59
N TYR C 45 6.07 20.06 3.56
CA TYR C 45 5.29 20.93 2.69
C TYR C 45 4.28 20.07 1.96
N VAL C 46 3.49 20.71 1.08
CA VAL C 46 2.43 20.09 0.36
C VAL C 46 2.52 20.60 -1.09
N SER C 47 2.35 19.71 -2.05
CA SER C 47 2.21 20.07 -3.44
C SER C 47 1.19 19.14 -4.06
N CYS C 48 0.53 19.55 -5.13
CA CYS C 48 -0.50 18.67 -5.67
C CYS C 48 -0.31 18.51 -7.14
N ASP C 49 -0.63 17.32 -7.62
CA ASP C 49 -0.66 17.05 -8.99
C ASP C 49 -2.06 17.53 -9.48
N PRO C 50 -2.38 17.47 -10.77
CA PRO C 50 -3.69 17.99 -11.24
C PRO C 50 -4.92 17.32 -10.61
N ASP C 51 -4.69 16.17 -9.97
CA ASP C 51 -5.76 15.35 -9.30
C ASP C 51 -5.80 15.40 -7.78
N LYS C 52 -4.64 15.41 -7.12
CA LYS C 52 -4.59 15.24 -5.64
C LYS C 52 -3.32 15.77 -5.00
N CYS C 53 -3.32 15.92 -3.68
CA CYS C 53 -2.23 16.52 -3.01
C CYS C 53 -1.33 15.47 -2.36
N TYR C 54 -0.09 15.86 -2.13
CA TYR C 54 0.89 15.04 -1.48
C TYR C 54 1.51 15.84 -0.35
N GLN C 55 1.95 15.13 0.65
CA GLN C 55 2.72 15.77 1.72
C GLN C 55 4.15 15.29 1.70
N PHE C 56 5.05 16.24 1.91
CA PHE C 56 6.46 15.97 1.84
C PHE C 56 7.10 16.32 3.18
N ALA C 57 8.22 15.69 3.47
CA ALA C 57 9.03 16.13 4.56
C ALA C 57 10.39 15.50 4.40
N LEU C 58 11.33 16.03 5.19
CA LEU C 58 12.68 15.63 5.17
C LEU C 58 12.80 14.65 6.30
N GLY C 59 12.96 13.39 5.96
CA GLY C 59 13.11 12.33 6.95
C GLY C 59 14.41 12.48 7.69
N GLN C 60 14.55 11.76 8.77
CA GLN C 60 15.79 11.73 9.50
C GLN C 60 16.40 10.32 9.47
N GLY C 61 15.99 9.53 8.46
CA GLY C 61 16.51 8.18 8.32
C GLY C 61 16.19 7.25 9.47
N THR C 62 15.11 7.53 10.19
CA THR C 62 14.75 6.77 11.37
C THR C 62 13.30 7.03 11.58
N THR C 63 12.71 6.16 12.39
CA THR C 63 11.36 6.29 12.91
C THR C 63 11.51 6.83 14.34
N LEU C 64 10.42 7.30 14.90
CA LEU C 64 10.43 7.94 16.21
C LEU C 64 10.77 6.93 17.33
N ASN C 65 10.03 5.84 17.41
CA ASN C 65 10.31 4.92 18.48
C ASN C 65 11.46 3.98 18.14
N ASN C 66 12.69 4.49 18.28
CA ASN C 66 13.89 3.94 17.61
C ASN C 66 15.12 4.60 18.20
N VAL C 67 16.16 3.81 18.53
CA VAL C 67 17.39 4.40 19.08
C VAL C 67 18.01 5.47 18.17
N HIS C 68 17.83 5.34 16.85
CA HIS C 68 18.39 6.31 15.93
C HIS C 68 17.76 7.68 15.94
N SER C 69 16.70 7.91 16.70
CA SER C 69 16.04 9.25 16.73
C SER C 69 16.61 10.29 17.74
N ASN C 70 17.33 9.79 18.77
CA ASN C 70 18.23 10.61 19.58
C ASN C 70 19.02 11.57 18.70
N ASN C 71 18.91 12.87 18.96
CA ASN C 71 19.72 13.86 18.28
C ASN C 71 19.22 14.35 16.95
N THR C 72 17.96 14.06 16.65
CA THR C 72 17.40 14.53 15.38
C THR C 72 17.13 16.05 15.26
N VAL C 73 17.65 16.82 16.20
CA VAL C 73 17.60 18.26 16.11
C VAL C 73 18.47 18.74 14.94
N ARG C 74 19.42 17.92 14.52
CA ARG C 74 20.46 18.26 13.56
C ARG C 74 19.85 18.15 12.18
N GLY C 75 19.88 19.22 11.43
CA GLY C 75 19.10 19.31 10.25
C GLY C 75 19.76 18.82 8.99
N ARG C 76 21.07 18.55 9.04
CA ARG C 76 21.83 18.09 7.88
C ARG C 76 22.67 16.85 8.20
N THR C 77 22.20 15.69 7.70
CA THR C 77 22.91 14.41 7.88
C THR C 77 22.80 13.73 6.52
N PRO C 78 23.64 12.69 6.27
CA PRO C 78 23.54 12.00 5.02
C PRO C 78 22.36 10.98 4.96
N TYR C 79 21.61 10.87 6.03
CA TYR C 79 20.54 9.92 6.14
C TYR C 79 19.20 10.61 5.86
N ARG C 80 19.23 11.90 5.56
CA ARG C 80 17.98 12.59 5.32
C ARG C 80 17.47 12.36 3.96
N THR C 81 16.21 12.04 3.87
CA THR C 81 15.68 11.89 2.53
C THR C 81 14.34 12.55 2.48
N LEU C 82 13.94 12.98 1.29
CA LEU C 82 12.66 13.52 1.06
C LEU C 82 11.56 12.45 1.06
N LEU C 83 10.57 12.58 1.96
CA LEU C 83 9.41 11.65 1.97
C LEU C 83 8.23 12.19 1.10
N MET C 84 7.45 11.30 0.50
CA MET C 84 6.28 11.73 -0.27
C MET C 84 5.18 10.70 -0.04
N ASN C 85 4.06 11.11 0.56
CA ASN C 85 2.81 10.32 0.54
C ASN C 85 1.70 11.18 -0.06
N GLU C 86 0.54 10.57 -0.37
CA GLU C 86 -0.69 11.37 -0.53
C GLU C 86 -1.02 12.10 0.79
N LEU C 87 -1.58 13.30 0.66
CA LEU C 87 -1.88 14.10 1.80
C LEU C 87 -2.85 13.32 2.71
N GLY C 88 -2.47 13.24 3.98
CA GLY C 88 -3.27 12.55 4.95
C GLY C 88 -2.83 11.16 5.26
N VAL C 89 -1.87 10.67 4.47
CA VAL C 89 -1.31 9.38 4.75
C VAL C 89 -0.09 9.74 5.55
N PRO C 90 -0.08 9.41 6.85
CA PRO C 90 1.13 9.72 7.58
C PRO C 90 2.31 8.92 7.12
N PHE C 91 3.49 9.43 7.47
CA PHE C 91 4.77 8.85 7.10
C PHE C 91 5.15 7.53 7.82
N HIS C 92 4.41 6.46 7.51
CA HIS C 92 4.67 5.08 7.99
C HIS C 92 5.75 4.41 7.16
N LEU C 93 6.00 3.13 7.41
CA LEU C 93 7.18 2.48 6.90
C LEU C 93 7.18 2.18 5.43
N GLY C 94 6.02 2.23 4.78
CA GLY C 94 6.04 2.05 3.33
C GLY C 94 5.97 3.37 2.59
N THR C 95 6.47 4.41 3.23
CA THR C 95 6.51 5.71 2.62
C THR C 95 7.68 5.71 1.70
N LYS C 96 7.47 6.24 0.50
CA LYS C 96 8.53 6.39 -0.48
C LYS C 96 9.49 7.54 -0.27
N GLN C 97 10.80 7.22 -0.17
CA GLN C 97 11.82 8.23 -0.16
C GLN C 97 12.16 8.52 -1.62
N VAL C 98 12.03 9.75 -2.05
CA VAL C 98 12.14 9.97 -3.48
C VAL C 98 13.51 10.49 -3.82
N CYS C 99 14.30 10.91 -2.83
CA CYS C 99 15.68 11.37 -3.08
C CYS C 99 16.40 11.56 -1.79
N ILE C 100 17.72 11.77 -1.90
CA ILE C 100 18.56 12.06 -0.73
C ILE C 100 18.50 13.58 -0.57
N ALA C 101 17.99 14.06 0.56
CA ALA C 101 17.81 15.50 0.69
C ALA C 101 17.82 15.93 2.14
N TRP C 102 18.67 16.92 2.50
CA TRP C 102 18.48 17.72 3.73
C TRP C 102 17.94 19.09 3.44
N SER C 103 17.61 19.36 2.16
CA SER C 103 16.88 20.57 1.76
C SER C 103 16.20 20.27 0.44
N SER C 104 14.97 20.73 0.19
CA SER C 104 14.31 20.31 -1.06
C SER C 104 13.20 21.21 -1.51
N SER C 105 12.71 20.94 -2.72
CA SER C 105 11.51 21.59 -3.26
C SER C 105 10.94 20.62 -4.30
N SER C 106 9.61 20.53 -4.45
CA SER C 106 9.04 19.64 -5.47
C SER C 106 7.93 20.34 -6.16
N CYS C 107 7.66 19.97 -7.42
CA CYS C 107 6.43 20.45 -8.02
C CYS C 107 6.07 19.57 -9.21
N HIS C 108 4.84 19.75 -9.66
CA HIS C 108 4.32 18.96 -10.72
C HIS C 108 3.97 19.94 -11.78
N ASP C 109 4.33 19.65 -13.02
CA ASP C 109 4.25 20.64 -14.08
C ASP C 109 3.05 20.39 -14.98
N GLY C 110 2.31 19.33 -14.64
CA GLY C 110 1.14 18.98 -15.40
C GLY C 110 1.27 17.57 -15.90
N LYS C 111 2.50 17.20 -16.22
CA LYS C 111 2.83 15.86 -16.72
C LYS C 111 3.69 15.08 -15.73
N ALA C 112 4.58 15.72 -15.05
CA ALA C 112 5.35 14.89 -14.14
C ALA C 112 5.86 15.67 -12.92
N TRP C 113 6.33 14.93 -11.94
CA TRP C 113 6.97 15.57 -10.78
C TRP C 113 8.31 16.06 -11.14
N LEU C 114 8.62 17.32 -10.76
CA LEU C 114 10.00 17.69 -10.52
C LEU C 114 10.32 17.60 -9.00
N HIS C 115 11.47 17.07 -8.62
CA HIS C 115 12.03 17.16 -7.23
C HIS C 115 13.43 17.75 -7.24
N VAL C 116 13.69 18.74 -6.37
CA VAL C 116 15.01 19.39 -6.26
C VAL C 116 15.56 19.05 -4.89
N CYS C 117 16.71 18.38 -4.88
CA CYS C 117 17.16 17.70 -3.67
C CYS C 117 18.62 17.99 -3.45
N ILE C 118 18.91 18.54 -2.31
CA ILE C 118 20.25 18.92 -2.01
C ILE C 118 20.72 18.04 -0.89
N THR C 119 21.92 17.48 -1.02
CA THR C 119 22.57 16.76 0.11
C THR C 119 24.09 16.93 -0.07
N GLY C 120 24.88 16.36 0.83
CA GLY C 120 26.36 16.43 0.73
C GLY C 120 27.00 17.22 1.88
N ASP C 121 28.27 17.60 1.74
CA ASP C 121 28.95 18.37 2.82
C ASP C 121 28.42 19.78 2.81
N ASP C 122 28.39 20.39 4.00
CA ASP C 122 27.99 21.83 4.18
C ASP C 122 28.74 22.72 3.16
N LYS C 123 30.05 22.56 3.18
CA LYS C 123 30.94 23.30 2.29
C LYS C 123 30.92 22.95 0.81
N ASN C 124 30.21 21.90 0.38
CA ASN C 124 30.26 21.44 -1.03
C ASN C 124 29.09 20.54 -1.41
N ALA C 125 27.90 20.98 -1.06
CA ALA C 125 26.68 20.20 -1.29
C ALA C 125 26.33 20.12 -2.78
N THR C 126 25.48 19.15 -3.12
CA THR C 126 25.00 18.92 -4.50
C THR C 126 23.46 19.06 -4.59
N ALA C 127 22.96 19.78 -5.57
CA ALA C 127 21.55 19.71 -5.84
C ALA C 127 21.33 18.73 -7.00
N SER C 128 20.43 17.75 -6.82
CA SER C 128 20.03 16.81 -7.88
C SER C 128 18.65 17.20 -8.34
N PHE C 129 18.40 17.13 -9.65
CA PHE C 129 17.13 17.50 -10.26
C PHE C 129 16.50 16.28 -10.88
N ILE C 130 15.36 15.85 -10.30
CA ILE C 130 14.75 14.55 -10.67
C ILE C 130 13.41 14.86 -11.27
N TYR C 131 13.22 14.47 -12.52
CA TYR C 131 11.97 14.73 -13.16
C TYR C 131 11.47 13.42 -13.66
N ASN C 132 10.14 13.25 -13.76
CA ASN C 132 9.53 12.00 -14.30
C ASN C 132 10.28 10.75 -13.97
N GLY C 133 10.68 10.63 -12.73
CA GLY C 133 11.27 9.42 -12.23
C GLY C 133 12.76 9.19 -12.40
N ARG C 134 13.49 10.18 -12.90
CA ARG C 134 14.89 9.99 -13.27
C ARG C 134 15.70 11.26 -13.02
N LEU C 135 16.97 11.11 -12.72
CA LEU C 135 17.85 12.24 -12.54
C LEU C 135 18.21 12.88 -13.91
N VAL C 136 18.02 14.19 -14.06
CA VAL C 136 18.17 14.82 -15.38
C VAL C 136 19.30 15.84 -15.37
N ASP C 137 19.58 16.39 -14.19
CA ASP C 137 20.59 17.40 -14.04
C ASP C 137 21.10 17.49 -12.58
N SER C 138 22.15 18.27 -12.34
CA SER C 138 22.61 18.57 -10.99
C SER C 138 23.50 19.83 -10.99
N VAL C 139 23.59 20.57 -9.86
CA VAL C 139 24.56 21.69 -9.71
C VAL C 139 25.32 21.56 -8.40
N VAL C 140 26.61 21.96 -8.37
CA VAL C 140 27.32 22.10 -7.12
C VAL C 140 26.92 23.37 -6.47
N SER C 141 27.14 23.39 -5.17
CA SER C 141 27.21 24.59 -4.40
C SER C 141 28.09 25.63 -5.05
N TRP C 142 27.55 26.83 -5.23
CA TRP C 142 28.34 27.95 -5.82
C TRP C 142 29.16 28.81 -4.89
N SER C 143 28.91 28.77 -3.57
CA SER C 143 29.54 29.72 -2.68
C SER C 143 30.06 28.97 -1.48
N LYS C 144 29.80 27.66 -1.47
CA LYS C 144 30.43 26.66 -0.60
C LYS C 144 30.01 26.82 0.83
N GLU C 145 28.76 27.26 1.01
CA GLU C 145 28.23 27.49 2.32
C GLU C 145 26.75 27.16 2.43
N ILE C 146 26.44 25.86 2.49
CA ILE C 146 25.11 25.33 2.74
C ILE C 146 24.14 25.71 1.62
N LEU C 147 24.37 25.14 0.46
CA LEU C 147 23.44 25.31 -0.61
C LEU C 147 22.07 24.79 -0.15
N ARG C 148 21.02 25.57 -0.38
CA ARG C 148 19.71 25.31 0.17
C ARG C 148 18.61 25.88 -0.74
N THR C 149 17.38 25.38 -0.58
CA THR C 149 16.30 25.79 -1.40
C THR C 149 14.94 25.97 -0.62
N GLN C 150 13.84 26.08 -1.37
CA GLN C 150 12.60 26.56 -0.80
C GLN C 150 12.04 25.79 0.43
N GLU C 151 12.17 24.46 0.48
CA GLU C 151 11.36 23.68 1.39
C GLU C 151 9.85 23.84 1.14
N SER C 152 9.45 24.06 -0.12
CA SER C 152 8.02 24.09 -0.45
C SER C 152 7.80 24.01 -1.97
N GLU C 153 6.58 24.08 -2.42
CA GLU C 153 6.39 23.75 -3.78
C GLU C 153 7.09 24.73 -4.75
N CYS C 154 7.77 24.23 -5.75
CA CYS C 154 8.21 25.09 -6.80
C CYS C 154 7.00 25.37 -7.73
N VAL C 155 7.18 26.14 -8.78
CA VAL C 155 6.03 26.50 -9.59
C VAL C 155 6.32 26.32 -11.09
N CYS C 156 5.41 25.73 -11.81
CA CYS C 156 5.69 25.48 -13.22
C CYS C 156 4.64 26.14 -13.98
N ILE C 157 5.05 26.82 -15.04
CA ILE C 157 4.12 27.39 -16.02
C ILE C 157 4.62 26.95 -17.38
N ASN C 158 3.66 26.64 -18.25
CA ASN C 158 3.88 26.07 -19.57
C ASN C 158 5.12 25.19 -19.66
N GLY C 159 5.39 24.41 -18.61
CA GLY C 159 6.48 23.42 -18.67
C GLY C 159 7.81 23.98 -18.22
N THR C 160 7.84 25.24 -17.83
CA THR C 160 9.01 25.79 -17.15
C THR C 160 8.85 25.90 -15.63
N CYS C 161 9.67 25.17 -14.89
CA CYS C 161 9.53 25.26 -13.44
C CYS C 161 10.54 26.20 -12.97
N THR C 162 10.29 26.81 -11.80
CA THR C 162 11.22 27.71 -11.23
C THR C 162 11.42 27.45 -9.74
N VAL C 163 12.66 27.50 -9.26
CA VAL C 163 12.96 27.24 -7.84
C VAL C 163 14.01 28.27 -7.43
N VAL C 164 13.88 28.76 -6.24
CA VAL C 164 14.81 29.70 -5.69
C VAL C 164 15.77 28.90 -4.82
N MET C 165 17.07 29.04 -5.06
CA MET C 165 18.10 28.48 -4.18
C MET C 165 19.09 29.52 -3.66
N THR C 166 19.74 29.21 -2.54
CA THR C 166 20.68 30.11 -1.90
C THR C 166 21.89 29.37 -1.35
N ASP C 167 23.02 30.07 -1.37
CA ASP C 167 24.30 29.56 -0.94
C ASP C 167 25.00 30.77 -0.33
N GLY C 168 25.53 30.58 0.86
CA GLY C 168 26.12 31.73 1.52
C GLY C 168 25.71 31.90 2.97
N SER C 169 26.03 33.06 3.52
CA SER C 169 25.83 33.26 4.97
C SER C 169 24.33 33.33 5.32
N ALA C 170 24.02 32.79 6.50
CA ALA C 170 22.68 32.90 7.03
C ALA C 170 22.47 34.30 7.66
N SER C 171 23.58 34.99 7.94
CA SER C 171 23.56 36.20 8.77
C SER C 171 24.29 37.41 8.18
N GLY C 172 24.37 37.46 6.84
CA GLY C 172 24.96 38.55 6.10
C GLY C 172 24.71 38.22 4.64
N LYS C 173 25.23 39.05 3.72
CA LYS C 173 24.97 38.93 2.25
C LYS C 173 25.20 37.52 1.73
N ALA C 174 24.27 36.96 0.97
CA ALA C 174 24.45 35.61 0.45
C ALA C 174 24.16 35.56 -1.01
N ASP C 175 24.36 34.41 -1.63
CA ASP C 175 24.20 34.31 -3.05
C ASP C 175 22.95 33.49 -3.37
N THR C 176 21.92 34.20 -3.82
CA THR C 176 20.62 33.67 -4.08
C THR C 176 20.41 33.68 -5.58
N LYS C 177 20.05 32.52 -6.13
CA LYS C 177 19.83 32.36 -7.57
C LYS C 177 18.48 31.75 -7.73
N ILE C 178 17.95 31.87 -8.95
CA ILE C 178 16.66 31.41 -9.33
C ILE C 178 16.86 30.58 -10.59
N LEU C 179 16.56 29.28 -10.49
CA LEU C 179 16.81 28.41 -11.60
C LEU C 179 15.51 28.19 -12.36
N PHE C 180 15.65 27.98 -13.64
CA PHE C 180 14.54 27.62 -14.50
C PHE C 180 14.83 26.22 -15.06
N ILE C 181 13.81 25.35 -15.02
CA ILE C 181 14.01 23.91 -15.17
C ILE C 181 12.94 23.39 -16.10
N GLU C 182 13.34 22.91 -17.28
CA GLU C 182 12.36 22.35 -18.23
C GLU C 182 12.59 20.85 -18.30
N GLU C 183 11.64 20.09 -17.77
CA GLU C 183 11.77 18.64 -17.75
C GLU C 183 13.01 18.10 -17.03
N GLY C 184 13.34 18.72 -15.90
CA GLY C 184 14.45 18.28 -15.15
C GLY C 184 15.74 18.95 -15.53
N LYS C 185 15.73 19.66 -16.66
CA LYS C 185 16.94 20.31 -17.15
C LYS C 185 17.01 21.79 -16.78
N ILE C 186 18.10 22.15 -16.12
CA ILE C 186 18.35 23.56 -15.78
C ILE C 186 18.62 24.34 -17.07
N VAL C 187 17.61 25.03 -17.64
CA VAL C 187 17.78 25.76 -18.92
C VAL C 187 18.28 27.22 -18.80
N HIS C 188 18.33 27.73 -17.56
CA HIS C 188 18.76 29.09 -17.24
C HIS C 188 18.93 29.30 -15.76
N THR C 189 19.74 30.28 -15.40
CA THR C 189 19.97 30.61 -14.02
C THR C 189 20.06 32.12 -13.91
N SER C 190 19.00 32.78 -13.43
CA SER C 190 19.07 34.21 -13.13
C SER C 190 19.62 34.41 -11.68
N THR C 191 20.36 35.50 -11.48
CA THR C 191 20.79 35.86 -10.16
C THR C 191 19.75 36.80 -9.54
N LEU C 192 19.65 36.75 -8.21
CA LEU C 192 18.76 37.59 -7.44
C LEU C 192 19.08 39.05 -7.69
N SER C 193 18.04 39.87 -7.88
CA SER C 193 18.17 41.29 -8.18
C SER C 193 17.08 42.10 -7.46
N GLY C 194 17.33 43.40 -7.22
CA GLY C 194 16.32 44.23 -6.56
C GLY C 194 16.67 44.50 -5.09
N SER C 195 15.63 44.75 -4.30
CA SER C 195 15.73 45.44 -3.05
C SER C 195 15.96 44.41 -1.94
N ALA C 196 15.50 43.18 -2.20
CA ALA C 196 15.54 42.11 -1.22
C ALA C 196 17.00 41.82 -0.79
N GLN C 197 17.33 41.99 0.48
CA GLN C 197 18.76 41.85 0.91
C GLN C 197 19.21 40.50 1.52
N HIS C 198 18.24 39.63 1.87
CA HIS C 198 18.55 38.30 2.35
C HIS C 198 17.35 37.43 2.27
N VAL C 199 17.56 36.26 1.68
CA VAL C 199 16.47 35.50 1.13
C VAL C 199 16.64 34.00 1.38
N GLU C 200 15.68 33.45 2.09
CA GLU C 200 15.68 32.07 2.43
C GLU C 200 14.28 31.50 2.34
N GLU C 201 14.16 30.24 1.90
CA GLU C 201 12.92 29.44 2.06
C GLU C 201 11.70 30.09 1.40
N CYS C 202 11.85 30.49 0.14
CA CYS C 202 10.74 31.17 -0.52
C CYS C 202 9.53 30.29 -0.61
N SER C 203 8.40 30.84 -0.22
CA SER C 203 7.14 30.22 -0.45
C SER C 203 6.58 30.88 -1.67
N CYS C 204 6.50 30.14 -2.76
CA CYS C 204 6.20 30.73 -4.02
C CYS C 204 4.84 30.31 -4.43
N TYR C 205 4.24 31.02 -5.42
CA TYR C 205 3.00 30.66 -5.97
C TYR C 205 2.81 31.19 -7.40
N PRO C 206 1.96 30.51 -8.17
CA PRO C 206 1.81 31.07 -9.54
C PRO C 206 0.95 32.31 -9.56
N ARG C 207 1.35 33.29 -10.34
CA ARG C 207 0.57 34.50 -10.52
C ARG C 207 0.67 34.90 -11.98
N TYR C 208 -0.12 34.25 -12.81
CA TYR C 208 0.06 34.29 -14.23
C TYR C 208 0.24 35.75 -14.64
N PRO C 209 1.16 36.06 -15.59
CA PRO C 209 2.06 35.14 -16.31
C PRO C 209 3.36 34.77 -15.58
N GLY C 210 3.53 35.21 -14.35
CA GLY C 210 4.78 34.92 -13.63
C GLY C 210 4.55 34.19 -12.34
N VAL C 211 5.57 34.21 -11.48
CA VAL C 211 5.56 33.48 -10.25
C VAL C 211 5.91 34.48 -9.15
N ARG C 212 5.38 34.34 -7.94
CA ARG C 212 5.73 35.24 -6.83
C ARG C 212 6.12 34.47 -5.62
N CYS C 213 7.04 35.01 -4.82
CA CYS C 213 7.49 34.29 -3.66
C CYS C 213 7.50 35.19 -2.46
N VAL C 214 7.10 34.70 -1.32
CA VAL C 214 7.32 35.48 -0.07
C VAL C 214 8.34 34.71 0.74
N CYS C 215 9.40 35.36 1.22
CA CYS C 215 10.52 34.59 1.72
C CYS C 215 10.82 34.86 3.19
N ARG C 216 11.97 34.37 3.67
CA ARG C 216 12.47 34.66 5.01
C ARG C 216 13.82 35.43 4.85
N ASP C 217 13.89 36.62 5.45
CA ASP C 217 15.14 37.33 5.64
C ASP C 217 15.69 36.91 7.03
N ASN C 218 16.84 36.24 7.04
CA ASN C 218 17.44 35.79 8.28
C ASN C 218 18.46 36.75 8.88
N TRP C 219 18.63 37.91 8.26
CA TRP C 219 19.73 38.80 8.63
C TRP C 219 19.31 40.07 9.33
N LYS C 220 18.72 41.03 8.61
CA LYS C 220 18.24 42.19 9.35
C LYS C 220 16.75 42.49 9.13
N GLY C 221 15.99 41.57 8.54
CA GLY C 221 14.54 41.79 8.35
C GLY C 221 13.56 40.92 9.15
N SER C 222 12.58 41.59 9.75
CA SER C 222 11.41 40.94 10.29
C SER C 222 10.22 41.17 9.37
N ASN C 223 10.25 42.15 8.49
CA ASN C 223 9.40 42.05 7.26
C ASN C 223 9.93 40.94 6.31
N ARG C 224 9.04 40.34 5.54
CA ARG C 224 9.40 39.19 4.71
C ARG C 224 9.71 39.72 3.31
N PRO C 225 10.74 39.20 2.65
CA PRO C 225 11.02 39.59 1.24
C PRO C 225 10.02 39.05 0.24
N ILE C 226 9.77 39.78 -0.84
CA ILE C 226 9.02 39.30 -1.97
C ILE C 226 10.00 39.15 -3.13
N VAL C 227 9.85 38.13 -4.00
CA VAL C 227 10.69 37.97 -5.16
C VAL C 227 9.75 37.74 -6.35
N ASP C 228 9.82 38.58 -7.38
CA ASP C 228 8.98 38.35 -8.58
C ASP C 228 9.78 37.66 -9.63
N ILE C 229 9.26 36.55 -10.15
CA ILE C 229 10.01 35.82 -11.15
C ILE C 229 9.25 35.83 -12.46
N ASN C 230 9.89 36.33 -13.48
CA ASN C 230 9.28 36.39 -14.80
C ASN C 230 9.81 35.24 -15.64
N ILE C 231 8.89 34.49 -16.20
CA ILE C 231 9.23 33.14 -16.62
C ILE C 231 9.71 33.11 -18.07
N LYS C 232 9.28 34.10 -18.85
CA LYS C 232 9.61 34.14 -20.26
C LYS C 232 10.96 34.84 -20.56
N ASP C 233 11.15 36.06 -20.05
CA ASP C 233 12.44 36.76 -20.07
C ASP C 233 13.43 36.48 -18.87
N HIS C 234 13.02 35.73 -17.85
CA HIS C 234 13.92 35.35 -16.70
C HIS C 234 14.33 36.46 -15.78
N SER C 235 13.61 37.57 -15.84
CA SER C 235 13.99 38.72 -15.07
C SER C 235 13.58 38.59 -13.61
N ILE C 236 14.27 39.27 -12.72
CA ILE C 236 14.01 39.14 -11.27
C ILE C 236 13.91 40.52 -10.56
N VAL C 237 12.75 40.84 -10.00
CA VAL C 237 12.63 42.02 -9.15
C VAL C 237 12.43 41.53 -7.72
N SER C 238 12.74 42.34 -6.74
CA SER C 238 12.46 41.93 -5.37
C SER C 238 12.24 43.15 -4.52
N SER C 239 11.65 42.92 -3.35
CA SER C 239 11.29 43.95 -2.40
C SER C 239 10.88 43.29 -1.06
N TYR C 240 10.16 44.01 -0.21
CA TYR C 240 9.59 43.40 0.99
C TYR C 240 8.07 43.62 0.96
N VAL C 241 7.39 42.83 1.79
CA VAL C 241 5.95 42.94 2.02
C VAL C 241 5.71 44.22 2.81
N CYS C 242 5.09 45.22 2.17
CA CYS C 242 4.78 46.50 2.84
C CYS C 242 4.26 46.35 4.29
N SER C 243 3.21 45.54 4.49
CA SER C 243 2.47 45.44 5.75
C SER C 243 3.17 45.76 7.10
N GLY C 244 2.59 46.69 7.85
CA GLY C 244 3.07 47.10 9.14
C GLY C 244 2.99 45.99 10.17
N LEU C 245 2.07 45.05 9.92
CA LEU C 245 2.03 43.77 10.63
C LEU C 245 2.91 42.76 9.88
N VAL C 246 3.93 42.26 10.58
CA VAL C 246 4.97 41.49 9.91
C VAL C 246 5.01 39.97 10.17
N GLY C 247 5.38 39.21 9.12
CA GLY C 247 5.27 37.75 9.11
C GLY C 247 6.33 36.93 9.81
N ASP C 248 7.48 37.52 10.06
CA ASP C 248 8.64 36.75 10.50
C ASP C 248 8.61 36.56 12.02
N THR C 249 9.43 35.66 12.55
CA THR C 249 9.62 35.42 14.01
C THR C 249 11.11 35.12 14.11
N PRO C 250 11.85 35.87 14.99
CA PRO C 250 11.43 37.02 15.80
C PRO C 250 10.86 38.19 15.01
N ARG C 251 10.09 39.01 15.70
CA ARG C 251 9.72 40.34 15.26
C ARG C 251 9.44 41.16 16.53
N LYS C 252 9.19 42.46 16.38
CA LYS C 252 8.70 43.25 17.49
C LYS C 252 7.17 43.13 17.49
N ASN C 253 6.55 43.36 18.67
CA ASN C 253 5.10 43.35 18.84
C ASN C 253 4.30 44.28 17.88
N ASP C 254 2.98 44.12 17.86
CA ASP C 254 2.10 44.86 16.98
C ASP C 254 2.19 46.42 17.13
N SER C 255 2.35 46.88 18.37
CA SER C 255 2.43 48.34 18.63
C SER C 255 3.77 48.93 18.16
N SER C 256 4.86 48.24 18.47
CA SER C 256 6.23 48.71 18.23
C SER C 256 6.73 48.45 16.81
N SER C 257 6.30 47.35 16.18
CA SER C 257 6.84 46.94 14.86
C SER C 257 6.65 47.99 13.80
N SER C 258 7.45 47.93 12.74
CA SER C 258 7.26 48.74 11.52
C SER C 258 7.87 47.98 10.33
N SER C 259 7.71 48.53 9.11
CA SER C 259 8.06 47.85 7.87
C SER C 259 8.42 48.87 6.77
N HIS C 260 8.69 48.40 5.56
CA HIS C 260 9.19 49.22 4.45
C HIS C 260 8.98 48.44 3.19
N CYS C 261 8.44 49.04 2.13
CA CYS C 261 8.18 48.34 0.89
C CYS C 261 9.42 47.95 0.11
N LEU C 262 10.60 48.28 0.64
CA LEU C 262 11.83 48.19 -0.16
C LEU C 262 13.03 47.67 0.57
N ASP C 263 13.09 47.86 1.89
CA ASP C 263 14.33 47.51 2.61
C ASP C 263 13.99 46.71 3.86
N PRO C 264 14.96 45.91 4.35
CA PRO C 264 14.69 45.19 5.61
C PRO C 264 14.32 46.25 6.61
N ASN C 265 13.29 46.00 7.40
CA ASN C 265 12.92 46.98 8.41
C ASN C 265 13.94 47.12 9.58
N ASN C 266 14.85 46.17 9.75
CA ASN C 266 15.81 46.23 10.89
C ASN C 266 15.39 46.00 12.34
N GLU C 267 14.35 45.22 12.59
CA GLU C 267 13.86 45.05 13.97
C GLU C 267 13.82 43.59 14.38
N GLU C 268 14.59 43.25 15.41
CA GLU C 268 14.83 41.86 15.80
C GLU C 268 15.03 40.94 14.54
N GLY C 269 15.63 41.52 13.50
CA GLY C 269 15.70 40.96 12.14
C GLY C 269 16.43 39.62 12.06
N GLY C 270 17.40 39.42 12.95
CA GLY C 270 18.27 38.27 12.86
C GLY C 270 17.41 37.05 13.03
N HIS C 271 17.84 35.93 12.45
CA HIS C 271 17.07 34.70 12.53
C HIS C 271 15.70 34.92 11.89
N GLY C 272 14.82 33.93 12.07
CA GLY C 272 13.61 33.91 11.24
C GLY C 272 12.93 32.56 11.30
N VAL C 273 11.90 32.45 10.47
CA VAL C 273 11.11 31.25 10.24
C VAL C 273 10.45 31.33 8.86
N LYS C 274 10.27 30.16 8.22
CA LYS C 274 9.72 30.08 6.86
C LYS C 274 8.25 30.39 7.04
N GLY C 275 7.69 31.19 6.16
CA GLY C 275 6.30 31.55 6.21
C GLY C 275 5.83 31.99 4.83
N TRP C 276 4.63 32.53 4.75
CA TRP C 276 4.05 32.91 3.44
C TRP C 276 3.20 34.14 3.53
N ALA C 277 2.83 34.72 2.37
CA ALA C 277 1.82 35.72 2.27
C ALA C 277 1.45 35.76 0.80
N PHE C 278 0.34 36.42 0.47
CA PHE C 278 -0.07 36.59 -0.94
C PHE C 278 -0.96 37.82 -1.12
N ASP C 279 -0.80 38.49 -2.25
CA ASP C 279 -1.51 39.72 -2.48
C ASP C 279 -2.95 39.37 -2.84
N ASP C 280 -3.85 40.33 -2.59
CA ASP C 280 -5.25 40.27 -3.04
C ASP C 280 -5.67 41.75 -3.32
N GLY C 281 -5.46 42.21 -4.56
CA GLY C 281 -5.41 43.66 -4.86
C GLY C 281 -4.29 44.31 -4.07
N ASN C 282 -4.63 45.36 -3.30
CA ASN C 282 -3.60 46.02 -2.49
C ASN C 282 -3.57 45.45 -1.08
N ASP C 283 -4.44 44.47 -0.81
CA ASP C 283 -4.46 43.87 0.55
C ASP C 283 -3.54 42.66 0.63
N VAL C 284 -3.16 42.26 1.82
CA VAL C 284 -2.35 41.09 1.92
C VAL C 284 -2.86 40.02 2.90
N TRP C 285 -3.00 38.80 2.37
CA TRP C 285 -3.23 37.62 3.23
C TRP C 285 -1.95 37.02 3.75
N MET C 286 -1.88 36.74 5.03
CA MET C 286 -0.62 36.25 5.54
C MET C 286 -0.83 35.45 6.81
N GLY C 287 0.09 34.56 7.12
CA GLY C 287 0.06 33.91 8.39
C GLY C 287 1.34 34.21 9.11
N ARG C 288 1.40 33.89 10.39
CA ARG C 288 2.63 34.10 11.18
C ARG C 288 2.43 33.44 12.50
N THR C 289 3.52 33.17 13.25
CA THR C 289 3.35 32.57 14.57
C THR C 289 2.59 33.62 15.39
N ILE C 290 2.10 33.19 16.54
CA ILE C 290 1.40 34.07 17.46
C ILE C 290 2.40 34.72 18.46
N ASN C 291 3.35 33.96 19.04
CA ASN C 291 4.40 34.60 19.87
C ASN C 291 5.36 35.32 18.92
N GLU C 292 5.64 36.59 19.22
CA GLU C 292 6.62 37.39 18.46
C GLU C 292 8.05 36.89 18.56
N THR C 293 8.37 36.14 19.61
CA THR C 293 9.74 35.70 19.74
C THR C 293 9.95 34.23 19.44
N SER C 294 8.90 33.42 19.56
CA SER C 294 8.97 31.92 19.43
C SER C 294 8.06 31.28 18.35
N ARG C 295 8.29 29.99 18.07
CA ARG C 295 7.44 29.31 17.10
C ARG C 295 6.26 28.64 17.80
N LEU C 296 5.57 29.45 18.59
CA LEU C 296 4.39 29.10 19.35
C LEU C 296 3.19 29.79 18.67
N GLY C 297 2.15 28.99 18.42
CA GLY C 297 0.89 29.43 17.81
C GLY C 297 0.98 29.78 16.35
N TYR C 298 -0.16 29.98 15.69
CA TYR C 298 -0.13 30.35 14.30
C TYR C 298 -1.46 31.00 14.03
N GLU C 299 -1.42 32.07 13.26
CA GLU C 299 -2.62 32.81 12.94
C GLU C 299 -2.57 33.23 11.51
N THR C 300 -3.73 33.52 10.96
CA THR C 300 -3.78 34.19 9.68
C THR C 300 -4.71 35.38 9.75
N PHE C 301 -4.44 36.41 8.97
CA PHE C 301 -5.41 37.52 8.87
C PHE C 301 -5.19 38.23 7.56
N LYS C 302 -6.11 39.11 7.18
CA LYS C 302 -5.94 39.95 5.97
C LYS C 302 -5.53 41.35 6.44
N VAL C 303 -4.52 41.98 5.83
CA VAL C 303 -4.06 43.33 6.25
C VAL C 303 -4.51 44.29 5.17
N ILE C 304 -5.42 45.18 5.53
CA ILE C 304 -6.09 45.99 4.55
C ILE C 304 -5.03 46.99 4.11
N GLU C 305 -4.87 47.10 2.78
CA GLU C 305 -3.76 47.86 2.13
C GLU C 305 -2.37 47.39 2.53
N GLY C 306 -2.25 46.15 2.97
CA GLY C 306 -1.02 45.68 3.63
C GLY C 306 0.02 45.34 2.59
N TRP C 307 -0.43 45.25 1.34
CA TRP C 307 0.46 44.92 0.25
C TRP C 307 1.05 46.13 -0.46
N SER C 308 0.51 47.33 -0.23
CA SER C 308 1.12 48.53 -0.87
C SER C 308 1.29 49.75 0.06
N ASN C 309 1.01 49.57 1.34
CA ASN C 309 1.13 50.63 2.29
C ASN C 309 1.88 50.10 3.47
N PRO C 310 3.13 50.51 3.62
CA PRO C 310 3.96 49.99 4.69
C PRO C 310 3.61 50.61 6.02
N LYS C 311 2.51 51.38 6.03
CA LYS C 311 1.99 51.98 7.24
C LYS C 311 0.67 51.32 7.71
N SER C 312 0.04 50.54 6.85
CA SER C 312 -1.17 49.79 7.22
C SER C 312 -0.95 48.74 8.30
N LYS C 313 -1.56 48.94 9.46
CA LYS C 313 -1.60 47.95 10.54
C LYS C 313 -3.05 47.55 10.81
N LEU C 314 -3.89 47.68 9.79
CA LEU C 314 -5.31 47.38 9.90
C LEU C 314 -5.67 45.93 9.40
N GLN C 315 -5.73 44.99 10.35
CA GLN C 315 -6.08 43.60 10.06
C GLN C 315 -7.57 43.30 10.23
N ILE C 316 -7.98 42.13 9.75
CA ILE C 316 -9.35 41.69 9.82
C ILE C 316 -9.33 40.22 9.35
N ASN C 317 -10.39 39.49 9.68
CA ASN C 317 -10.57 38.12 9.26
C ASN C 317 -9.49 37.29 9.86
N ARG C 318 -9.14 37.60 11.11
CA ARG C 318 -8.19 36.77 11.81
C ARG C 318 -8.75 35.40 12.11
N GLN C 319 -7.91 34.36 11.89
CA GLN C 319 -8.22 33.02 12.36
C GLN C 319 -7.03 32.50 13.13
N VAL C 320 -7.26 31.95 14.30
CA VAL C 320 -6.24 31.16 14.95
C VAL C 320 -6.23 29.73 14.38
N ILE C 321 -5.09 29.31 13.84
CA ILE C 321 -4.93 27.96 13.34
C ILE C 321 -4.38 27.10 14.45
N VAL C 322 -3.38 27.63 15.15
CA VAL C 322 -2.85 26.95 16.34
C VAL C 322 -2.86 27.93 17.52
N ASP C 323 -3.50 27.54 18.63
CA ASP C 323 -3.51 28.38 19.83
C ASP C 323 -2.10 28.69 20.36
N ARG C 324 -2.00 29.80 21.09
CA ARG C 324 -0.73 30.43 21.42
C ARG C 324 0.08 29.63 22.41
N GLY C 325 -0.55 28.73 23.14
CA GLY C 325 0.23 27.92 24.10
C GLY C 325 0.71 26.64 23.42
N ASN C 326 0.50 26.53 22.10
CA ASN C 326 0.93 25.32 21.42
C ASN C 326 2.01 25.57 20.41
N ARG C 327 2.94 24.63 20.27
CA ARG C 327 4.03 24.81 19.32
C ARG C 327 3.61 24.80 17.85
N SER C 328 4.20 25.66 17.04
CA SER C 328 4.03 25.63 15.56
C SER C 328 5.37 25.40 14.85
N GLY C 329 5.69 26.22 13.87
CA GLY C 329 6.89 26.08 13.10
C GLY C 329 6.78 26.64 11.72
N TYR C 330 7.46 26.00 10.78
CA TYR C 330 7.48 26.44 9.42
C TYR C 330 6.07 26.53 8.83
N SER C 331 5.90 27.26 7.74
CA SER C 331 4.59 27.35 7.16
C SER C 331 4.78 27.69 5.69
N GLY C 332 3.85 27.36 4.82
CA GLY C 332 4.08 27.52 3.42
C GLY C 332 2.81 27.51 2.64
N ILE C 333 2.84 28.17 1.49
CA ILE C 333 1.74 28.19 0.58
C ILE C 333 1.83 27.03 -0.43
N PHE C 334 0.67 26.58 -0.89
CA PHE C 334 0.54 25.88 -2.16
C PHE C 334 -0.70 26.32 -2.90
N SER C 335 -0.75 26.11 -4.21
CA SER C 335 -1.87 26.55 -5.01
C SER C 335 -2.55 25.34 -5.62
N VAL C 336 -3.85 25.43 -5.88
CA VAL C 336 -4.66 24.31 -6.28
C VAL C 336 -5.64 24.82 -7.34
N GLU C 337 -5.61 24.25 -8.52
CA GLU C 337 -6.45 24.69 -9.60
C GLU C 337 -7.89 24.25 -9.43
N GLY C 338 -8.81 25.20 -9.34
CA GLY C 338 -10.22 24.89 -9.41
C GLY C 338 -10.77 25.02 -10.83
N LYS C 339 -12.09 24.96 -10.92
CA LYS C 339 -12.78 25.01 -12.22
C LYS C 339 -12.56 26.33 -12.95
N SER C 340 -12.52 27.44 -12.22
CA SER C 340 -12.52 28.80 -12.75
C SER C 340 -11.45 29.65 -12.13
N CYS C 341 -10.93 29.23 -10.97
CA CYS C 341 -9.92 30.01 -10.32
C CYS C 341 -8.77 29.23 -9.65
N ILE C 342 -7.70 29.92 -9.26
CA ILE C 342 -6.61 29.25 -8.57
C ILE C 342 -6.83 29.54 -7.11
N ASN C 343 -6.96 28.52 -6.30
CA ASN C 343 -7.09 28.79 -4.84
C ASN C 343 -5.75 28.72 -4.17
N ARG C 344 -5.61 29.30 -2.97
CA ARG C 344 -4.38 29.26 -2.24
C ARG C 344 -4.63 28.54 -0.92
N CYS C 345 -3.69 27.73 -0.51
CA CYS C 345 -3.78 26.95 0.77
C CYS C 345 -2.45 27.04 1.46
N PHE C 346 -2.34 26.54 2.71
CA PHE C 346 -1.08 26.58 3.44
C PHE C 346 -1.00 25.45 4.46
N TYR C 347 0.21 25.07 4.85
CA TYR C 347 0.37 23.99 5.84
C TYR C 347 1.13 24.64 6.97
N VAL C 348 1.14 24.02 8.17
CA VAL C 348 1.87 24.56 9.24
C VAL C 348 2.58 23.42 9.91
N GLU C 349 3.89 23.49 9.98
CA GLU C 349 4.65 22.42 10.59
C GLU C 349 4.49 22.51 12.14
N LEU C 350 4.13 21.43 12.79
CA LEU C 350 3.90 21.43 14.23
C LEU C 350 5.08 20.74 14.93
N ILE C 351 6.11 21.54 15.22
CA ILE C 351 7.40 21.02 15.73
C ILE C 351 7.32 20.59 17.20
N ARG C 352 7.68 19.34 17.51
CA ARG C 352 7.72 18.91 18.88
C ARG C 352 9.10 18.36 19.23
N GLY C 353 9.48 18.41 20.51
CA GLY C 353 10.75 17.83 21.02
C GLY C 353 11.88 18.86 21.14
N ARG C 354 13.12 18.40 21.09
CA ARG C 354 14.32 19.26 21.24
C ARG C 354 14.49 20.44 20.28
N LYS C 355 15.20 21.50 20.68
CA LYS C 355 15.71 21.66 22.08
C LYS C 355 14.67 22.22 23.06
N GLU C 356 13.60 22.81 22.54
CA GLU C 356 12.60 23.42 23.42
C GLU C 356 11.89 22.45 24.38
N GLU C 357 11.79 21.16 24.09
CA GLU C 357 11.07 20.24 24.99
C GLU C 357 11.98 19.09 25.33
N THR C 358 12.33 18.96 26.60
CA THR C 358 13.41 18.04 27.05
C THR C 358 12.93 16.71 27.59
N GLU C 359 11.61 16.52 27.68
CA GLU C 359 11.08 15.22 28.05
C GLU C 359 11.43 14.13 27.03
N VAL C 360 11.97 14.49 25.85
CA VAL C 360 12.29 13.47 24.84
C VAL C 360 13.61 13.83 24.22
N LEU C 361 14.18 12.89 23.46
CA LEU C 361 15.48 13.06 22.85
C LEU C 361 15.41 13.50 21.41
N TRP C 362 14.25 13.30 20.78
CA TRP C 362 14.09 13.55 19.34
C TRP C 362 13.56 14.90 18.99
N THR C 363 13.55 15.23 17.70
CA THR C 363 12.80 16.39 17.25
C THR C 363 12.01 15.92 16.09
N SER C 364 10.71 16.21 16.05
CA SER C 364 9.93 15.86 14.86
C SER C 364 8.78 16.84 14.67
N ASN C 365 7.96 16.66 13.64
CA ASN C 365 6.79 17.50 13.49
C ASN C 365 5.63 16.67 13.04
N SER C 366 4.44 17.28 13.08
CA SER C 366 3.26 16.79 12.38
C SER C 366 2.81 18.02 11.68
N ILE C 367 1.71 17.96 10.94
CA ILE C 367 1.28 19.09 10.11
C ILE C 367 -0.22 19.31 10.13
N VAL C 368 -0.62 20.54 9.93
CA VAL C 368 -2.01 20.84 9.75
C VAL C 368 -2.10 21.65 8.47
N VAL C 369 -3.19 21.58 7.72
CA VAL C 369 -3.21 22.18 6.35
C VAL C 369 -4.56 22.86 6.25
N PHE C 370 -4.58 24.10 5.73
CA PHE C 370 -5.82 24.82 5.49
C PHE C 370 -5.89 25.23 4.07
N CYS C 371 -7.09 25.54 3.61
CA CYS C 371 -7.28 25.99 2.27
C CYS C 371 -8.20 27.20 2.20
N GLY C 372 -7.84 28.14 1.32
CA GLY C 372 -8.63 29.32 1.01
C GLY C 372 -10.07 28.88 0.81
N THR C 373 -11.02 29.72 1.26
CA THR C 373 -12.45 29.47 1.08
C THR C 373 -13.09 30.77 0.69
N SER C 374 -14.07 30.71 -0.19
CA SER C 374 -14.92 31.86 -0.42
C SER C 374 -16.20 31.80 0.43
N GLY C 375 -16.46 30.69 1.09
CA GLY C 375 -17.64 30.60 1.92
C GLY C 375 -17.33 31.08 3.35
N THR C 376 -17.95 30.48 4.34
CA THR C 376 -17.82 31.03 5.72
C THR C 376 -17.17 30.01 6.63
N TYR C 377 -16.86 30.36 7.88
CA TYR C 377 -16.15 29.42 8.71
C TYR C 377 -16.15 29.83 10.23
N GLY C 378 -15.81 28.93 11.12
CA GLY C 378 -15.92 29.26 12.57
C GLY C 378 -14.55 29.39 13.13
N THR C 379 -14.33 28.84 14.31
CA THR C 379 -13.08 28.98 14.96
C THR C 379 -12.60 27.67 15.58
N GLY C 380 -11.33 27.62 15.92
CA GLY C 380 -10.82 26.41 16.50
C GLY C 380 -9.34 26.53 16.78
N SER C 381 -8.78 25.41 17.17
CA SER C 381 -7.37 25.24 17.30
C SER C 381 -7.08 23.79 16.92
N TRP C 382 -6.04 23.59 16.13
CA TRP C 382 -5.66 22.25 15.77
C TRP C 382 -4.18 22.03 16.00
N PRO C 383 -3.77 21.88 17.26
CA PRO C 383 -2.37 21.66 17.58
C PRO C 383 -1.91 20.22 17.31
N ASP C 384 -0.66 19.91 17.65
CA ASP C 384 -0.09 18.61 17.38
C ASP C 384 -0.82 17.55 18.22
N GLY C 385 -0.96 17.86 19.51
CA GLY C 385 -1.72 17.09 20.47
C GLY C 385 -1.04 15.87 21.04
N ALA C 386 0.25 15.68 20.82
CA ALA C 386 0.88 14.54 21.48
C ALA C 386 1.19 14.90 22.89
N ASP C 387 1.15 13.93 23.80
CA ASP C 387 1.65 14.13 25.14
C ASP C 387 3.06 13.66 25.26
N LEU C 388 4.02 14.58 25.24
CA LEU C 388 5.41 14.16 25.34
C LEU C 388 5.78 13.66 26.73
N ASN C 389 4.95 13.95 27.72
CA ASN C 389 5.21 13.44 29.07
C ASN C 389 5.09 11.94 29.08
N LEU C 390 4.29 11.43 28.16
CA LEU C 390 4.01 10.01 28.06
C LEU C 390 4.66 9.23 26.90
N MET C 391 5.33 9.89 25.96
CA MET C 391 5.84 9.16 24.76
C MET C 391 7.05 8.29 25.07
N PRO C 392 7.30 7.25 24.20
CA PRO C 392 8.46 6.36 24.17
C PRO C 392 9.67 6.79 24.99
N ILE C 393 9.77 6.19 26.19
CA ILE C 393 10.84 6.42 27.18
C ILE C 393 11.17 7.93 27.40
N ALA D 6 -16.89 9.00 -18.14
CA ALA D 6 -17.66 9.09 -16.84
C ALA D 6 -18.93 10.02 -16.88
N GLU D 7 -20.09 9.40 -16.70
CA GLU D 7 -21.35 10.10 -16.45
C GLU D 7 -21.58 10.26 -14.94
N TYR D 8 -22.51 11.14 -14.59
CA TYR D 8 -22.95 11.23 -13.20
C TYR D 8 -23.86 10.08 -12.90
N ARG D 9 -23.82 9.55 -11.66
CA ARG D 9 -24.86 8.62 -11.24
C ARG D 9 -26.24 9.27 -11.17
N ASN D 10 -27.21 8.60 -11.72
CA ASN D 10 -28.56 9.07 -11.82
C ASN D 10 -29.40 8.17 -10.92
N TRP D 11 -28.89 6.98 -10.60
CA TRP D 11 -29.68 5.98 -9.85
C TRP D 11 -31.08 5.72 -10.38
N SER D 12 -31.28 5.82 -11.68
CA SER D 12 -32.62 5.74 -12.22
C SER D 12 -32.90 4.29 -12.54
N LYS D 13 -32.75 3.45 -11.53
CA LYS D 13 -33.06 2.03 -11.65
C LYS D 13 -34.01 1.66 -10.52
N PRO D 14 -34.90 0.67 -10.76
CA PRO D 14 -35.74 0.26 -9.64
C PRO D 14 -34.91 -0.42 -8.53
N GLN D 15 -35.44 -0.35 -7.33
CA GLN D 15 -34.86 -1.03 -6.18
C GLN D 15 -34.94 -2.57 -6.33
N CYS D 16 -33.87 -3.27 -5.95
CA CYS D 16 -33.83 -4.75 -6.03
C CYS D 16 -34.89 -5.37 -5.14
N ASP D 17 -35.44 -6.52 -5.57
CA ASP D 17 -36.22 -7.40 -4.68
C ASP D 17 -35.29 -7.78 -3.54
N ILE D 18 -35.85 -7.78 -2.35
CA ILE D 18 -35.07 -8.10 -1.17
C ILE D 18 -35.89 -9.12 -0.33
N THR D 19 -35.23 -10.15 0.19
CA THR D 19 -35.89 -11.17 0.92
C THR D 19 -35.23 -11.17 2.29
N GLY D 20 -34.23 -10.31 2.43
CA GLY D 20 -33.38 -10.23 3.60
C GLY D 20 -31.96 -9.90 3.23
N PHE D 21 -31.01 -10.14 4.14
CA PHE D 21 -29.64 -9.71 3.91
C PHE D 21 -28.60 -10.79 4.01
N ALA D 22 -27.55 -10.70 3.17
CA ALA D 22 -26.48 -11.67 3.16
C ALA D 22 -25.19 -11.00 3.66
N PRO D 23 -24.35 -11.77 4.37
CA PRO D 23 -23.14 -11.15 4.90
C PRO D 23 -22.22 -10.66 3.78
N PHE D 24 -21.62 -9.49 3.96
CA PHE D 24 -20.82 -8.87 2.93
C PHE D 24 -19.38 -8.65 3.37
N SER D 25 -19.19 -8.10 4.57
CA SER D 25 -17.85 -7.71 5.02
C SER D 25 -17.72 -7.61 6.54
N LYS D 26 -16.53 -7.80 7.07
CA LYS D 26 -16.32 -7.70 8.53
C LYS D 26 -14.87 -7.34 8.67
N ASP D 27 -14.57 -6.30 9.43
CA ASP D 27 -13.19 -5.88 9.47
C ASP D 27 -12.34 -6.37 10.66
N ASN D 28 -12.96 -6.88 11.73
CA ASN D 28 -12.23 -7.45 12.90
C ASN D 28 -11.23 -6.52 13.51
N SER D 29 -11.53 -5.26 13.34
CA SER D 29 -10.63 -4.21 13.70
C SER D 29 -10.10 -4.31 15.17
N ILE D 30 -10.95 -4.56 16.16
CA ILE D 30 -10.47 -4.59 17.60
C ILE D 30 -9.62 -5.79 17.88
N ARG D 31 -10.04 -6.93 17.35
CA ARG D 31 -9.28 -8.16 17.47
C ARG D 31 -7.84 -7.98 16.97
N LEU D 32 -7.74 -7.31 15.81
CA LEU D 32 -6.44 -7.04 15.18
C LEU D 32 -5.62 -6.07 15.97
N SER D 33 -6.27 -5.06 16.56
CA SER D 33 -5.58 -4.04 17.31
C SER D 33 -4.86 -4.57 18.57
N ALA D 34 -5.21 -5.79 18.98
CA ALA D 34 -4.52 -6.43 20.10
C ALA D 34 -3.12 -6.92 19.71
N GLY D 35 -2.80 -6.84 18.42
CA GLY D 35 -1.52 -7.30 17.96
C GLY D 35 -1.17 -6.65 16.66
N GLY D 36 -1.25 -5.34 16.62
CA GLY D 36 -1.02 -4.60 15.38
C GLY D 36 -1.32 -3.16 15.65
N ASP D 37 -0.94 -2.30 14.71
CA ASP D 37 -1.25 -0.88 14.80
C ASP D 37 -2.51 -0.51 14.05
N ILE D 38 -3.60 -0.48 14.82
CA ILE D 38 -4.90 -0.12 14.29
C ILE D 38 -5.42 1.17 14.86
N TRP D 39 -6.18 1.92 14.06
CA TRP D 39 -6.72 3.21 14.48
C TRP D 39 -7.83 3.04 15.46
N VAL D 40 -7.90 3.97 16.40
CA VAL D 40 -9.08 4.05 17.24
C VAL D 40 -10.06 4.89 16.44
N THR D 41 -11.31 4.45 16.38
CA THR D 41 -12.32 5.12 15.61
C THR D 41 -13.67 5.07 16.27
N ARG D 42 -14.63 5.75 15.63
CA ARG D 42 -16.04 5.61 15.93
C ARG D 42 -16.82 6.21 14.74
N GLU D 43 -18.14 6.05 14.75
CA GLU D 43 -19.02 6.65 13.77
C GLU D 43 -18.56 6.25 12.36
N PRO D 44 -18.49 4.94 12.09
CA PRO D 44 -18.09 4.41 10.82
C PRO D 44 -19.25 4.36 9.87
N TYR D 45 -18.93 4.26 8.58
CA TYR D 45 -19.94 4.09 7.52
C TYR D 45 -19.27 3.56 6.24
N VAL D 46 -20.09 3.24 5.27
CA VAL D 46 -19.64 2.62 4.06
C VAL D 46 -20.20 3.42 2.90
N SER D 47 -19.42 3.65 1.86
CA SER D 47 -19.95 4.21 0.64
C SER D 47 -19.18 3.65 -0.57
N CYS D 48 -19.80 3.54 -1.73
CA CYS D 48 -19.10 2.90 -2.85
C CYS D 48 -19.01 3.82 -4.05
N ASP D 49 -17.88 3.79 -4.75
CA ASP D 49 -17.80 4.47 -6.04
C ASP D 49 -18.53 3.55 -7.02
N PRO D 50 -18.54 3.85 -8.32
CA PRO D 50 -19.17 2.89 -9.25
C PRO D 50 -18.58 1.47 -9.32
N ASP D 51 -17.39 1.23 -8.75
CA ASP D 51 -16.67 -0.05 -8.84
C ASP D 51 -16.55 -0.80 -7.55
N LYS D 52 -16.36 -0.08 -6.45
CA LYS D 52 -16.05 -0.76 -5.18
C LYS D 52 -16.35 0.10 -3.98
N CYS D 53 -16.46 -0.55 -2.85
CA CYS D 53 -16.96 0.09 -1.68
C CYS D 53 -15.77 0.50 -0.84
N TYR D 54 -15.98 1.54 -0.04
CA TYR D 54 -14.96 2.05 0.83
C TYR D 54 -15.57 2.07 2.21
N GLN D 55 -14.78 1.79 3.23
CA GLN D 55 -15.20 1.95 4.61
C GLN D 55 -14.61 3.26 5.20
N PHE D 56 -15.51 4.09 5.72
CA PHE D 56 -15.11 5.36 6.29
C PHE D 56 -15.26 5.28 7.82
N ALA D 57 -14.45 6.02 8.54
CA ALA D 57 -14.70 6.24 9.98
C ALA D 57 -13.96 7.49 10.44
N LEU D 58 -14.35 8.01 11.61
CA LEU D 58 -13.73 9.13 12.28
C LEU D 58 -12.67 8.66 13.28
N GLY D 59 -11.41 8.98 13.01
CA GLY D 59 -10.37 8.52 13.91
C GLY D 59 -10.31 9.40 15.15
N GLN D 60 -9.52 8.96 16.11
CA GLN D 60 -9.27 9.72 17.32
C GLN D 60 -7.82 10.20 17.28
N GLY D 61 -7.21 10.24 16.09
CA GLY D 61 -5.84 10.76 16.02
C GLY D 61 -4.84 9.88 16.79
N THR D 62 -5.22 8.63 17.07
CA THR D 62 -4.36 7.68 17.78
C THR D 62 -4.62 6.27 17.27
N THR D 63 -3.64 5.40 17.46
CA THR D 63 -3.88 3.96 17.38
C THR D 63 -4.37 3.46 18.75
N LEU D 64 -4.83 2.22 18.82
CA LEU D 64 -5.33 1.63 20.08
C LEU D 64 -4.22 1.31 21.08
N ASN D 65 -3.15 0.66 20.66
CA ASN D 65 -2.11 0.35 21.65
C ASN D 65 -1.11 1.50 21.71
N ASN D 66 -1.55 2.59 22.32
CA ASN D 66 -0.92 3.88 22.22
C ASN D 66 -1.40 4.62 23.49
N VAL D 67 -0.51 5.27 24.25
CA VAL D 67 -1.00 6.11 25.37
C VAL D 67 -2.21 7.02 25.02
N HIS D 68 -2.26 7.55 23.82
CA HIS D 68 -3.28 8.54 23.49
C HIS D 68 -4.63 7.94 23.23
N SER D 69 -4.78 6.63 23.32
CA SER D 69 -6.13 6.02 23.27
C SER D 69 -7.01 6.24 24.55
N ASN D 70 -6.40 6.73 25.63
CA ASN D 70 -7.06 6.93 26.89
C ASN D 70 -8.06 8.08 26.74
N ASN D 71 -9.31 7.86 27.13
CA ASN D 71 -10.38 8.86 27.05
C ASN D 71 -10.92 9.11 25.66
N THR D 72 -10.71 8.16 24.76
CA THR D 72 -11.27 8.24 23.40
C THR D 72 -12.79 8.14 23.41
N VAL D 73 -13.32 8.07 24.64
CA VAL D 73 -14.75 8.15 24.85
C VAL D 73 -15.29 9.48 24.34
N ARG D 74 -14.51 10.56 24.50
CA ARG D 74 -14.84 11.91 24.05
C ARG D 74 -14.95 11.94 22.54
N GLY D 75 -15.95 12.64 22.02
CA GLY D 75 -16.28 12.49 20.63
C GLY D 75 -15.94 13.64 19.68
N ARG D 76 -15.66 14.84 20.22
CA ARG D 76 -15.16 15.97 19.43
C ARG D 76 -13.82 16.43 20.01
N THR D 77 -12.72 16.06 19.37
CA THR D 77 -11.41 16.65 19.66
C THR D 77 -10.89 17.25 18.32
N PRO D 78 -9.82 18.08 18.36
CA PRO D 78 -9.13 18.61 17.19
C PRO D 78 -8.29 17.57 16.39
N TYR D 79 -8.13 16.38 16.96
CA TYR D 79 -7.32 15.29 16.37
C TYR D 79 -8.10 14.23 15.60
N ARG D 80 -9.42 14.42 15.57
CA ARG D 80 -10.32 13.56 14.84
C ARG D 80 -10.28 13.86 13.36
N THR D 81 -10.07 12.81 12.57
CA THR D 81 -10.00 12.96 11.13
C THR D 81 -10.86 11.86 10.42
N LEU D 82 -11.40 12.16 9.25
CA LEU D 82 -12.12 11.14 8.50
C LEU D 82 -11.16 10.13 7.86
N LEU D 83 -11.31 8.83 8.17
CA LEU D 83 -10.44 7.76 7.65
C LEU D 83 -11.14 7.08 6.54
N MET D 84 -10.43 6.63 5.51
CA MET D 84 -11.04 6.10 4.23
C MET D 84 -10.15 5.00 3.64
N ASN D 85 -10.64 3.77 3.59
CA ASN D 85 -9.91 2.61 3.06
C ASN D 85 -10.91 1.91 2.15
N GLU D 86 -10.43 0.95 1.39
CA GLU D 86 -11.32 0.04 0.71
C GLU D 86 -11.96 -0.86 1.76
N LEU D 87 -13.21 -1.20 1.45
CA LEU D 87 -13.99 -1.99 2.33
C LEU D 87 -13.25 -3.30 2.56
N GLY D 88 -13.02 -3.64 3.82
CA GLY D 88 -12.25 -4.83 4.12
C GLY D 88 -10.83 -4.58 4.58
N VAL D 89 -10.28 -3.43 4.28
CA VAL D 89 -8.92 -3.16 4.70
C VAL D 89 -9.13 -2.48 6.01
N PRO D 90 -8.56 -3.05 7.09
CA PRO D 90 -8.73 -2.42 8.37
C PRO D 90 -7.90 -1.16 8.41
N PHE D 91 -8.20 -0.30 9.38
CA PHE D 91 -7.57 0.99 9.51
C PHE D 91 -6.18 0.83 10.16
N HIS D 92 -5.19 0.50 9.32
CA HIS D 92 -3.76 0.40 9.70
C HIS D 92 -3.09 1.76 9.40
N LEU D 93 -1.76 1.86 9.62
CA LEU D 93 -1.09 3.19 9.50
C LEU D 93 -0.92 3.78 8.07
N GLY D 94 -1.18 3.00 7.05
CA GLY D 94 -1.15 3.52 5.70
C GLY D 94 -2.51 4.03 5.33
N THR D 95 -3.42 4.05 6.31
CA THR D 95 -4.74 4.60 6.08
C THR D 95 -4.72 6.11 5.84
N LYS D 96 -5.41 6.56 4.80
CA LYS D 96 -5.49 7.94 4.52
C LYS D 96 -6.51 8.73 5.40
N GLN D 97 -6.09 9.87 5.93
CA GLN D 97 -7.00 10.78 6.60
C GLN D 97 -7.38 11.75 5.55
N VAL D 98 -8.66 11.82 5.18
CA VAL D 98 -9.07 12.60 4.00
C VAL D 98 -9.59 13.99 4.36
N CYS D 99 -9.72 14.29 5.65
CA CYS D 99 -10.07 15.64 6.07
C CYS D 99 -10.12 15.67 7.57
N ILE D 100 -10.19 16.90 8.11
CA ILE D 100 -10.30 17.11 9.59
C ILE D 100 -11.78 17.04 9.97
N ALA D 101 -12.16 16.05 10.81
CA ALA D 101 -13.58 15.81 11.14
C ALA D 101 -13.79 15.16 12.51
N TRP D 102 -14.65 15.80 13.31
CA TRP D 102 -15.43 15.02 14.26
C TRP D 102 -16.84 14.79 13.77
N SER D 103 -17.16 15.11 12.49
CA SER D 103 -18.47 14.74 11.93
C SER D 103 -18.46 14.79 10.42
N SER D 104 -19.02 13.80 9.74
CA SER D 104 -18.79 13.72 8.31
C SER D 104 -19.85 13.00 7.54
N SER D 105 -19.79 13.17 6.22
CA SER D 105 -20.61 12.46 5.26
C SER D 105 -19.82 12.49 3.90
N SER D 106 -19.82 11.38 3.16
CA SER D 106 -19.04 11.29 1.94
C SER D 106 -19.98 10.57 0.92
N CYS D 107 -19.89 10.92 -0.34
CA CYS D 107 -20.57 10.18 -1.38
C CYS D 107 -19.82 10.38 -2.65
N HIS D 108 -20.10 9.53 -3.65
CA HIS D 108 -19.50 9.63 -4.95
C HIS D 108 -20.56 9.94 -6.01
N ASP D 109 -20.34 10.94 -6.83
CA ASP D 109 -21.40 11.37 -7.80
C ASP D 109 -21.30 10.69 -9.13
N GLY D 110 -20.45 9.66 -9.17
CA GLY D 110 -20.11 8.96 -10.40
C GLY D 110 -18.87 9.49 -11.09
N LYS D 111 -18.47 10.72 -10.73
CA LYS D 111 -17.31 11.37 -11.31
C LYS D 111 -16.24 11.53 -10.21
N ALA D 112 -16.64 11.91 -9.00
CA ALA D 112 -15.64 12.02 -7.93
C ALA D 112 -16.28 11.98 -6.58
N TRP D 113 -15.42 11.87 -5.57
CA TRP D 113 -15.79 11.99 -4.18
C TRP D 113 -16.07 13.37 -3.64
N LEU D 114 -17.21 13.49 -2.94
CA LEU D 114 -17.50 14.57 -2.04
C LEU D 114 -17.26 14.14 -0.59
N HIS D 115 -16.58 14.94 0.22
CA HIS D 115 -16.51 14.73 1.70
C HIS D 115 -17.02 15.93 2.42
N VAL D 116 -17.95 15.72 3.34
CA VAL D 116 -18.44 16.88 4.10
C VAL D 116 -17.88 16.70 5.51
N CYS D 117 -17.05 17.64 5.93
CA CYS D 117 -16.22 17.46 7.11
C CYS D 117 -16.34 18.59 8.13
N ILE D 118 -16.64 18.26 9.39
CA ILE D 118 -16.93 19.31 10.37
C ILE D 118 -15.95 19.22 11.53
N THR D 119 -15.28 20.34 11.84
CA THR D 119 -14.37 20.37 12.98
C THR D 119 -14.40 21.80 13.52
N GLY D 120 -13.73 22.04 14.64
CA GLY D 120 -13.68 23.35 15.26
C GLY D 120 -14.28 23.35 16.67
N ASP D 121 -14.43 24.53 17.27
CA ASP D 121 -15.16 24.68 18.54
C ASP D 121 -16.62 24.31 18.37
N ASP D 122 -17.17 23.62 19.37
CA ASP D 122 -18.61 23.30 19.50
C ASP D 122 -19.53 24.49 19.13
N LYS D 123 -19.18 25.71 19.57
CA LYS D 123 -20.09 26.88 19.41
C LYS D 123 -19.89 27.57 18.06
N ASN D 124 -18.96 27.05 17.26
CA ASN D 124 -18.49 27.78 16.09
C ASN D 124 -17.68 26.91 15.13
N ALA D 125 -18.20 25.72 14.86
CA ALA D 125 -17.68 24.67 13.92
C ALA D 125 -17.65 25.04 12.46
N THR D 126 -16.76 24.42 11.69
CA THR D 126 -16.73 24.68 10.24
C THR D 126 -17.00 23.39 9.49
N ALA D 127 -17.80 23.47 8.44
CA ALA D 127 -18.03 22.38 7.50
C ALA D 127 -17.21 22.69 6.28
N SER D 128 -16.28 21.79 5.91
CA SER D 128 -15.48 21.96 4.72
C SER D 128 -16.05 20.98 3.70
N PHE D 129 -16.19 21.44 2.47
CA PHE D 129 -16.68 20.63 1.33
C PHE D 129 -15.55 20.35 0.39
N ILE D 130 -15.26 19.07 0.22
CA ILE D 130 -14.05 18.63 -0.46
C ILE D 130 -14.49 17.72 -1.57
N TYR D 131 -14.12 18.09 -2.78
CA TYR D 131 -14.54 17.36 -3.91
C TYR D 131 -13.42 17.20 -4.90
N ASN D 132 -13.32 16.02 -5.49
CA ASN D 132 -12.23 15.72 -6.42
C ASN D 132 -10.90 16.14 -5.85
N GLY D 133 -10.73 15.84 -4.58
CA GLY D 133 -9.50 16.07 -3.85
C GLY D 133 -9.08 17.52 -3.56
N ARG D 134 -10.02 18.45 -3.62
CA ARG D 134 -9.76 19.85 -3.26
C ARG D 134 -10.94 20.52 -2.53
N LEU D 135 -10.62 21.43 -1.62
CA LEU D 135 -11.62 22.24 -0.89
C LEU D 135 -12.37 23.19 -1.83
N VAL D 136 -13.68 23.04 -1.96
CA VAL D 136 -14.44 23.89 -2.87
C VAL D 136 -15.35 24.88 -2.13
N ASP D 137 -15.66 24.60 -0.88
CA ASP D 137 -16.60 25.42 -0.16
C ASP D 137 -16.48 25.16 1.34
N SER D 138 -17.06 26.02 2.16
CA SER D 138 -17.21 25.76 3.60
C SER D 138 -18.38 26.59 4.14
N VAL D 139 -18.90 26.21 5.30
CA VAL D 139 -19.98 26.97 5.92
C VAL D 139 -19.81 26.92 7.44
N VAL D 140 -20.01 28.07 8.13
CA VAL D 140 -20.02 28.11 9.60
C VAL D 140 -21.29 27.55 10.17
N SER D 141 -21.15 27.16 11.43
CA SER D 141 -22.25 26.84 12.29
C SER D 141 -23.27 27.95 12.28
N TRP D 142 -24.55 27.61 12.14
CA TRP D 142 -25.63 28.63 12.12
C TRP D 142 -26.30 28.94 13.46
N SER D 143 -26.37 27.97 14.35
CA SER D 143 -26.98 28.16 15.68
C SER D 143 -25.96 28.00 16.77
N LYS D 144 -24.72 27.80 16.36
CA LYS D 144 -23.61 27.92 17.28
C LYS D 144 -23.70 26.93 18.40
N GLU D 145 -24.14 25.71 18.07
CA GLU D 145 -24.23 24.62 19.05
C GLU D 145 -24.09 23.25 18.36
N ILE D 146 -22.86 22.84 18.15
CA ILE D 146 -22.52 21.56 17.51
C ILE D 146 -23.06 21.32 16.07
N LEU D 147 -22.53 22.03 15.10
CA LEU D 147 -22.85 21.72 13.68
C LEU D 147 -22.43 20.27 13.43
N ARG D 148 -23.36 19.51 12.84
CA ARG D 148 -23.19 18.08 12.78
C ARG D 148 -23.94 17.59 11.57
N THR D 149 -23.54 16.41 11.07
CA THR D 149 -24.10 15.90 9.81
C THR D 149 -24.39 14.40 9.90
N GLN D 150 -24.58 13.75 8.75
CA GLN D 150 -25.10 12.41 8.74
C GLN D 150 -24.30 11.28 9.40
N GLU D 151 -22.98 11.27 9.28
CA GLU D 151 -22.17 10.08 9.65
C GLU D 151 -22.47 8.85 8.76
N SER D 152 -22.93 9.09 7.53
CA SER D 152 -23.14 8.03 6.49
C SER D 152 -23.13 8.69 5.12
N GLU D 153 -23.31 7.92 4.06
CA GLU D 153 -23.15 8.44 2.75
C GLU D 153 -24.21 9.48 2.44
N CYS D 154 -23.79 10.54 1.78
CA CYS D 154 -24.71 11.48 1.18
C CYS D 154 -25.17 10.83 -0.14
N VAL D 155 -26.02 11.51 -0.92
CA VAL D 155 -26.52 10.93 -2.17
C VAL D 155 -26.48 11.93 -3.30
N CYS D 156 -26.13 11.47 -4.50
CA CYS D 156 -26.02 12.38 -5.61
C CYS D 156 -26.84 11.82 -6.70
N ILE D 157 -27.59 12.71 -7.34
CA ILE D 157 -28.35 12.42 -8.53
C ILE D 157 -28.04 13.47 -9.56
N ASN D 158 -27.73 13.04 -10.80
CA ASN D 158 -27.29 13.90 -11.87
C ASN D 158 -26.27 14.95 -11.43
N GLY D 159 -25.44 14.62 -10.45
CA GLY D 159 -24.34 15.51 -10.09
C GLY D 159 -24.69 16.52 -9.04
N THR D 160 -25.90 16.46 -8.51
CA THR D 160 -26.29 17.29 -7.38
C THR D 160 -26.34 16.39 -6.18
N CYS D 161 -25.44 16.60 -5.24
CA CYS D 161 -25.39 15.80 -4.03
C CYS D 161 -26.13 16.48 -2.92
N THR D 162 -26.81 15.69 -2.11
CA THR D 162 -27.53 16.25 -1.03
C THR D 162 -26.99 15.78 0.29
N VAL D 163 -26.97 16.66 1.26
CA VAL D 163 -26.60 16.25 2.63
C VAL D 163 -27.48 16.93 3.72
N VAL D 164 -27.58 16.31 4.89
CA VAL D 164 -28.39 16.81 5.97
C VAL D 164 -27.53 17.17 7.13
N MET D 165 -27.60 18.45 7.52
CA MET D 165 -26.82 18.94 8.65
C MET D 165 -27.75 19.59 9.66
N THR D 166 -27.34 19.48 10.93
CA THR D 166 -28.06 20.09 12.03
C THR D 166 -27.12 20.85 12.98
N ASP D 167 -27.67 21.87 13.63
CA ASP D 167 -27.02 22.73 14.59
C ASP D 167 -28.13 23.14 15.54
N GLY D 168 -27.81 23.13 16.83
CA GLY D 168 -28.83 23.41 17.84
C GLY D 168 -28.94 22.27 18.83
N SER D 169 -29.94 22.32 19.70
CA SER D 169 -29.98 21.39 20.87
C SER D 169 -30.17 19.92 20.48
N ALA D 170 -29.59 19.04 21.26
CA ALA D 170 -29.76 17.64 21.01
C ALA D 170 -31.02 17.16 21.76
N SER D 171 -31.61 18.05 22.56
CA SER D 171 -32.85 17.71 23.29
C SER D 171 -33.90 18.79 23.25
N GLY D 172 -34.13 19.40 22.08
CA GLY D 172 -35.12 20.46 21.92
C GLY D 172 -35.09 20.83 20.46
N LYS D 173 -35.97 21.74 19.99
CA LYS D 173 -35.96 22.20 18.60
C LYS D 173 -34.55 22.61 18.23
N ALA D 174 -34.09 22.08 17.11
CA ALA D 174 -32.81 22.46 16.53
C ALA D 174 -33.00 22.91 15.09
N ASP D 175 -31.90 23.38 14.50
CA ASP D 175 -31.94 23.92 13.17
C ASP D 175 -31.21 22.97 12.19
N THR D 176 -32.06 22.30 11.39
CA THR D 176 -31.72 21.26 10.48
C THR D 176 -31.90 21.81 9.04
N LYS D 177 -30.86 21.65 8.27
CA LYS D 177 -30.81 22.17 6.93
C LYS D 177 -30.38 21.02 6.06
N ILE D 178 -30.67 21.16 4.78
CA ILE D 178 -30.40 20.17 3.79
C ILE D 178 -29.70 20.97 2.68
N LEU D 179 -28.47 20.56 2.37
CA LEU D 179 -27.65 21.29 1.45
C LEU D 179 -27.61 20.57 0.12
N PHE D 180 -27.40 21.32 -0.93
CA PHE D 180 -27.33 20.82 -2.27
C PHE D 180 -26.05 21.32 -2.91
N ILE D 181 -25.23 20.40 -3.39
CA ILE D 181 -23.81 20.63 -3.64
C ILE D 181 -23.44 20.04 -4.97
N GLU D 182 -22.94 20.89 -5.84
CA GLU D 182 -22.57 20.50 -7.22
C GLU D 182 -21.10 20.65 -7.37
N GLU D 183 -20.43 19.52 -7.52
CA GLU D 183 -19.01 19.51 -7.56
C GLU D 183 -18.34 20.32 -6.43
N GLY D 184 -18.75 20.09 -5.18
CA GLY D 184 -18.11 20.75 -4.07
C GLY D 184 -18.71 22.07 -3.60
N LYS D 185 -19.45 22.73 -4.53
CA LYS D 185 -20.09 24.01 -4.28
C LYS D 185 -21.49 23.90 -3.72
N ILE D 186 -21.68 24.46 -2.51
CA ILE D 186 -23.02 24.62 -1.95
C ILE D 186 -23.88 25.52 -2.89
N VAL D 187 -24.79 24.92 -3.67
CA VAL D 187 -25.62 25.71 -4.62
C VAL D 187 -27.01 26.07 -4.04
N HIS D 188 -27.41 25.43 -2.93
CA HIS D 188 -28.69 25.73 -2.26
C HIS D 188 -28.75 25.20 -0.87
N THR D 189 -29.48 25.91 -0.04
CA THR D 189 -29.74 25.45 1.26
C THR D 189 -31.25 25.55 1.48
N SER D 190 -31.93 24.41 1.55
CA SER D 190 -33.31 24.41 1.98
C SER D 190 -33.31 24.14 3.51
N THR D 191 -34.32 24.66 4.21
CA THR D 191 -34.48 24.37 5.63
C THR D 191 -35.43 23.18 5.85
N LEU D 192 -35.29 22.45 6.96
CA LEU D 192 -36.14 21.32 7.25
C LEU D 192 -37.60 21.79 7.35
N SER D 193 -38.53 20.92 7.04
CA SER D 193 -39.93 21.33 6.96
C SER D 193 -40.78 20.08 7.07
N GLY D 194 -42.07 20.23 7.32
CA GLY D 194 -42.92 19.06 7.51
C GLY D 194 -42.98 18.66 8.97
N SER D 195 -43.36 17.43 9.25
CA SER D 195 -43.80 17.17 10.58
C SER D 195 -42.72 16.57 11.51
N ALA D 196 -41.54 16.27 10.97
CA ALA D 196 -40.46 15.71 11.79
C ALA D 196 -39.98 16.81 12.73
N GLN D 197 -39.87 16.48 14.00
CA GLN D 197 -39.63 17.54 14.96
C GLN D 197 -38.19 17.56 15.45
N HIS D 198 -37.47 16.51 15.11
CA HIS D 198 -36.08 16.45 15.50
C HIS D 198 -35.38 15.42 14.66
N VAL D 199 -34.23 15.82 14.13
CA VAL D 199 -33.62 15.08 13.05
C VAL D 199 -32.14 15.10 13.28
N GLU D 200 -31.57 13.91 13.45
CA GLU D 200 -30.10 13.72 13.53
C GLU D 200 -29.67 12.60 12.57
N GLU D 201 -28.38 12.62 12.20
CA GLU D 201 -27.72 11.45 11.63
C GLU D 201 -28.53 10.72 10.57
N CYS D 202 -29.00 11.44 9.56
CA CYS D 202 -29.80 10.75 8.56
C CYS D 202 -28.98 9.63 7.90
N SER D 203 -29.57 8.47 7.80
CA SER D 203 -29.20 7.46 6.86
C SER D 203 -30.06 7.68 5.63
N CYS D 204 -29.46 8.20 4.57
CA CYS D 204 -30.20 8.50 3.35
C CYS D 204 -29.83 7.53 2.28
N TYR D 205 -30.67 7.49 1.22
CA TYR D 205 -30.47 6.62 0.10
C TYR D 205 -31.25 7.13 -1.08
N PRO D 206 -30.77 6.85 -2.29
CA PRO D 206 -31.42 7.33 -3.52
C PRO D 206 -32.74 6.66 -3.77
N ARG D 207 -33.73 7.45 -4.13
CA ARG D 207 -35.02 6.90 -4.47
C ARG D 207 -35.56 7.69 -5.65
N TYR D 208 -35.01 7.40 -6.80
CA TYR D 208 -35.27 8.20 -7.99
C TYR D 208 -36.75 8.58 -8.17
N PRO D 209 -37.06 9.86 -8.44
CA PRO D 209 -36.11 10.97 -8.67
C PRO D 209 -35.63 11.68 -7.39
N GLY D 210 -36.05 11.24 -6.23
CA GLY D 210 -35.67 11.96 -5.05
C GLY D 210 -34.60 11.27 -4.27
N VAL D 211 -34.43 11.78 -3.05
CA VAL D 211 -33.63 11.15 -2.03
C VAL D 211 -34.52 11.06 -0.80
N ARG D 212 -34.36 10.00 0.00
CA ARG D 212 -35.15 9.75 1.17
C ARG D 212 -34.18 9.38 2.30
N CYS D 213 -34.44 9.91 3.49
CA CYS D 213 -33.58 9.65 4.64
C CYS D 213 -34.41 9.14 5.80
N VAL D 214 -33.80 8.34 6.66
CA VAL D 214 -34.48 7.86 7.84
C VAL D 214 -33.53 8.21 8.95
N CYS D 215 -34.00 9.02 9.88
CA CYS D 215 -33.08 9.80 10.63
C CYS D 215 -33.23 9.36 12.05
N ARG D 216 -32.67 10.12 12.98
CA ARG D 216 -32.73 9.82 14.43
C ARG D 216 -33.37 11.04 15.20
N ASP D 217 -34.48 10.81 15.88
CA ASP D 217 -35.10 11.85 16.73
C ASP D 217 -34.47 11.74 18.13
N ASN D 218 -33.66 12.71 18.53
CA ASN D 218 -32.97 12.57 19.85
C ASN D 218 -33.79 13.22 20.99
N TRP D 219 -34.95 13.72 20.62
CA TRP D 219 -35.76 14.52 21.52
C TRP D 219 -36.93 13.79 22.16
N LYS D 220 -37.99 13.60 21.38
CA LYS D 220 -39.20 12.96 21.86
C LYS D 220 -39.57 11.66 21.16
N GLY D 221 -38.92 11.35 20.03
CA GLY D 221 -39.35 10.16 19.27
C GLY D 221 -38.48 8.94 19.40
N SER D 222 -39.12 7.79 19.59
CA SER D 222 -38.46 6.52 19.45
C SER D 222 -38.88 5.88 18.12
N ASN D 223 -39.93 6.36 17.46
CA ASN D 223 -40.02 6.18 16.00
C ASN D 223 -38.98 7.09 15.31
N ARG D 224 -38.60 6.75 14.06
CA ARG D 224 -37.50 7.42 13.37
C ARG D 224 -38.11 8.40 12.41
N PRO D 225 -37.58 9.61 12.40
CA PRO D 225 -37.95 10.57 11.38
C PRO D 225 -37.61 10.12 9.96
N ILE D 226 -38.42 10.56 9.00
CA ILE D 226 -38.18 10.37 7.57
C ILE D 226 -38.04 11.75 6.98
N VAL D 227 -37.00 11.98 6.17
CA VAL D 227 -36.96 13.21 5.39
C VAL D 227 -36.93 12.87 3.91
N ASP D 228 -37.78 13.50 3.10
CA ASP D 228 -37.73 13.35 1.66
C ASP D 228 -37.19 14.60 1.07
N ILE D 229 -36.44 14.45 -0.01
CA ILE D 229 -35.72 15.56 -0.61
C ILE D 229 -36.00 15.55 -2.06
N ASN D 230 -36.48 16.66 -2.58
CA ASN D 230 -36.63 16.76 -4.01
C ASN D 230 -35.40 17.54 -4.49
N ILE D 231 -34.71 17.00 -5.49
CA ILE D 231 -33.43 17.50 -5.93
C ILE D 231 -33.57 18.56 -7.04
N LYS D 232 -34.63 18.56 -7.82
CA LYS D 232 -34.76 19.56 -8.90
C LYS D 232 -35.18 20.94 -8.32
N ASP D 233 -36.13 20.95 -7.41
CA ASP D 233 -36.58 22.23 -6.90
C ASP D 233 -36.44 22.37 -5.38
N HIS D 234 -35.62 21.51 -4.82
CA HIS D 234 -35.16 21.65 -3.45
C HIS D 234 -36.22 21.69 -2.39
N SER D 235 -37.44 21.27 -2.71
CA SER D 235 -38.47 21.13 -1.65
C SER D 235 -38.21 19.97 -0.70
N ILE D 236 -38.72 20.08 0.51
CA ILE D 236 -38.44 19.13 1.60
C ILE D 236 -39.78 18.73 2.20
N VAL D 237 -40.04 17.44 2.43
CA VAL D 237 -41.15 17.05 3.29
C VAL D 237 -40.60 16.21 4.41
N SER D 238 -41.30 16.07 5.50
CA SER D 238 -40.86 15.15 6.53
C SER D 238 -42.02 14.63 7.36
N SER D 239 -41.71 13.57 8.12
CA SER D 239 -42.67 12.75 8.87
C SER D 239 -41.90 11.68 9.67
N TYR D 240 -42.58 10.61 10.06
CA TYR D 240 -41.93 9.51 10.79
C TYR D 240 -42.30 8.18 10.16
N VAL D 241 -41.43 7.19 10.36
CA VAL D 241 -41.76 5.79 10.03
C VAL D 241 -42.94 5.26 10.87
N CYS D 242 -44.00 4.87 10.16
CA CYS D 242 -45.28 4.47 10.73
C CYS D 242 -45.14 3.21 11.59
N SER D 243 -44.50 2.18 11.04
CA SER D 243 -44.27 0.94 11.77
C SER D 243 -44.39 0.98 13.31
N GLY D 244 -45.27 0.15 13.85
CA GLY D 244 -45.45 0.00 15.30
C GLY D 244 -44.28 -0.67 15.98
N LEU D 245 -43.49 -1.41 15.22
CA LEU D 245 -42.15 -1.78 15.71
C LEU D 245 -41.19 -0.65 15.29
N VAL D 246 -40.62 0.00 16.30
CA VAL D 246 -39.85 1.22 16.13
C VAL D 246 -38.34 0.94 16.25
N GLY D 247 -37.55 1.76 15.56
CA GLY D 247 -36.09 1.55 15.36
C GLY D 247 -35.08 2.08 16.35
N ASP D 248 -35.52 2.99 17.23
CA ASP D 248 -34.58 3.76 18.01
C ASP D 248 -34.22 3.02 19.32
N THR D 249 -33.17 3.46 20.00
CA THR D 249 -32.75 2.89 21.27
C THR D 249 -32.31 4.11 22.07
N PRO D 250 -32.96 4.37 23.24
CA PRO D 250 -34.00 3.55 23.83
C PRO D 250 -35.37 3.66 23.14
N ARG D 251 -36.20 2.66 23.40
CA ARG D 251 -37.59 2.59 22.98
C ARG D 251 -38.33 1.75 24.01
N LYS D 252 -39.65 1.58 23.83
CA LYS D 252 -40.40 0.66 24.69
C LYS D 252 -40.21 -0.80 24.18
N ASN D 253 -40.45 -1.78 25.04
CA ASN D 253 -40.55 -3.17 24.54
C ASN D 253 -41.67 -3.34 23.47
N ASP D 254 -41.68 -4.48 22.76
CA ASP D 254 -42.57 -4.71 21.58
C ASP D 254 -44.09 -4.63 21.95
N SER D 255 -44.44 -5.24 23.09
CA SER D 255 -45.84 -5.25 23.53
C SER D 255 -46.33 -3.80 23.77
N SER D 256 -45.53 -3.03 24.54
CA SER D 256 -45.82 -1.64 24.92
C SER D 256 -45.65 -0.53 23.85
N SER D 257 -44.76 -0.71 22.86
CA SER D 257 -44.43 0.38 21.91
C SER D 257 -45.59 0.81 21.00
N SER D 258 -45.54 2.03 20.52
CA SER D 258 -46.42 2.43 19.43
C SER D 258 -45.71 3.57 18.70
N SER D 259 -46.34 4.03 17.62
CA SER D 259 -45.71 4.94 16.72
C SER D 259 -46.80 5.88 16.21
N HIS D 260 -46.47 6.67 15.19
CA HIS D 260 -47.31 7.68 14.62
C HIS D 260 -46.62 8.07 13.34
N CYS D 261 -47.40 8.25 12.28
CA CYS D 261 -46.87 8.63 10.98
C CYS D 261 -46.42 10.07 10.87
N LEU D 262 -46.78 10.92 11.82
CA LEU D 262 -46.60 12.38 11.64
C LEU D 262 -45.81 13.05 12.72
N ASP D 263 -45.82 12.47 13.93
CA ASP D 263 -45.29 13.06 15.16
C ASP D 263 -44.41 12.10 15.96
N PRO D 264 -43.46 12.65 16.73
CA PRO D 264 -42.68 11.73 17.56
C PRO D 264 -43.68 10.97 18.41
N ASN D 265 -43.45 9.71 18.60
CA ASN D 265 -44.35 8.93 19.39
C ASN D 265 -44.34 9.30 20.88
N ASN D 266 -43.36 10.06 21.34
CA ASN D 266 -43.22 10.37 22.80
C ASN D 266 -42.95 9.25 23.74
N GLU D 267 -42.31 8.18 23.28
CA GLU D 267 -42.12 7.02 24.11
C GLU D 267 -40.65 6.69 24.38
N GLU D 268 -40.14 7.19 25.50
CA GLU D 268 -38.72 7.08 25.79
C GLU D 268 -37.85 7.82 24.75
N GLY D 269 -38.44 8.79 24.04
CA GLY D 269 -37.77 9.58 23.01
C GLY D 269 -36.36 10.08 23.31
N GLY D 270 -36.08 10.44 24.57
CA GLY D 270 -34.83 11.08 24.91
C GLY D 270 -33.73 10.18 24.40
N HIS D 271 -32.75 10.77 23.73
CA HIS D 271 -31.64 9.98 23.18
C HIS D 271 -32.07 9.22 21.97
N GLY D 272 -31.11 8.43 21.49
CA GLY D 272 -31.35 7.48 20.43
C GLY D 272 -30.07 6.90 19.86
N VAL D 273 -30.16 6.46 18.61
CA VAL D 273 -29.04 5.85 17.95
C VAL D 273 -29.25 5.98 16.43
N LYS D 274 -28.16 6.23 15.71
CA LYS D 274 -28.23 6.30 14.26
C LYS D 274 -28.70 4.92 13.81
N GLY D 275 -29.68 4.89 12.92
CA GLY D 275 -30.22 3.66 12.37
C GLY D 275 -30.79 3.98 10.98
N TRP D 276 -31.42 2.97 10.38
CA TRP D 276 -31.81 3.11 8.99
C TRP D 276 -33.13 2.45 8.77
N ALA D 277 -33.82 2.80 7.65
CA ALA D 277 -34.92 1.99 7.16
C ALA D 277 -35.22 2.31 5.71
N PHE D 278 -35.97 1.44 5.04
CA PHE D 278 -36.30 1.76 3.65
C PHE D 278 -37.60 1.09 3.24
N ASP D 279 -38.37 1.79 2.43
CA ASP D 279 -39.69 1.31 2.08
C ASP D 279 -39.58 0.20 1.01
N ASP D 280 -40.52 -0.76 1.08
CA ASP D 280 -40.69 -1.74 0.05
C ASP D 280 -42.20 -1.88 -0.20
N GLY D 281 -42.71 -1.12 -1.16
CA GLY D 281 -44.15 -0.98 -1.34
C GLY D 281 -44.67 -0.19 -0.16
N ASN D 282 -45.59 -0.77 0.61
CA ASN D 282 -46.08 -0.20 1.87
C ASN D 282 -45.39 -0.94 2.98
N ASP D 283 -44.50 -1.85 2.62
CA ASP D 283 -43.78 -2.56 3.67
C ASP D 283 -42.52 -1.77 4.04
N VAL D 284 -41.99 -2.01 5.23
CA VAL D 284 -40.73 -1.43 5.60
C VAL D 284 -39.65 -2.44 6.01
N TRP D 285 -38.45 -2.30 5.42
CA TRP D 285 -37.29 -3.04 5.94
C TRP D 285 -36.54 -2.19 6.92
N MET D 286 -36.10 -2.76 8.04
CA MET D 286 -35.46 -1.92 9.01
C MET D 286 -34.53 -2.73 9.95
N GLY D 287 -33.57 -2.09 10.62
CA GLY D 287 -32.78 -2.74 11.68
C GLY D 287 -32.83 -2.01 12.99
N ARG D 288 -32.42 -2.64 14.08
CA ARG D 288 -32.33 -1.89 15.35
C ARG D 288 -31.58 -2.74 16.29
N THR D 289 -31.10 -2.17 17.43
CA THR D 289 -30.50 -2.98 18.48
C THR D 289 -31.54 -4.01 19.01
N ILE D 290 -31.09 -5.10 19.59
CA ILE D 290 -32.04 -6.14 20.02
C ILE D 290 -32.63 -5.69 21.37
N ASN D 291 -31.76 -5.17 22.24
CA ASN D 291 -32.16 -4.63 23.55
C ASN D 291 -32.78 -3.26 23.35
N GLU D 292 -33.95 -3.06 23.95
CA GLU D 292 -34.69 -1.78 23.91
C GLU D 292 -34.00 -0.56 24.49
N THR D 293 -33.17 -0.74 25.53
CA THR D 293 -32.60 0.41 26.21
C THR D 293 -31.12 0.58 25.95
N SER D 294 -30.45 -0.48 25.47
CA SER D 294 -29.00 -0.49 25.27
C SER D 294 -28.51 -0.80 23.85
N ARG D 295 -27.23 -0.53 23.57
CA ARG D 295 -26.70 -0.88 22.27
C ARG D 295 -26.06 -2.22 22.45
N LEU D 296 -26.97 -3.19 22.62
CA LEU D 296 -26.69 -4.58 22.66
C LEU D 296 -27.46 -5.21 21.53
N GLY D 297 -26.76 -6.10 20.83
CA GLY D 297 -27.34 -6.90 19.76
C GLY D 297 -27.81 -6.06 18.59
N TYR D 298 -28.12 -6.68 17.48
CA TYR D 298 -28.66 -5.99 16.33
C TYR D 298 -29.47 -7.00 15.54
N GLU D 299 -30.56 -6.54 14.93
CA GLU D 299 -31.48 -7.41 14.20
C GLU D 299 -32.03 -6.68 13.01
N THR D 300 -32.53 -7.39 12.00
CA THR D 300 -33.32 -6.75 10.95
C THR D 300 -34.60 -7.52 10.72
N PHE D 301 -35.60 -6.86 10.12
CA PHE D 301 -36.83 -7.57 9.68
C PHE D 301 -37.58 -6.71 8.70
N LYS D 302 -38.60 -7.28 8.08
CA LYS D 302 -39.57 -6.53 7.29
C LYS D 302 -40.81 -6.40 8.16
N VAL D 303 -41.32 -5.18 8.31
CA VAL D 303 -42.61 -5.02 9.00
C VAL D 303 -43.66 -4.88 7.92
N ILE D 304 -44.58 -5.83 7.93
CA ILE D 304 -45.66 -5.87 6.96
C ILE D 304 -46.57 -4.67 7.15
N GLU D 305 -46.76 -3.95 6.05
CA GLU D 305 -47.40 -2.63 6.04
C GLU D 305 -46.78 -1.60 7.00
N GLY D 306 -45.59 -1.89 7.54
CA GLY D 306 -44.93 -0.93 8.43
C GLY D 306 -44.65 0.46 7.84
N TRP D 307 -44.74 0.61 6.54
CA TRP D 307 -44.44 1.92 6.01
C TRP D 307 -45.61 2.87 6.09
N SER D 308 -46.85 2.35 6.05
CA SER D 308 -48.06 3.23 5.99
C SER D 308 -49.06 3.00 7.14
N ASN D 309 -49.03 1.85 7.71
CA ASN D 309 -49.92 1.60 8.75
C ASN D 309 -49.17 1.72 10.06
N PRO D 310 -49.41 2.81 10.78
CA PRO D 310 -48.77 3.02 12.07
C PRO D 310 -49.12 2.04 13.14
N LYS D 311 -50.04 1.11 12.88
CA LYS D 311 -50.43 0.15 13.93
C LYS D 311 -49.90 -1.26 13.62
N SER D 312 -49.33 -1.41 12.43
CA SER D 312 -48.70 -2.68 12.10
C SER D 312 -47.58 -3.05 13.05
N LYS D 313 -47.62 -4.28 13.56
CA LYS D 313 -46.53 -4.80 14.37
C LYS D 313 -46.21 -6.20 13.91
N LEU D 314 -46.45 -6.41 12.64
CA LEU D 314 -46.35 -7.72 12.07
C LEU D 314 -45.03 -7.90 11.29
N GLN D 315 -44.02 -8.37 12.04
CA GLN D 315 -42.67 -8.63 11.50
C GLN D 315 -42.56 -9.97 10.78
N ILE D 316 -41.68 -10.03 9.81
CA ILE D 316 -41.34 -11.29 9.19
C ILE D 316 -39.89 -11.18 8.73
N ASN D 317 -39.21 -12.32 8.65
CA ASN D 317 -37.89 -12.38 8.06
C ASN D 317 -36.89 -11.74 8.99
N ARG D 318 -37.06 -11.98 10.28
CA ARG D 318 -36.10 -11.50 11.19
C ARG D 318 -34.78 -12.16 10.80
N GLN D 319 -33.69 -11.39 10.88
CA GLN D 319 -32.32 -11.96 10.94
C GLN D 319 -31.61 -11.45 12.19
N VAL D 320 -30.93 -12.30 12.96
CA VAL D 320 -30.01 -11.76 13.97
C VAL D 320 -28.69 -11.44 13.28
N ILE D 321 -28.22 -10.19 13.40
CA ILE D 321 -26.92 -9.79 12.87
C ILE D 321 -25.85 -9.83 13.96
N VAL D 322 -26.12 -9.21 15.10
CA VAL D 322 -25.28 -9.42 16.27
C VAL D 322 -26.15 -9.94 17.43
N ASP D 323 -25.76 -11.06 18.03
CA ASP D 323 -26.52 -11.64 19.13
C ASP D 323 -26.66 -10.62 20.31
N ARG D 324 -27.69 -10.79 21.13
CA ARG D 324 -28.01 -9.78 22.16
C ARG D 324 -27.07 -9.75 23.34
N GLY D 325 -26.15 -10.70 23.48
CA GLY D 325 -25.12 -10.56 24.50
C GLY D 325 -23.89 -9.83 23.96
N ASN D 326 -24.00 -9.25 22.77
CA ASN D 326 -22.82 -8.59 22.16
C ASN D 326 -23.12 -7.17 21.78
N ARG D 327 -22.11 -6.29 21.87
CA ARG D 327 -22.39 -4.86 21.61
C ARG D 327 -22.57 -4.46 20.16
N SER D 328 -23.53 -3.60 19.91
CA SER D 328 -23.67 -3.02 18.57
C SER D 328 -23.33 -1.53 18.63
N GLY D 329 -24.19 -0.69 18.06
CA GLY D 329 -23.97 0.72 17.94
C GLY D 329 -24.69 1.30 16.73
N TYR D 330 -24.06 2.30 16.14
CA TYR D 330 -24.66 2.97 15.01
C TYR D 330 -24.89 1.97 13.88
N SER D 331 -25.83 2.27 13.00
CA SER D 331 -25.92 1.56 11.74
C SER D 331 -26.43 2.54 10.74
N GLY D 332 -26.23 2.25 9.43
CA GLY D 332 -26.81 3.11 8.39
C GLY D 332 -26.84 2.40 7.03
N ILE D 333 -27.48 3.02 6.07
CA ILE D 333 -27.73 2.41 4.78
C ILE D 333 -26.67 2.87 3.78
N PHE D 334 -26.52 2.13 2.68
CA PHE D 334 -25.77 2.52 1.54
C PHE D 334 -26.30 1.79 0.31
N SER D 335 -26.28 2.45 -0.80
CA SER D 335 -26.88 1.85 -1.95
C SER D 335 -25.80 1.51 -2.97
N VAL D 336 -25.91 0.32 -3.51
CA VAL D 336 -25.05 -0.21 -4.54
C VAL D 336 -25.90 -0.51 -5.81
N GLU D 337 -25.44 -0.03 -6.96
CA GLU D 337 -26.15 -0.21 -8.22
C GLU D 337 -25.70 -1.49 -8.86
N GLY D 338 -26.59 -2.45 -9.01
CA GLY D 338 -26.35 -3.67 -9.81
C GLY D 338 -26.71 -3.40 -11.28
N LYS D 339 -26.71 -4.45 -12.09
CA LYS D 339 -27.01 -4.39 -13.53
C LYS D 339 -28.38 -3.79 -13.87
N SER D 340 -29.39 -4.09 -13.07
CA SER D 340 -30.76 -3.69 -13.36
C SER D 340 -31.45 -3.08 -12.14
N CYS D 341 -30.85 -3.18 -10.96
CA CYS D 341 -31.52 -2.60 -9.80
C CYS D 341 -30.62 -1.98 -8.73
N ILE D 342 -31.17 -1.05 -7.99
CA ILE D 342 -30.41 -0.46 -6.93
C ILE D 342 -30.50 -1.37 -5.69
N ASN D 343 -29.38 -1.91 -5.23
CA ASN D 343 -29.44 -2.65 -3.95
C ASN D 343 -29.33 -1.82 -2.72
N ARG D 344 -29.83 -2.31 -1.58
CA ARG D 344 -29.67 -1.67 -0.31
C ARG D 344 -28.81 -2.54 0.63
N CYS D 345 -27.87 -1.94 1.34
CA CYS D 345 -26.97 -2.61 2.26
C CYS D 345 -26.89 -1.80 3.55
N PHE D 346 -26.25 -2.33 4.58
CA PHE D 346 -26.11 -1.53 5.80
C PHE D 346 -24.91 -2.06 6.54
N TYR D 347 -24.42 -1.29 7.51
CA TYR D 347 -23.20 -1.58 8.20
C TYR D 347 -23.63 -1.46 9.67
N VAL D 348 -22.94 -2.09 10.58
CA VAL D 348 -23.33 -1.95 11.98
C VAL D 348 -22.03 -1.70 12.65
N GLU D 349 -21.96 -0.66 13.49
CA GLU D 349 -20.80 -0.33 14.31
C GLU D 349 -20.77 -1.20 15.56
N LEU D 350 -19.64 -1.84 15.79
CA LEU D 350 -19.52 -2.68 16.94
C LEU D 350 -18.69 -1.98 18.02
N ILE D 351 -19.35 -1.21 18.87
CA ILE D 351 -18.58 -0.38 19.82
C ILE D 351 -18.06 -1.24 20.92
N ARG D 352 -16.79 -1.07 21.26
CA ARG D 352 -16.20 -1.73 22.41
C ARG D 352 -15.51 -0.68 23.30
N GLY D 353 -15.28 -1.03 24.57
CA GLY D 353 -14.61 -0.15 25.55
C GLY D 353 -15.49 0.79 26.37
N ARG D 354 -14.93 1.90 26.85
CA ARG D 354 -15.62 2.87 27.71
C ARG D 354 -16.86 3.49 27.06
N LYS D 355 -17.85 3.91 27.87
CA LYS D 355 -17.80 3.78 29.33
C LYS D 355 -18.44 2.49 29.80
N GLU D 356 -19.22 1.86 28.91
CA GLU D 356 -19.90 0.58 29.18
C GLU D 356 -19.00 -0.56 29.65
N GLU D 357 -17.72 -0.57 29.23
CA GLU D 357 -16.82 -1.69 29.51
C GLU D 357 -15.56 -1.08 30.06
N THR D 358 -15.20 -1.45 31.28
CA THR D 358 -14.14 -0.74 32.02
C THR D 358 -12.82 -1.47 32.10
N GLU D 359 -12.75 -2.69 31.62
CA GLU D 359 -11.47 -3.42 31.51
C GLU D 359 -10.41 -2.63 30.70
N VAL D 360 -10.86 -1.68 29.87
CA VAL D 360 -9.88 -0.90 29.12
C VAL D 360 -10.14 0.58 29.37
N LEU D 361 -9.14 1.43 29.06
CA LEU D 361 -9.26 2.90 29.16
C LEU D 361 -9.82 3.56 27.86
N TRP D 362 -9.89 2.81 26.77
CA TRP D 362 -10.19 3.40 25.43
C TRP D 362 -11.60 3.09 24.94
N THR D 363 -12.02 3.74 23.86
CA THR D 363 -13.32 3.45 23.23
C THR D 363 -13.08 3.35 21.75
N SER D 364 -13.42 2.21 21.12
CA SER D 364 -13.25 2.07 19.66
C SER D 364 -14.34 1.24 18.99
N ASN D 365 -14.19 0.84 17.72
CA ASN D 365 -15.25 0.01 17.14
C ASN D 365 -14.67 -0.86 16.07
N SER D 366 -15.43 -1.87 15.66
CA SER D 366 -15.17 -2.57 14.40
C SER D 366 -16.49 -2.53 13.61
N ILE D 367 -16.63 -3.27 12.54
CA ILE D 367 -17.87 -3.16 11.77
C ILE D 367 -18.22 -4.48 11.13
N VAL D 368 -19.51 -4.66 10.89
CA VAL D 368 -19.97 -5.79 10.10
C VAL D 368 -20.86 -5.15 9.01
N VAL D 369 -20.94 -5.74 7.84
CA VAL D 369 -21.65 -5.12 6.68
C VAL D 369 -22.47 -6.23 6.04
N PHE D 370 -23.76 -6.00 5.77
CA PHE D 370 -24.59 -6.96 5.08
C PHE D 370 -25.21 -6.27 3.90
N CYS D 371 -25.61 -7.04 2.91
CA CYS D 371 -26.24 -6.47 1.71
C CYS D 371 -27.49 -7.24 1.41
N GLY D 372 -28.48 -6.51 0.88
CA GLY D 372 -29.75 -7.08 0.49
C GLY D 372 -29.49 -8.20 -0.44
N THR D 373 -30.34 -9.23 -0.36
CA THR D 373 -30.32 -10.31 -1.31
C THR D 373 -31.73 -10.64 -1.81
N SER D 374 -31.83 -11.15 -3.05
CA SER D 374 -33.08 -11.77 -3.48
C SER D 374 -32.98 -13.28 -3.32
N GLY D 375 -31.79 -13.82 -3.09
CA GLY D 375 -31.67 -15.26 -2.80
C GLY D 375 -32.07 -15.67 -1.40
N THR D 376 -31.44 -16.71 -0.92
CA THR D 376 -31.80 -17.28 0.31
C THR D 376 -30.63 -17.14 1.23
N TYR D 377 -30.84 -17.39 2.51
CA TYR D 377 -29.80 -17.20 3.49
C TYR D 377 -30.26 -17.92 4.71
N GLY D 378 -29.33 -18.12 5.64
CA GLY D 378 -29.60 -18.83 6.87
C GLY D 378 -29.40 -17.93 8.05
N THR D 379 -28.58 -18.35 9.00
CA THR D 379 -28.50 -17.65 10.26
C THR D 379 -27.09 -17.72 10.86
N GLY D 380 -26.80 -16.74 11.72
CA GLY D 380 -25.59 -16.67 12.52
C GLY D 380 -25.50 -15.45 13.45
N SER D 381 -24.29 -15.09 13.81
CA SER D 381 -24.09 -13.92 14.62
C SER D 381 -22.68 -13.49 14.29
N TRP D 382 -22.45 -12.21 14.05
CA TRP D 382 -21.10 -11.74 13.71
C TRP D 382 -20.70 -10.54 14.51
N PRO D 383 -20.42 -10.75 15.82
CA PRO D 383 -20.01 -9.70 16.75
C PRO D 383 -18.54 -9.33 16.58
N ASP D 384 -18.14 -8.33 17.34
CA ASP D 384 -16.77 -7.83 17.37
C ASP D 384 -15.76 -8.96 17.61
N GLY D 385 -15.99 -9.69 18.69
CA GLY D 385 -15.14 -10.80 19.03
C GLY D 385 -13.81 -10.49 19.68
N ALA D 386 -13.59 -9.27 20.13
CA ALA D 386 -12.37 -9.06 20.93
C ALA D 386 -12.59 -9.45 22.39
N ASP D 387 -11.52 -9.87 23.09
CA ASP D 387 -11.58 -10.14 24.55
C ASP D 387 -10.88 -9.05 25.34
N LEU D 388 -11.63 -8.12 25.92
CA LEU D 388 -10.99 -7.00 26.63
C LEU D 388 -10.31 -7.39 27.94
N ASN D 389 -10.71 -8.53 28.49
CA ASN D 389 -10.07 -9.03 29.69
C ASN D 389 -8.57 -9.15 29.43
N LEU D 390 -8.21 -9.21 28.16
CA LEU D 390 -6.84 -9.49 27.75
C LEU D 390 -6.13 -8.47 26.88
N MET D 391 -6.82 -7.41 26.46
CA MET D 391 -6.25 -6.46 25.52
C MET D 391 -5.11 -5.63 26.15
N PRO D 392 -4.24 -4.99 25.30
CA PRO D 392 -3.20 -3.99 25.58
C PRO D 392 -3.36 -3.19 26.86
N ILE D 393 -2.38 -3.44 27.77
CA ILE D 393 -2.49 -3.28 29.22
C ILE D 393 -3.57 -4.29 29.66
#